data_8FAD
#
_entry.id   8FAD
#
loop_
_entity.id
_entity.type
_entity.pdbx_description
1 polymer 'Transmembrane protein gp41'
2 polymer 'Envelope glycoprotein gp120'
3 branched 2-acetamido-2-deoxy-beta-D-glucopyranose-(1-4)-2-acetamido-2-deoxy-beta-D-glucopyranose
4 branched beta-D-mannopyranose-(1-4)-2-acetamido-2-deoxy-beta-D-glucopyranose-(1-4)-2-acetamido-2-deoxy-beta-D-glucopyranose
5 branched alpha-D-mannopyranose-(1-2)-alpha-D-mannopyranose-(1-3)-[alpha-D-mannopyranose-(1-6)]beta-D-mannopyranose-(1-4)-2-acetamido-2-deoxy-beta-D-glucopyranose-(1-4)-2-acetamido-2-deoxy-beta-D-glucopyranose
6 branched alpha-D-mannopyranose-(1-6)-beta-D-mannopyranose-(1-4)-2-acetamido-2-deoxy-beta-D-glucopyranose-(1-4)-2-acetamido-2-deoxy-beta-D-glucopyranose
7 branched alpha-D-mannopyranose-(1-3)-[alpha-D-mannopyranose-(1-6)]beta-D-mannopyranose-(1-4)-2-acetamido-2-deoxy-beta-D-glucopyranose-(1-4)-2-acetamido-2-deoxy-beta-D-glucopyranose
8 branched alpha-D-mannopyranose-(1-2)-alpha-D-mannopyranose-(1-3)-beta-D-mannopyranose-(1-4)-2-acetamido-2-deoxy-beta-D-glucopyranose-(1-4)-2-acetamido-2-deoxy-beta-D-glucopyranose
9 branched alpha-D-mannopyranose-(1-6)-alpha-D-mannopyranose-(1-6)-[alpha-D-mannopyranose-(1-3)]beta-D-mannopyranose-(1-4)-2-acetamido-2-deoxy-beta-D-glucopyranose-(1-4)-2-acetamido-2-deoxy-beta-D-glucopyranose
10 non-polymer 2-acetamido-2-deoxy-beta-D-glucopyranose
11 non-polymer 1-[(2R)-4-(benzenecarbonyl)-2-methylpiperazin-1-yl]-2-(4-methoxy-1H-pyrrolo[2,3-b]pyridin-3-yl)ethane-1,2-dione
#
loop_
_entity_poly.entity_id
_entity_poly.type
_entity_poly.pdbx_seq_one_letter_code
_entity_poly.pdbx_strand_id
1 'polypeptide(L)'
;LGFLGAAGSTMGAASITLTVQARLLLSGIVQQQNNLLRAIEAQQHLLQLTVWGIKQLQARVLAVERYLRDQQLLGIWGCS
GKLICTTAVPWNASWSNKTLDMIWNNMTWMEWEREIDNYTGLIYTLIEESQNQQEKNE
;
B,D,F
2 'polypeptide(L)'
;KLWVTVYYGVPVWKEATTTLFCASDAKAYDTEVHNVWATHACVPTDPNPQEVVLENVTENFNMWKNNMVEQMHEDIISLW
DQSLKPCVKLTPLCVTLNCTDLRNVTNINNSSEGMRGEIKNCSFNITTSIRDKVKKDYALFYRLDVVPIDNDNTSYRLIN
CNTSTITQACPKVSFEPIPIHYCTPAGFAILKCKDKKFNGTGPCKNVSTVQCTHGIRPVVSTQLLLNGSLAEEEVVIRSS
NFTDNAKNIIVQLKESVEINCTRPNNNTRKSIHIGPGRAFYTTGDIIGDIRQAHCNISRTKWNNTLNQIATKLKEQFGNN
KTIVFNQSSGGDPEIVMHSFNCGGEFFYCNSTQLFNSTWNFNGTWNLTQSNGTEGNDTITLPCRIKQIINMWQEVGKAMY
APPIRGQIRCSSNITGLILTRDGGNNHNNDTETFRPGGGDMRDNWRSELYKYKVVKIEPLGVAPTKAKR
;
C,E,A
#
# COMPACT_ATOMS: atom_id res chain seq x y z
N LEU A 1 -2.30 1.52 -32.12
CA LEU A 1 -2.97 1.66 -33.40
C LEU A 1 -3.63 3.03 -33.54
N GLY A 2 -3.57 3.60 -34.73
CA GLY A 2 -4.16 4.89 -35.02
C GLY A 2 -3.51 6.04 -34.29
N PHE A 3 -2.18 6.03 -34.22
CA PHE A 3 -1.44 7.08 -33.45
C PHE A 3 -1.24 8.34 -34.31
N LEU A 4 -0.42 9.28 -33.82
CA LEU A 4 -0.27 10.59 -34.53
C LEU A 4 0.84 10.50 -35.58
N GLY A 5 0.48 10.52 -36.86
CA GLY A 5 1.50 10.53 -37.94
C GLY A 5 1.40 11.80 -38.76
N ALA A 6 0.54 12.74 -38.35
CA ALA A 6 0.30 13.97 -39.14
C ALA A 6 1.15 15.13 -38.61
N ALA A 7 2.04 14.88 -37.65
CA ALA A 7 2.81 15.99 -37.03
C ALA A 7 3.68 16.68 -38.09
N GLY A 8 4.34 15.90 -38.95
CA GLY A 8 5.19 16.47 -40.02
C GLY A 8 4.39 17.28 -41.02
N SER A 9 3.20 16.79 -41.40
CA SER A 9 2.39 17.48 -42.45
C SER A 9 1.83 18.81 -41.93
N THR A 10 1.86 19.85 -42.77
CA THR A 10 1.47 21.22 -42.33
C THR A 10 0.17 21.15 -41.55
N MET A 11 0.03 21.91 -40.45
CA MET A 11 -1.23 21.93 -39.64
C MET A 11 -2.47 21.82 -40.54
N GLY A 12 -2.60 22.73 -41.51
CA GLY A 12 -3.80 22.77 -42.38
C GLY A 12 -4.07 21.46 -43.09
N ALA A 13 -3.07 20.90 -43.77
CA ALA A 13 -3.31 19.68 -44.57
C ALA A 13 -3.79 18.55 -43.64
N ALA A 14 -3.15 18.42 -42.48
CA ALA A 14 -3.59 17.41 -41.49
C ALA A 14 -5.00 17.73 -41.00
N SER A 15 -5.29 19.00 -40.72
CA SER A 15 -6.60 19.39 -40.16
C SER A 15 -7.73 19.08 -41.12
N ILE A 16 -7.54 19.32 -42.42
CA ILE A 16 -8.64 19.14 -43.40
C ILE A 16 -9.09 17.67 -43.46
N THR A 17 -8.16 16.72 -43.50
CA THR A 17 -8.59 15.30 -43.69
C THR A 17 -8.05 14.38 -42.59
N LEU A 18 -6.75 14.41 -42.30
CA LEU A 18 -6.16 13.42 -41.37
C LEU A 18 -6.76 13.52 -39.96
N THR A 19 -6.97 14.72 -39.43
CA THR A 19 -7.45 14.83 -38.03
C THR A 19 -8.84 14.19 -37.90
N VAL A 20 -9.71 14.40 -38.89
CA VAL A 20 -11.10 13.87 -38.82
C VAL A 20 -11.03 12.34 -38.86
N GLN A 21 -10.30 11.76 -39.82
CA GLN A 21 -10.25 10.28 -39.96
C GLN A 21 -9.55 9.67 -38.74
N ALA A 22 -8.47 10.27 -38.26
CA ALA A 22 -7.70 9.69 -37.15
C ALA A 22 -8.47 9.82 -35.83
N ARG A 23 -9.25 10.89 -35.68
CA ARG A 23 -9.96 11.16 -34.39
C ARG A 23 -10.52 9.86 -33.80
N LEU A 24 -11.42 9.17 -34.52
CA LEU A 24 -12.05 7.94 -33.98
C LEU A 24 -11.00 6.84 -33.76
N LEU A 25 -10.06 6.71 -34.71
CA LEU A 25 -8.99 5.68 -34.56
C LEU A 25 -8.16 6.03 -33.31
N LEU A 26 -8.18 7.29 -32.88
CA LEU A 26 -7.45 7.71 -31.67
C LEU A 26 -8.34 7.58 -30.43
N SER A 27 -9.65 7.75 -30.60
CA SER A 27 -10.55 7.74 -29.41
C SER A 27 -11.02 6.33 -29.09
N GLY A 28 -11.34 5.52 -30.11
CA GLY A 28 -11.92 4.19 -29.84
C GLY A 28 -10.91 3.08 -29.72
N ILE A 29 -9.97 3.00 -30.66
CA ILE A 29 -9.03 1.84 -30.63
C ILE A 29 -8.23 1.85 -29.33
N VAL A 30 -7.73 3.01 -28.91
CA VAL A 30 -6.86 3.07 -27.70
C VAL A 30 -7.68 2.61 -26.50
N GLN A 31 -8.93 3.08 -26.42
CA GLN A 31 -9.79 2.75 -25.24
C GLN A 31 -10.14 1.27 -25.26
N GLN A 32 -10.43 0.70 -26.44
CA GLN A 32 -10.81 -0.73 -26.56
C GLN A 32 -9.65 -1.62 -26.11
N GLN A 33 -8.42 -1.27 -26.51
CA GLN A 33 -7.24 -2.07 -26.10
C GLN A 33 -7.12 -2.01 -24.58
N ASN A 34 -7.31 -0.81 -24.01
CA ASN A 34 -7.19 -0.65 -22.55
C ASN A 34 -8.26 -1.51 -21.88
N ASN A 35 -9.48 -1.52 -22.42
CA ASN A 35 -10.61 -2.27 -21.83
C ASN A 35 -10.28 -3.77 -21.87
N LEU A 36 -9.75 -4.24 -23.00
CA LEU A 36 -9.43 -5.69 -23.12
C LEU A 36 -8.38 -6.03 -22.08
N LEU A 37 -7.37 -5.16 -21.93
CA LEU A 37 -6.28 -5.49 -20.97
C LEU A 37 -6.90 -5.56 -19.58
N ARG A 38 -7.77 -4.60 -19.24
CA ARG A 38 -8.34 -4.57 -17.87
C ARG A 38 -9.19 -5.82 -17.65
N ALA A 39 -9.97 -6.22 -18.65
CA ALA A 39 -10.85 -7.39 -18.49
C ALA A 39 -9.97 -8.62 -18.26
N ILE A 40 -8.90 -8.79 -19.05
CA ILE A 40 -8.11 -10.03 -18.84
C ILE A 40 -7.49 -9.96 -17.44
N GLU A 41 -6.99 -8.79 -17.05
CA GLU A 41 -6.31 -8.62 -15.73
C GLU A 41 -7.28 -8.95 -14.61
N ALA A 42 -8.51 -8.42 -14.68
CA ALA A 42 -9.50 -8.64 -13.60
C ALA A 42 -9.82 -10.13 -13.47
N GLN A 43 -9.97 -10.82 -14.61
CA GLN A 43 -10.27 -12.28 -14.58
C GLN A 43 -9.06 -13.04 -14.02
N GLN A 44 -7.85 -12.66 -14.44
CA GLN A 44 -6.61 -13.29 -13.93
C GLN A 44 -6.48 -13.01 -12.42
N HIS A 45 -6.91 -11.83 -11.97
CA HIS A 45 -6.76 -11.43 -10.55
C HIS A 45 -5.28 -11.35 -10.18
N LEU A 46 -4.89 -11.94 -9.04
CA LEU A 46 -3.48 -11.86 -8.56
C LEU A 46 -3.06 -10.39 -8.48
N LEU A 47 -3.95 -9.51 -8.00
CA LEU A 47 -3.65 -8.06 -7.92
C LEU A 47 -3.30 -7.70 -6.47
N GLN A 48 -2.06 -7.97 -6.05
CA GLN A 48 -1.65 -7.70 -4.65
C GLN A 48 -0.80 -6.44 -4.64
N LEU A 49 -0.61 -5.82 -3.46
CA LEU A 49 0.27 -4.63 -3.36
C LEU A 49 1.73 -5.07 -3.53
N THR A 50 2.06 -5.73 -4.66
CA THR A 50 3.44 -6.14 -4.95
C THR A 50 4.18 -4.97 -5.59
N VAL A 51 5.44 -5.16 -5.99
CA VAL A 51 6.18 -4.07 -6.68
C VAL A 51 5.44 -3.71 -7.97
N TRP A 52 4.90 -4.70 -8.68
CA TRP A 52 4.24 -4.41 -9.99
C TRP A 52 2.76 -4.00 -9.82
N GLY A 53 1.98 -4.68 -8.98
CA GLY A 53 0.56 -4.28 -8.90
C GLY A 53 0.39 -2.80 -8.63
N ILE A 54 1.19 -2.23 -7.73
CA ILE A 54 1.05 -0.79 -7.38
C ILE A 54 1.33 0.04 -8.63
N LYS A 55 2.34 -0.35 -9.41
CA LYS A 55 2.74 0.44 -10.60
C LYS A 55 1.57 0.55 -11.60
N GLN A 56 0.99 -0.58 -12.00
CA GLN A 56 -0.06 -0.54 -13.02
C GLN A 56 -1.34 0.10 -12.48
N LEU A 57 -1.60 -0.07 -11.18
CA LEU A 57 -2.72 0.61 -10.56
C LEU A 57 -2.60 2.11 -10.72
N GLN A 58 -1.44 2.66 -10.32
CA GLN A 58 -1.21 4.08 -10.53
C GLN A 58 -1.31 4.43 -12.00
N ALA A 59 -0.83 3.54 -12.87
CA ALA A 59 -0.87 3.83 -14.30
C ALA A 59 -2.30 4.07 -14.77
N ARG A 60 -3.20 3.14 -14.45
CA ARG A 60 -4.58 3.31 -14.91
C ARG A 60 -5.26 4.47 -14.20
N VAL A 61 -4.89 4.74 -12.95
CA VAL A 61 -5.45 5.91 -12.27
C VAL A 61 -5.05 7.18 -13.00
N LEU A 62 -3.77 7.30 -13.37
CA LEU A 62 -3.34 8.44 -14.16
C LEU A 62 -4.10 8.53 -15.47
N ALA A 63 -4.29 7.39 -16.13
CA ALA A 63 -4.99 7.39 -17.41
C ALA A 63 -6.39 7.97 -17.27
N VAL A 64 -7.14 7.46 -16.29
CA VAL A 64 -8.50 7.94 -16.10
C VAL A 64 -8.52 9.40 -15.72
N GLU A 65 -7.57 9.83 -14.88
CA GLU A 65 -7.50 11.24 -14.52
C GLU A 65 -7.34 12.12 -15.75
N ARG A 66 -6.38 11.78 -16.61
CA ARG A 66 -6.09 12.62 -17.76
C ARG A 66 -7.28 12.68 -18.71
N TYR A 67 -7.88 11.51 -19.00
CA TYR A 67 -9.07 11.47 -19.89
C TYR A 67 -10.19 12.32 -19.28
N LEU A 68 -10.53 12.07 -18.01
CA LEU A 68 -11.66 12.80 -17.37
C LEU A 68 -11.38 14.31 -17.42
N ARG A 69 -10.12 14.70 -17.22
CA ARG A 69 -9.80 16.15 -17.17
C ARG A 69 -10.14 16.78 -18.52
N ASP A 70 -9.77 16.11 -19.61
CA ASP A 70 -10.03 16.65 -20.97
C ASP A 70 -11.54 16.79 -21.18
N GLN A 71 -12.31 15.78 -20.74
CA GLN A 71 -13.78 15.82 -20.91
C GLN A 71 -14.37 16.99 -20.12
N GLN A 72 -13.87 17.22 -18.90
CA GLN A 72 -14.35 18.35 -18.07
C GLN A 72 -14.02 19.67 -18.79
N LEU A 73 -12.81 19.77 -19.34
CA LEU A 73 -12.39 21.00 -20.05
C LEU A 73 -13.34 21.22 -21.23
N LEU A 74 -13.52 20.19 -22.08
CA LEU A 74 -14.37 20.37 -23.27
C LEU A 74 -15.80 20.68 -22.82
N GLY A 75 -16.30 19.95 -21.81
CA GLY A 75 -17.70 20.15 -21.37
C GLY A 75 -17.94 21.53 -20.82
N ILE A 76 -16.99 22.08 -20.05
CA ILE A 76 -17.22 23.40 -19.39
C ILE A 76 -17.36 24.51 -20.45
N TRP A 77 -16.69 24.39 -21.60
CA TRP A 77 -16.79 25.53 -22.57
C TRP A 77 -17.74 25.18 -23.71
N GLY A 78 -18.52 24.10 -23.59
CA GLY A 78 -19.55 23.81 -24.60
C GLY A 78 -19.14 22.75 -25.61
N CYS A 79 -17.93 22.22 -25.51
CA CYS A 79 -17.58 21.14 -26.43
C CYS A 79 -18.08 19.80 -25.93
N SER A 80 -19.21 19.81 -25.23
CA SER A 80 -19.85 18.54 -24.86
C SER A 80 -20.15 17.69 -26.07
N GLY A 81 -20.06 18.27 -27.27
CA GLY A 81 -20.16 17.51 -28.51
C GLY A 81 -18.85 16.85 -28.84
N LYS A 82 -18.37 17.03 -30.06
CA LYS A 82 -17.22 16.27 -30.51
C LYS A 82 -16.09 17.15 -31.04
N LEU A 83 -15.12 16.50 -31.71
CA LEU A 83 -13.84 17.12 -32.16
C LEU A 83 -14.06 18.58 -32.56
N ILE A 84 -14.88 18.84 -33.58
CA ILE A 84 -14.98 20.20 -34.17
C ILE A 84 -15.86 21.08 -33.27
N CYS A 85 -15.32 22.23 -32.85
CA CYS A 85 -16.13 23.19 -32.07
C CYS A 85 -15.70 24.61 -32.41
N THR A 86 -16.63 25.47 -32.82
CA THR A 86 -16.32 26.87 -32.99
C THR A 86 -16.37 27.59 -31.65
N THR A 87 -16.23 28.91 -31.68
CA THR A 87 -16.45 29.71 -30.48
C THR A 87 -16.87 31.11 -30.90
N ALA A 88 -17.31 31.88 -29.91
CA ALA A 88 -17.71 33.25 -30.13
C ALA A 88 -16.56 34.24 -29.97
N VAL A 89 -15.46 33.82 -29.35
CA VAL A 89 -14.35 34.72 -29.06
C VAL A 89 -13.68 35.11 -30.37
N PRO A 90 -13.62 36.40 -30.69
CA PRO A 90 -12.82 36.82 -31.84
C PRO A 90 -11.34 36.63 -31.57
N TRP A 91 -10.60 36.08 -32.53
CA TRP A 91 -9.13 35.95 -32.36
C TRP A 91 -8.49 37.33 -32.49
N ASN A 92 -7.97 37.86 -31.39
CA ASN A 92 -7.27 39.17 -31.39
C ASN A 92 -6.06 39.02 -32.32
N ALA A 93 -5.88 39.94 -33.26
CA ALA A 93 -4.76 39.84 -34.22
C ALA A 93 -3.49 40.35 -33.52
N SER A 94 -3.66 40.91 -32.33
CA SER A 94 -2.51 41.44 -31.55
C SER A 94 -1.74 40.26 -30.95
N TRP A 95 -2.43 39.14 -30.70
CA TRP A 95 -1.79 37.95 -30.18
C TRP A 95 -0.83 37.37 -31.22
N SER A 96 -1.26 37.35 -32.48
CA SER A 96 -0.48 36.77 -33.58
C SER A 96 -0.96 37.39 -34.88
N ASN A 97 -0.10 38.26 -35.46
CA ASN A 97 -0.46 39.00 -36.72
C ASN A 97 -0.06 38.21 -37.96
N LYS A 98 -0.61 37.00 -38.14
CA LYS A 98 -0.19 36.15 -39.29
C LYS A 98 -1.39 35.82 -40.19
N THR A 99 -1.18 35.75 -41.50
CA THR A 99 -2.27 35.44 -42.45
C THR A 99 -2.67 33.96 -42.32
N LEU A 100 -3.93 33.64 -42.64
CA LEU A 100 -4.43 32.25 -42.50
C LEU A 100 -3.63 31.31 -43.41
N ASP A 101 -3.29 31.75 -44.62
CA ASP A 101 -2.60 30.84 -45.57
C ASP A 101 -1.25 30.41 -44.99
N MET A 102 -0.49 31.35 -44.41
CA MET A 102 0.79 30.97 -43.76
C MET A 102 0.51 30.05 -42.56
N ILE A 103 -0.52 30.37 -41.78
CA ILE A 103 -0.81 29.58 -40.54
C ILE A 103 -1.20 28.16 -40.94
N TRP A 104 -1.95 27.99 -42.02
CA TRP A 104 -2.47 26.62 -42.35
C TRP A 104 -1.56 25.82 -43.29
N ASN A 105 -1.11 26.42 -44.40
CA ASN A 105 -0.33 25.65 -45.41
C ASN A 105 1.16 25.98 -45.35
N ASN A 106 1.69 26.29 -44.16
CA ASN A 106 3.16 26.50 -44.03
C ASN A 106 3.61 26.00 -42.66
N MET A 107 2.71 26.05 -41.67
CA MET A 107 3.10 25.80 -40.26
C MET A 107 2.34 24.59 -39.71
N THR A 108 2.97 23.83 -38.80
CA THR A 108 2.39 22.58 -38.23
C THR A 108 1.85 22.85 -36.83
N TRP A 109 1.58 21.79 -36.05
CA TRP A 109 0.89 21.94 -34.74
C TRP A 109 1.91 22.19 -33.62
N MET A 110 2.87 21.29 -33.44
CA MET A 110 3.88 21.41 -32.35
C MET A 110 4.48 22.82 -32.36
N GLU A 111 4.99 23.28 -33.51
CA GLU A 111 5.66 24.61 -33.58
C GLU A 111 4.66 25.70 -33.22
N TRP A 112 3.44 25.62 -33.75
CA TRP A 112 2.43 26.68 -33.52
C TRP A 112 1.95 26.64 -32.08
N GLU A 113 1.63 25.46 -31.55
CA GLU A 113 1.06 25.36 -30.19
C GLU A 113 2.07 25.94 -29.19
N ARG A 114 3.37 25.81 -29.46
CA ARG A 114 4.42 26.41 -28.58
C ARG A 114 4.37 27.94 -28.64
N GLU A 115 4.06 28.50 -29.81
CA GLU A 115 4.04 29.97 -30.02
C GLU A 115 2.96 30.67 -29.17
N ILE A 116 1.87 29.98 -28.84
CA ILE A 116 0.76 30.66 -28.11
C ILE A 116 0.92 30.41 -26.60
N ASP A 117 2.00 29.74 -26.19
CA ASP A 117 2.20 29.36 -24.75
C ASP A 117 2.24 30.56 -23.80
N ASN A 118 1.80 31.76 -24.22
CA ASN A 118 1.61 32.95 -23.35
C ASN A 118 0.16 33.43 -23.50
N TYR A 119 -0.40 33.40 -24.71
CA TYR A 119 -1.79 33.90 -24.93
C TYR A 119 -2.83 32.85 -24.53
N THR A 120 -2.42 31.59 -24.36
CA THR A 120 -3.40 30.47 -24.25
C THR A 120 -4.32 30.67 -23.03
N GLY A 121 -3.77 31.00 -21.86
CA GLY A 121 -4.61 31.19 -20.66
C GLY A 121 -5.66 32.26 -20.89
N LEU A 122 -5.24 33.39 -21.47
CA LEU A 122 -6.19 34.49 -21.78
C LEU A 122 -7.30 33.96 -22.69
N ILE A 123 -6.94 33.24 -23.76
CA ILE A 123 -7.95 32.68 -24.71
C ILE A 123 -9.00 31.87 -23.94
N TYR A 124 -8.58 30.86 -23.18
CA TYR A 124 -9.54 29.96 -22.50
C TYR A 124 -10.51 30.74 -21.59
N THR A 125 -9.98 31.65 -20.77
CA THR A 125 -10.84 32.39 -19.80
C THR A 125 -11.93 33.15 -20.58
N LEU A 126 -11.56 33.74 -21.71
CA LEU A 126 -12.55 34.47 -22.56
C LEU A 126 -13.60 33.48 -23.06
N ILE A 127 -13.19 32.27 -23.48
CA ILE A 127 -14.17 31.24 -23.92
C ILE A 127 -15.21 31.00 -22.82
N GLU A 128 -14.80 30.91 -21.56
CA GLU A 128 -15.71 30.68 -20.41
C GLU A 128 -16.72 31.83 -20.32
N GLU A 129 -16.24 33.07 -20.41
CA GLU A 129 -17.15 34.25 -20.26
C GLU A 129 -18.20 34.23 -21.37
N SER A 130 -17.80 33.91 -22.60
CA SER A 130 -18.75 33.88 -23.74
C SER A 130 -19.81 32.80 -23.47
N GLN A 131 -19.41 31.66 -22.91
CA GLN A 131 -20.36 30.56 -22.61
C GLN A 131 -21.41 31.06 -21.61
N ASN A 132 -20.99 31.84 -20.62
CA ASN A 132 -21.92 32.39 -19.60
C ASN A 132 -22.94 33.30 -20.29
N GLN A 133 -22.49 34.11 -21.25
CA GLN A 133 -23.40 35.05 -21.97
C GLN A 133 -24.46 34.24 -22.72
N GLN A 134 -24.07 33.13 -23.35
CA GLN A 134 -25.03 32.25 -24.06
C GLN A 134 -26.04 31.69 -23.05
N GLU A 135 -25.57 31.32 -21.86
CA GLU A 135 -26.47 30.79 -20.79
C GLU A 135 -27.50 31.85 -20.42
N LYS A 136 -27.09 33.12 -20.34
CA LYS A 136 -28.02 34.22 -19.96
C LYS A 136 -29.09 34.34 -21.05
N ASN A 137 -28.69 34.24 -22.32
CA ASN A 137 -29.65 34.50 -23.44
C ASN A 137 -30.70 33.40 -23.46
N GLU A 138 -30.29 32.15 -23.22
CA GLU A 138 -31.24 31.01 -23.25
C GLU A 138 -31.65 30.64 -21.82
N LYS B 1 -35.88 -3.50 -44.80
CA LYS B 1 -34.50 -3.47 -44.33
C LYS B 1 -34.40 -2.86 -42.95
N LEU B 2 -33.26 -3.09 -42.29
CA LEU B 2 -33.09 -2.72 -40.91
C LEU B 2 -31.77 -2.00 -40.70
N TRP B 3 -31.72 -1.21 -39.62
CA TRP B 3 -30.53 -0.51 -39.17
C TRP B 3 -30.41 -0.88 -37.69
N VAL B 4 -29.21 -1.19 -37.24
CA VAL B 4 -29.09 -1.62 -35.85
C VAL B 4 -29.49 -0.46 -34.95
N THR B 5 -30.03 -0.77 -33.79
CA THR B 5 -30.42 0.20 -32.79
C THR B 5 -29.87 -0.29 -31.46
N VAL B 6 -29.31 0.61 -30.66
CA VAL B 6 -28.67 0.12 -29.39
C VAL B 6 -29.56 0.45 -28.20
N TYR B 7 -29.42 -0.33 -27.13
CA TYR B 7 -30.20 -0.08 -25.89
C TYR B 7 -29.24 -0.25 -24.71
N TYR B 8 -28.93 0.84 -24.02
CA TYR B 8 -28.08 0.72 -22.81
C TYR B 8 -28.95 0.24 -21.66
N GLY B 9 -28.51 -0.80 -20.95
CA GLY B 9 -29.27 -1.30 -19.82
C GLY B 9 -30.26 -2.38 -20.18
N VAL B 10 -29.85 -3.31 -21.04
CA VAL B 10 -30.67 -4.47 -21.33
C VAL B 10 -30.37 -5.53 -20.28
N PRO B 11 -31.29 -6.41 -19.96
CA PRO B 11 -31.02 -7.43 -18.95
C PRO B 11 -30.05 -8.50 -19.42
N VAL B 12 -28.76 -8.18 -19.47
CA VAL B 12 -27.75 -9.16 -19.87
C VAL B 12 -26.60 -9.17 -18.87
N TRP B 13 -26.18 -10.37 -18.48
CA TRP B 13 -25.05 -10.62 -17.62
C TRP B 13 -24.19 -11.72 -18.23
N LYS B 14 -23.10 -12.05 -17.55
CA LYS B 14 -22.20 -13.13 -18.03
C LYS B 14 -21.39 -13.71 -16.87
N GLU B 15 -21.27 -15.03 -16.78
CA GLU B 15 -20.58 -15.66 -15.62
C GLU B 15 -19.17 -15.05 -15.52
N ALA B 16 -18.82 -14.49 -14.35
CA ALA B 16 -17.51 -13.80 -14.26
C ALA B 16 -16.90 -13.90 -12.86
N THR B 17 -15.82 -13.14 -12.62
CA THR B 17 -15.10 -13.15 -11.35
C THR B 17 -14.83 -11.71 -10.96
N THR B 18 -14.82 -11.44 -9.66
CA THR B 18 -14.50 -10.11 -9.18
C THR B 18 -14.22 -10.15 -7.69
N THR B 19 -13.98 -8.97 -7.11
CA THR B 19 -13.62 -8.86 -5.71
C THR B 19 -14.84 -8.42 -4.92
N LEU B 20 -14.90 -8.84 -3.65
CA LEU B 20 -16.06 -8.55 -2.81
C LEU B 20 -15.62 -7.95 -1.48
N PHE B 21 -16.54 -7.28 -0.80
CA PHE B 21 -16.28 -6.68 0.49
C PHE B 21 -17.39 -7.05 1.47
N CYS B 22 -17.13 -6.77 2.74
CA CYS B 22 -17.97 -7.26 3.83
C CYS B 22 -18.88 -6.17 4.38
N ALA B 23 -19.78 -6.59 5.27
CA ALA B 23 -20.76 -5.70 5.88
C ALA B 23 -21.13 -6.25 7.24
N SER B 24 -20.94 -5.45 8.29
CA SER B 24 -21.25 -5.89 9.68
C SER B 24 -22.22 -4.89 10.30
N ASP B 25 -23.25 -4.49 9.55
CA ASP B 25 -24.27 -3.48 10.00
C ASP B 25 -23.74 -2.56 11.09
N ALA B 26 -24.09 -2.80 12.37
CA ALA B 26 -23.68 -1.82 13.41
C ALA B 26 -23.68 -2.45 14.81
N LYS B 27 -24.27 -3.63 15.00
CA LYS B 27 -24.38 -4.18 16.38
C LYS B 27 -22.98 -4.43 16.94
N ALA B 28 -22.09 -5.03 16.13
CA ALA B 28 -20.69 -5.25 16.57
C ALA B 28 -20.00 -3.90 16.75
N TYR B 29 -20.24 -2.94 15.86
CA TYR B 29 -19.53 -1.64 15.94
C TYR B 29 -20.00 -0.87 17.18
N ASP B 30 -21.22 -1.13 17.65
CA ASP B 30 -21.76 -0.35 18.80
C ASP B 30 -20.89 -0.56 20.05
N THR B 31 -20.45 -1.79 20.30
CA THR B 31 -19.69 -2.07 21.56
C THR B 31 -18.39 -1.27 21.56
N GLU B 32 -17.66 -1.26 20.44
CA GLU B 32 -16.39 -0.49 20.33
C GLU B 32 -15.38 -0.92 21.40
N VAL B 33 -15.44 -2.19 21.83
CA VAL B 33 -14.48 -2.71 22.84
C VAL B 33 -14.02 -4.10 22.38
N HIS B 34 -12.76 -4.46 22.64
CA HIS B 34 -12.27 -5.82 22.27
C HIS B 34 -12.63 -6.03 20.80
N ASN B 35 -12.29 -5.07 19.93
CA ASN B 35 -12.75 -5.15 18.53
C ASN B 35 -12.30 -6.45 17.88
N VAL B 36 -13.22 -7.14 17.20
CA VAL B 36 -12.88 -8.38 16.46
C VAL B 36 -12.24 -7.92 15.14
N TRP B 37 -11.52 -8.81 14.45
CA TRP B 37 -10.80 -8.42 13.22
C TRP B 37 -11.79 -7.89 12.17
N ALA B 38 -12.92 -8.57 12.00
CA ALA B 38 -13.95 -8.17 11.00
C ALA B 38 -14.65 -6.86 11.38
N THR B 39 -14.90 -6.63 12.67
CA THR B 39 -15.74 -5.46 13.08
C THR B 39 -15.14 -4.13 12.61
N HIS B 40 -13.84 -3.90 12.83
CA HIS B 40 -13.28 -2.57 12.48
C HIS B 40 -12.76 -2.56 11.04
N ALA B 41 -13.67 -2.63 10.05
CA ALA B 41 -13.30 -2.66 8.62
C ALA B 41 -14.57 -2.72 7.77
N CYS B 42 -15.47 -3.66 8.08
CA CYS B 42 -16.71 -3.86 7.27
C CYS B 42 -17.55 -2.58 7.17
N VAL B 43 -18.14 -2.34 5.99
CA VAL B 43 -18.97 -1.12 5.75
C VAL B 43 -20.41 -1.36 6.27
N PRO B 44 -21.10 -0.44 7.00
CA PRO B 44 -22.44 -0.74 7.50
C PRO B 44 -23.37 -1.36 6.45
N THR B 45 -24.04 -2.46 6.79
CA THR B 45 -24.98 -3.15 5.84
C THR B 45 -26.18 -2.24 5.52
N ASP B 46 -26.63 -2.25 4.27
CA ASP B 46 -27.84 -1.46 3.88
C ASP B 46 -29.06 -2.00 4.65
N PRO B 47 -29.82 -1.15 5.36
CA PRO B 47 -30.96 -1.61 6.17
C PRO B 47 -32.01 -2.43 5.42
N ASN B 48 -32.22 -2.18 4.13
CA ASN B 48 -33.27 -2.88 3.38
C ASN B 48 -32.65 -3.76 2.30
N PRO B 49 -32.61 -5.06 2.51
CA PRO B 49 -32.13 -5.97 1.45
C PRO B 49 -33.04 -5.90 0.23
N GLN B 50 -32.43 -6.02 -0.94
CA GLN B 50 -33.17 -6.04 -2.20
C GLN B 50 -32.96 -7.38 -2.88
N GLU B 51 -34.05 -8.14 -3.02
CA GLU B 51 -34.01 -9.48 -3.59
C GLU B 51 -35.04 -9.57 -4.72
N VAL B 52 -34.62 -9.19 -5.92
CA VAL B 52 -35.55 -9.17 -7.04
C VAL B 52 -35.74 -10.58 -7.55
N VAL B 53 -37.00 -11.03 -7.59
CA VAL B 53 -37.31 -12.42 -8.02
C VAL B 53 -37.33 -12.48 -9.55
N LEU B 54 -36.60 -13.44 -10.12
CA LEU B 54 -36.53 -13.58 -11.61
C LEU B 54 -37.45 -14.73 -12.05
N GLU B 55 -38.16 -14.55 -13.16
CA GLU B 55 -39.10 -15.58 -13.69
C GLU B 55 -38.58 -16.08 -15.04
N ASN B 56 -39.02 -17.27 -15.45
CA ASN B 56 -38.70 -17.82 -16.80
C ASN B 56 -37.18 -17.88 -16.98
N VAL B 57 -36.47 -18.33 -15.96
CA VAL B 57 -34.97 -18.43 -16.00
C VAL B 57 -34.54 -19.82 -15.55
N THR B 58 -33.60 -20.46 -16.26
CA THR B 58 -33.10 -21.81 -15.93
C THR B 58 -31.56 -21.80 -15.91
N GLU B 59 -30.96 -20.80 -15.25
CA GLU B 59 -29.52 -20.70 -15.16
C GLU B 59 -28.92 -21.90 -14.46
N ASN B 60 -27.81 -22.38 -15.00
CA ASN B 60 -27.11 -23.53 -14.47
C ASN B 60 -26.16 -23.09 -13.36
N PHE B 61 -26.05 -23.92 -12.33
CA PHE B 61 -25.14 -23.70 -11.22
C PHE B 61 -24.24 -24.91 -11.03
N ASN B 62 -23.05 -24.68 -10.48
CA ASN B 62 -22.13 -25.74 -10.10
C ASN B 62 -21.25 -25.18 -8.99
N MET B 63 -21.43 -25.70 -7.78
CA MET B 63 -20.74 -25.13 -6.63
C MET B 63 -19.30 -25.59 -6.54
N TRP B 64 -18.93 -26.68 -7.20
CA TRP B 64 -17.58 -27.20 -7.05
C TRP B 64 -16.54 -26.39 -7.81
N LYS B 65 -17.01 -25.56 -8.75
CA LYS B 65 -16.14 -24.56 -9.43
C LYS B 65 -16.69 -23.15 -9.18
N ASN B 66 -16.99 -22.83 -7.92
CA ASN B 66 -17.47 -21.46 -7.57
C ASN B 66 -16.27 -20.62 -7.12
N ASN B 67 -16.04 -19.49 -7.80
CA ASN B 67 -14.81 -18.68 -7.60
C ASN B 67 -14.83 -18.06 -6.19
N MET B 68 -16.02 -17.69 -5.70
CA MET B 68 -16.14 -16.92 -4.43
C MET B 68 -15.67 -17.78 -3.26
N VAL B 69 -15.75 -19.10 -3.38
CA VAL B 69 -15.27 -20.03 -2.31
C VAL B 69 -13.78 -19.76 -2.07
N GLU B 70 -12.94 -19.99 -3.09
CA GLU B 70 -11.50 -19.83 -2.95
C GLU B 70 -11.13 -18.42 -2.51
N GLN B 71 -11.82 -17.42 -3.08
CA GLN B 71 -11.49 -16.05 -2.75
C GLN B 71 -11.67 -15.80 -1.26
N MET B 72 -12.84 -16.15 -0.73
CA MET B 72 -13.11 -15.95 0.69
C MET B 72 -12.25 -16.87 1.55
N HIS B 73 -11.85 -17.99 0.97
CA HIS B 73 -10.92 -18.92 1.68
C HIS B 73 -9.61 -18.18 1.97
N GLU B 74 -8.97 -17.60 0.94
CA GLU B 74 -7.72 -16.90 1.16
C GLU B 74 -7.95 -15.61 1.94
N ASP B 75 -9.17 -15.08 1.86
CA ASP B 75 -9.53 -13.87 2.64
C ASP B 75 -9.39 -14.22 4.13
N ILE B 76 -10.16 -15.18 4.61
CA ILE B 76 -10.14 -15.57 6.05
C ILE B 76 -8.69 -15.86 6.46
N ILE B 77 -7.97 -16.64 5.67
CA ILE B 77 -6.56 -17.00 6.00
C ILE B 77 -5.75 -15.72 6.23
N SER B 78 -5.68 -14.84 5.22
CA SER B 78 -4.87 -13.61 5.33
C SER B 78 -5.33 -12.76 6.52
N LEU B 79 -6.64 -12.69 6.75
CA LEU B 79 -7.20 -11.88 7.87
C LEU B 79 -6.63 -12.41 9.19
N TRP B 80 -6.76 -13.72 9.43
CA TRP B 80 -6.18 -14.31 10.66
C TRP B 80 -4.69 -13.98 10.70
N ASP B 81 -3.98 -14.22 9.60
CA ASP B 81 -2.51 -13.96 9.56
C ASP B 81 -2.22 -12.54 10.06
N GLN B 82 -2.83 -11.52 9.45
CA GLN B 82 -2.49 -10.13 9.85
C GLN B 82 -3.04 -9.84 11.25
N SER B 83 -4.21 -10.39 11.58
CA SER B 83 -4.83 -10.12 12.86
C SER B 83 -3.95 -10.58 14.01
N LEU B 84 -3.25 -11.69 13.83
CA LEU B 84 -2.39 -12.19 14.89
C LEU B 84 -0.93 -11.82 14.72
N LYS B 85 -0.56 -11.26 13.57
CA LYS B 85 0.85 -10.99 13.29
C LYS B 85 1.55 -10.10 14.30
N PRO B 86 1.02 -8.92 14.64
CA PRO B 86 1.82 -7.96 15.41
C PRO B 86 2.05 -8.33 16.86
N CYS B 87 1.27 -9.23 17.43
CA CYS B 87 1.42 -9.49 18.86
C CYS B 87 2.47 -10.57 19.11
N VAL B 88 2.46 -11.10 20.34
CA VAL B 88 3.66 -11.62 21.00
C VAL B 88 4.27 -12.76 20.19
N LYS B 89 5.62 -12.84 20.21
CA LYS B 89 6.32 -13.99 19.58
C LYS B 89 6.67 -14.96 20.72
N LEU B 90 6.39 -16.26 20.58
CA LEU B 90 6.59 -17.22 21.70
C LEU B 90 7.81 -18.11 21.52
N THR B 91 8.73 -17.76 20.62
CA THR B 91 9.91 -18.62 20.33
C THR B 91 10.88 -18.84 21.52
N PRO B 92 11.08 -17.94 22.54
CA PRO B 92 12.11 -18.18 23.56
C PRO B 92 11.68 -19.16 24.63
N LEU B 93 10.38 -19.42 24.75
CA LEU B 93 9.88 -20.30 25.84
C LEU B 93 10.16 -21.77 25.54
N CYS B 94 10.80 -22.08 24.41
CA CYS B 94 11.02 -23.48 24.06
C CYS B 94 12.30 -23.99 24.73
N VAL B 95 12.12 -24.58 25.90
CA VAL B 95 13.19 -25.18 26.69
C VAL B 95 12.73 -26.51 27.23
N THR B 96 13.56 -27.12 28.07
CA THR B 96 13.15 -28.31 28.80
C THR B 96 12.22 -27.93 29.95
N LEU B 97 11.29 -28.83 30.28
CA LEU B 97 10.31 -28.59 31.32
C LEU B 97 10.41 -29.69 32.37
N ASN B 98 10.42 -29.30 33.65
CA ASN B 98 10.43 -30.25 34.82
C ASN B 98 8.99 -30.24 35.35
N CYS B 99 8.24 -31.33 35.26
CA CYS B 99 6.80 -31.37 35.48
C CYS B 99 6.43 -32.38 36.55
N THR B 100 5.45 -32.02 37.38
CA THR B 100 4.83 -32.92 38.32
C THR B 100 3.54 -33.46 37.69
N ASP B 101 2.72 -34.17 38.46
CA ASP B 101 1.50 -34.82 37.90
C ASP B 101 0.41 -33.77 37.67
N LEU B 102 -0.46 -33.55 38.64
CA LEU B 102 -1.48 -32.46 38.52
C LEU B 102 -1.15 -31.45 39.61
N ARG B 103 -2.16 -30.85 40.25
CA ARG B 103 -1.88 -29.96 41.40
C ARG B 103 -1.19 -30.85 42.45
N ASN B 104 -1.76 -32.02 42.72
CA ASN B 104 -1.13 -33.01 43.64
C ASN B 104 -1.76 -34.37 43.32
N VAL B 105 -1.05 -35.46 43.64
CA VAL B 105 -1.61 -36.83 43.40
C VAL B 105 -2.91 -36.95 44.20
N THR B 106 -3.17 -35.97 45.08
CA THR B 106 -4.40 -36.00 45.92
C THR B 106 -5.63 -35.68 45.07
N ASN B 107 -6.26 -36.74 44.52
CA ASN B 107 -7.43 -36.59 43.62
C ASN B 107 -8.61 -37.33 44.22
N ILE B 108 -9.83 -36.81 44.05
CA ILE B 108 -11.01 -37.36 44.72
C ILE B 108 -11.71 -38.37 43.83
N SER B 112 -11.38 -35.26 40.96
CA SER B 112 -12.43 -36.24 41.28
C SER B 112 -12.46 -37.37 40.26
N GLU B 113 -11.50 -37.36 39.34
CA GLU B 113 -11.40 -38.38 38.30
C GLU B 113 -10.20 -39.28 38.47
N GLY B 114 -9.18 -38.85 39.20
CA GLY B 114 -7.97 -39.63 39.37
C GLY B 114 -6.79 -39.01 38.65
N MET B 115 -5.88 -39.85 38.16
CA MET B 115 -4.71 -39.38 37.44
C MET B 115 -5.09 -39.01 36.02
N ARG B 116 -5.34 -37.72 35.79
CA ARG B 116 -5.66 -37.24 34.45
C ARG B 116 -4.39 -36.77 33.75
N GLY B 117 -3.59 -35.96 34.44
CA GLY B 117 -2.35 -35.49 33.89
C GLY B 117 -2.49 -34.19 33.12
N GLU B 118 -3.59 -33.51 33.33
CA GLU B 118 -3.90 -32.39 32.46
C GLU B 118 -3.35 -31.08 32.93
N ILE B 119 -2.55 -30.99 33.99
CA ILE B 119 -2.09 -29.70 34.48
C ILE B 119 -0.57 -29.64 34.43
N LYS B 120 0.08 -30.68 34.94
CA LYS B 120 1.49 -31.02 34.80
C LYS B 120 2.43 -30.12 35.59
N ASN B 121 1.92 -28.97 36.04
CA ASN B 121 2.73 -28.08 36.92
C ASN B 121 4.19 -28.11 36.48
N CYS B 122 4.44 -27.73 35.24
CA CYS B 122 5.77 -27.79 34.66
C CYS B 122 6.61 -26.60 35.09
N SER B 123 7.85 -26.87 35.50
CA SER B 123 8.81 -25.84 35.88
C SER B 123 9.96 -25.82 34.87
N PHE B 124 10.62 -24.67 34.78
CA PHE B 124 11.59 -24.43 33.73
C PHE B 124 12.36 -23.16 34.01
N ASN B 125 13.62 -23.13 33.54
CA ASN B 125 14.48 -21.93 33.73
C ASN B 125 14.26 -21.00 32.52
N ILE B 126 14.12 -19.69 32.76
CA ILE B 126 13.82 -18.74 31.66
C ILE B 126 14.63 -17.45 31.83
N THR B 127 14.80 -16.68 30.76
CA THR B 127 15.54 -15.39 30.85
C THR B 127 14.55 -14.24 30.97
N THR B 128 14.78 -13.31 31.91
CA THR B 128 13.82 -12.19 32.13
C THR B 128 14.02 -11.09 31.09
N SER B 129 13.33 -9.96 31.24
CA SER B 129 13.51 -8.81 30.31
C SER B 129 14.95 -8.32 30.41
N ILE B 130 15.50 -8.23 31.63
CA ILE B 130 16.93 -7.85 31.79
C ILE B 130 17.78 -9.02 31.30
N ARG B 131 18.79 -8.76 30.47
CA ARG B 131 19.58 -9.87 29.87
C ARG B 131 20.31 -10.66 30.96
N ASP B 132 20.94 -9.98 31.91
CA ASP B 132 21.71 -10.67 32.97
C ASP B 132 20.77 -11.48 33.88
N LYS B 133 19.60 -10.93 34.22
CA LYS B 133 18.67 -11.61 35.17
C LYS B 133 18.08 -12.88 34.56
N VAL B 134 17.96 -13.95 35.35
CA VAL B 134 17.34 -15.23 34.88
C VAL B 134 16.51 -15.78 36.04
N LYS B 135 15.39 -16.46 35.75
CA LYS B 135 14.49 -16.93 36.84
C LYS B 135 13.98 -18.35 36.56
N LYS B 136 13.81 -19.17 37.60
CA LYS B 136 13.23 -20.52 37.42
C LYS B 136 11.71 -20.38 37.66
N ASP B 137 10.89 -20.50 36.62
CA ASP B 137 9.44 -20.23 36.81
C ASP B 137 8.66 -21.53 36.59
N TYR B 138 7.38 -21.53 36.95
CA TYR B 138 6.52 -22.73 36.72
C TYR B 138 5.25 -22.31 35.99
N ALA B 139 4.62 -23.26 35.29
CA ALA B 139 3.37 -22.97 34.55
C ALA B 139 2.57 -24.27 34.40
N LEU B 140 1.31 -24.17 33.97
CA LEU B 140 0.44 -25.33 33.84
C LEU B 140 0.18 -25.63 32.37
N PHE B 141 0.11 -26.92 32.04
CA PHE B 141 -0.07 -27.35 30.66
C PHE B 141 -0.89 -28.63 30.63
N TYR B 142 -1.61 -28.82 29.53
CA TYR B 142 -2.41 -30.02 29.37
C TYR B 142 -1.59 -31.12 28.72
N ARG B 143 -2.11 -32.35 28.79
CA ARG B 143 -1.42 -33.49 28.11
C ARG B 143 -1.31 -33.17 26.62
N LEU B 144 -2.36 -32.60 26.02
CA LEU B 144 -2.36 -32.39 24.55
C LEU B 144 -1.42 -31.26 24.15
N ASP B 145 -0.70 -30.66 25.10
CA ASP B 145 0.13 -29.48 24.75
C ASP B 145 1.61 -29.74 25.09
N VAL B 146 1.98 -30.99 25.37
CA VAL B 146 3.38 -31.26 25.80
C VAL B 146 3.78 -32.70 25.40
N VAL B 147 5.04 -32.87 24.99
CA VAL B 147 5.54 -34.20 24.54
C VAL B 147 6.71 -34.66 25.44
N PRO B 148 6.70 -35.87 26.06
CA PRO B 148 7.84 -36.35 26.84
C PRO B 148 9.09 -36.45 25.95
N ILE B 149 10.26 -36.04 26.46
CA ILE B 149 11.49 -36.03 25.62
C ILE B 149 12.67 -36.56 26.44
N ASP B 150 13.71 -37.09 25.78
CA ASP B 150 14.94 -37.56 26.46
C ASP B 150 14.67 -38.88 27.22
N ASN B 151 13.52 -39.52 26.95
CA ASN B 151 13.16 -40.79 27.64
C ASN B 151 13.22 -40.56 29.16
N ASP B 152 12.78 -39.38 29.62
CA ASP B 152 12.86 -39.05 31.06
C ASP B 152 11.46 -38.69 31.57
N ASN B 153 11.09 -39.22 32.75
CA ASN B 153 9.76 -38.97 33.35
C ASN B 153 9.58 -37.46 33.62
N THR B 154 10.63 -36.77 34.03
CA THR B 154 10.54 -35.32 34.37
C THR B 154 10.68 -34.44 33.13
N SER B 155 11.52 -34.84 32.16
CA SER B 155 11.77 -34.00 30.95
C SER B 155 10.58 -33.89 29.97
N TYR B 156 10.33 -32.69 29.42
CA TYR B 156 9.22 -32.44 28.47
C TYR B 156 9.54 -31.22 27.61
N ARG B 157 8.83 -31.04 26.48
CA ARG B 157 9.00 -29.84 25.63
C ARG B 157 7.68 -29.59 24.91
N LEU B 158 7.55 -28.39 24.34
CA LEU B 158 6.32 -28.04 23.58
C LEU B 158 6.21 -28.97 22.38
N ILE B 159 5.03 -29.08 21.80
CA ILE B 159 4.80 -30.04 20.72
C ILE B 159 5.57 -29.68 19.47
N ASN B 160 5.51 -28.42 19.05
CA ASN B 160 5.98 -28.04 17.73
C ASN B 160 7.25 -27.19 17.79
N CYS B 161 8.09 -27.41 18.80
CA CYS B 161 9.40 -26.77 18.81
C CYS B 161 10.24 -27.20 17.61
N ASN B 162 10.61 -28.50 17.57
CA ASN B 162 11.52 -29.02 16.50
C ASN B 162 10.88 -28.92 15.11
N THR B 163 9.64 -28.45 15.02
CA THR B 163 8.99 -28.25 13.74
C THR B 163 8.91 -26.78 13.33
N SER B 164 8.29 -25.93 14.12
CA SER B 164 7.95 -24.59 13.65
C SER B 164 7.98 -23.61 14.80
N THR B 165 7.44 -22.42 14.56
CA THR B 165 7.37 -21.33 15.52
C THR B 165 5.95 -21.14 16.03
N ILE B 166 5.83 -20.39 17.12
CA ILE B 166 4.54 -20.15 17.77
C ILE B 166 4.46 -18.67 18.14
N THR B 167 3.27 -18.10 18.01
CA THR B 167 2.96 -16.75 18.47
C THR B 167 1.58 -16.82 19.12
N GLN B 168 1.50 -16.43 20.39
CA GLN B 168 0.24 -16.57 21.13
C GLN B 168 -0.81 -15.61 20.57
N ALA B 169 -2.08 -15.97 20.80
CA ALA B 169 -3.15 -15.05 20.46
C ALA B 169 -3.07 -13.82 21.32
N CYS B 170 -3.51 -12.72 20.76
CA CYS B 170 -3.25 -11.43 21.38
C CYS B 170 -4.43 -11.11 22.28
N PRO B 171 -4.24 -10.92 23.59
CA PRO B 171 -5.34 -11.15 24.55
C PRO B 171 -6.57 -10.29 24.36
N LYS B 172 -6.44 -9.04 23.93
CA LYS B 172 -7.59 -8.14 23.95
C LYS B 172 -8.67 -8.58 22.97
N VAL B 173 -8.25 -9.02 21.78
CA VAL B 173 -9.22 -9.36 20.69
C VAL B 173 -10.12 -10.54 21.07
N SER B 174 -11.41 -10.46 20.76
CA SER B 174 -12.36 -11.56 21.02
C SER B 174 -12.30 -12.59 19.89
N PHE B 175 -12.79 -13.82 20.14
CA PHE B 175 -12.80 -14.87 19.09
C PHE B 175 -14.26 -15.23 18.78
N GLU B 176 -15.20 -14.36 19.15
CA GLU B 176 -16.66 -14.57 18.89
C GLU B 176 -17.02 -14.07 17.50
N PRO B 177 -17.41 -14.97 16.56
CA PRO B 177 -17.80 -14.58 15.20
C PRO B 177 -19.05 -13.71 15.09
N ILE B 178 -19.17 -12.94 14.00
CA ILE B 178 -20.30 -12.05 13.76
C ILE B 178 -20.74 -12.23 12.32
N PRO B 179 -22.00 -11.95 11.98
CA PRO B 179 -22.45 -12.12 10.61
C PRO B 179 -21.68 -11.20 9.66
N ILE B 180 -21.44 -11.69 8.46
CA ILE B 180 -20.72 -10.96 7.43
C ILE B 180 -21.55 -11.02 6.16
N HIS B 181 -21.64 -9.90 5.45
CA HIS B 181 -22.40 -9.85 4.21
C HIS B 181 -21.45 -9.47 3.09
N TYR B 182 -21.19 -10.40 2.18
CA TYR B 182 -20.43 -10.09 0.98
C TYR B 182 -21.27 -9.28 0.02
N CYS B 183 -20.72 -8.16 -0.44
CA CYS B 183 -21.41 -7.25 -1.33
C CYS B 183 -20.52 -6.94 -2.52
N THR B 184 -21.10 -7.00 -3.70
CA THR B 184 -20.35 -6.76 -4.91
C THR B 184 -20.28 -5.27 -5.21
N PRO B 185 -19.25 -4.83 -5.93
CA PRO B 185 -19.26 -3.47 -6.48
C PRO B 185 -20.27 -3.38 -7.61
N ALA B 186 -20.55 -2.16 -8.04
CA ALA B 186 -21.53 -1.93 -9.09
C ALA B 186 -21.11 -2.65 -10.37
N GLY B 187 -22.10 -2.92 -11.22
CA GLY B 187 -21.87 -3.66 -12.44
C GLY B 187 -21.88 -5.17 -12.29
N PHE B 188 -22.21 -5.68 -11.11
CA PHE B 188 -22.25 -7.11 -10.88
C PHE B 188 -23.46 -7.44 -10.03
N ALA B 189 -23.81 -8.72 -9.98
CA ALA B 189 -24.94 -9.15 -9.17
C ALA B 189 -24.71 -10.58 -8.71
N ILE B 190 -25.46 -10.99 -7.69
CA ILE B 190 -25.40 -12.36 -7.18
C ILE B 190 -26.74 -13.03 -7.42
N LEU B 191 -26.69 -14.22 -7.98
CA LEU B 191 -27.86 -15.03 -8.27
C LEU B 191 -28.01 -16.09 -7.19
N LYS B 192 -29.25 -16.27 -6.73
CA LYS B 192 -29.59 -17.17 -5.64
C LYS B 192 -30.58 -18.20 -6.17
N CYS B 193 -30.24 -19.48 -6.00
CA CYS B 193 -31.13 -20.57 -6.41
C CYS B 193 -32.05 -20.86 -5.23
N LYS B 194 -33.33 -20.54 -5.39
CA LYS B 194 -34.28 -20.59 -4.29
C LYS B 194 -35.07 -21.89 -4.23
N ASP B 195 -34.71 -22.87 -5.07
CA ASP B 195 -35.52 -24.13 -5.13
C ASP B 195 -35.45 -24.85 -3.78
N LYS B 196 -36.52 -25.55 -3.41
CA LYS B 196 -36.57 -26.28 -2.11
C LYS B 196 -35.47 -27.34 -2.09
N LYS B 197 -35.29 -28.05 -3.21
CA LYS B 197 -34.27 -29.13 -3.29
C LYS B 197 -33.30 -28.84 -4.45
N PHE B 198 -32.00 -28.89 -4.19
CA PHE B 198 -30.97 -28.70 -5.26
C PHE B 198 -29.81 -29.63 -4.95
N ASN B 199 -29.34 -30.40 -5.93
CA ASN B 199 -28.27 -31.39 -5.63
C ASN B 199 -26.89 -30.73 -5.73
N GLY B 200 -26.83 -29.44 -6.11
CA GLY B 200 -25.57 -28.75 -6.17
C GLY B 200 -25.11 -28.38 -7.56
N THR B 201 -25.59 -29.07 -8.59
CA THR B 201 -25.19 -28.78 -9.97
C THR B 201 -26.39 -29.04 -10.90
N GLY B 202 -26.65 -28.08 -11.77
CA GLY B 202 -27.72 -28.19 -12.73
C GLY B 202 -28.50 -26.91 -12.91
N PRO B 203 -29.52 -26.94 -13.75
CA PRO B 203 -30.40 -25.77 -13.89
C PRO B 203 -31.21 -25.55 -12.63
N CYS B 204 -31.66 -24.30 -12.45
CA CYS B 204 -32.44 -23.92 -11.27
C CYS B 204 -33.67 -23.14 -11.73
N LYS B 205 -34.82 -23.47 -11.14
CA LYS B 205 -36.09 -22.80 -11.53
C LYS B 205 -36.23 -21.51 -10.71
N ASN B 206 -36.20 -21.61 -9.39
CA ASN B 206 -36.44 -20.39 -8.56
C ASN B 206 -35.13 -19.59 -8.50
N VAL B 207 -35.06 -18.48 -9.23
CA VAL B 207 -33.80 -17.67 -9.28
C VAL B 207 -34.11 -16.25 -8.79
N SER B 208 -33.23 -15.69 -7.95
CA SER B 208 -33.44 -14.32 -7.42
C SER B 208 -32.14 -13.50 -7.54
N THR B 209 -32.25 -12.17 -7.63
CA THR B 209 -31.06 -11.30 -7.75
C THR B 209 -30.89 -10.49 -6.47
N VAL B 210 -29.68 -10.52 -5.88
CA VAL B 210 -29.39 -9.77 -4.62
C VAL B 210 -28.11 -8.98 -4.84
N GLN B 211 -27.81 -8.01 -3.98
CA GLN B 211 -26.54 -7.25 -4.10
C GLN B 211 -25.60 -7.65 -2.96
N CYS B 212 -26.13 -8.35 -1.94
CA CYS B 212 -25.31 -8.72 -0.75
C CYS B 212 -25.78 -10.09 -0.23
N THR B 213 -24.87 -10.89 0.33
CA THR B 213 -25.29 -12.17 0.89
C THR B 213 -25.75 -11.98 2.33
N HIS B 214 -26.55 -12.94 2.80
CA HIS B 214 -26.92 -12.96 4.20
C HIS B 214 -25.70 -13.23 5.06
N GLY B 215 -25.78 -12.84 6.33
CA GLY B 215 -24.68 -13.04 7.25
C GLY B 215 -24.25 -14.49 7.31
N ILE B 216 -22.94 -14.73 7.27
CA ILE B 216 -22.44 -16.10 7.29
C ILE B 216 -22.03 -16.46 8.71
N ARG B 217 -21.51 -15.48 9.45
CA ARG B 217 -20.92 -15.71 10.76
C ARG B 217 -19.88 -16.82 10.66
N PRO B 218 -18.66 -16.59 10.10
CA PRO B 218 -17.70 -17.69 9.84
C PRO B 218 -17.28 -18.55 11.06
N VAL B 219 -17.63 -19.84 11.02
CA VAL B 219 -17.28 -20.80 12.09
C VAL B 219 -16.56 -21.98 11.43
N VAL B 220 -15.44 -22.42 11.99
CA VAL B 220 -14.70 -23.61 11.43
C VAL B 220 -14.81 -24.77 12.43
N SER B 221 -15.32 -25.92 11.99
CA SER B 221 -15.47 -27.06 12.89
C SER B 221 -15.16 -28.33 12.12
N THR B 222 -14.87 -29.39 12.88
CA THR B 222 -14.54 -30.68 12.31
C THR B 222 -15.65 -31.66 12.62
N GLN B 223 -16.10 -32.41 11.60
CA GLN B 223 -17.19 -33.42 11.76
C GLN B 223 -18.59 -32.79 11.66
N LEU B 224 -18.97 -31.87 12.56
CA LEU B 224 -20.37 -31.35 12.54
C LEU B 224 -20.42 -29.82 12.38
N LEU B 225 -21.23 -29.31 11.44
CA LEU B 225 -21.41 -27.83 11.28
C LEU B 225 -22.09 -27.24 12.52
N LEU B 226 -21.82 -25.96 12.83
CA LEU B 226 -22.36 -25.28 13.99
C LEU B 226 -22.83 -23.88 13.63
N ASN B 227 -23.90 -23.41 14.28
CA ASN B 227 -24.46 -22.05 14.05
C ASN B 227 -24.58 -21.75 12.57
N GLY B 228 -24.85 -22.77 11.78
CA GLY B 228 -24.97 -22.58 10.34
C GLY B 228 -26.40 -22.40 9.90
N SER B 229 -26.63 -22.68 8.62
CA SER B 229 -27.94 -22.56 8.01
C SER B 229 -28.64 -23.91 7.98
N LEU B 230 -29.95 -23.86 7.72
CA LEU B 230 -30.79 -25.04 7.74
C LEU B 230 -31.40 -25.31 6.38
N ALA B 231 -31.62 -26.59 6.09
CA ALA B 231 -32.36 -27.00 4.91
C ALA B 231 -33.85 -26.86 5.17
N GLU B 232 -34.66 -27.29 4.21
CA GLU B 232 -36.10 -27.18 4.29
C GLU B 232 -36.77 -28.51 3.93
N GLU B 233 -37.66 -28.95 4.81
CA GLU B 233 -38.54 -30.11 4.64
C GLU B 233 -37.81 -31.43 4.61
N GLU B 234 -36.47 -31.42 4.58
CA GLU B 234 -35.69 -32.65 4.57
C GLU B 234 -34.20 -32.33 4.64
N VAL B 235 -33.42 -33.40 4.81
CA VAL B 235 -31.94 -33.28 4.80
C VAL B 235 -31.48 -33.43 3.34
N VAL B 236 -30.55 -32.58 2.88
CA VAL B 236 -30.11 -32.62 1.45
C VAL B 236 -28.61 -32.96 1.39
N ILE B 237 -28.22 -33.89 0.51
CA ILE B 237 -26.79 -34.30 0.40
C ILE B 237 -26.20 -33.81 -0.93
N ARG B 238 -24.97 -33.28 -0.90
CA ARG B 238 -24.29 -32.79 -2.12
C ARG B 238 -22.91 -33.42 -2.25
N SER B 239 -22.60 -34.01 -3.41
CA SER B 239 -21.24 -34.57 -3.65
C SER B 239 -20.82 -34.27 -5.09
N SER B 240 -19.52 -34.04 -5.31
CA SER B 240 -19.01 -33.79 -6.68
C SER B 240 -19.27 -35.03 -7.54
N ASN B 241 -19.13 -36.21 -6.95
CA ASN B 241 -19.27 -37.45 -7.74
C ASN B 241 -19.55 -38.56 -6.73
N PHE B 242 -20.80 -38.98 -6.60
CA PHE B 242 -21.13 -39.94 -5.56
C PHE B 242 -20.41 -41.26 -5.79
N THR B 243 -20.26 -41.67 -7.05
CA THR B 243 -19.56 -42.94 -7.38
C THR B 243 -18.10 -42.83 -6.91
N ASP B 244 -17.49 -41.64 -7.02
CA ASP B 244 -16.11 -41.44 -6.51
C ASP B 244 -16.13 -41.34 -4.99
N ASN B 245 -15.86 -42.45 -4.29
CA ASN B 245 -15.94 -42.45 -2.81
C ASN B 245 -14.84 -41.56 -2.22
N ALA B 246 -13.84 -41.18 -3.02
CA ALA B 246 -12.72 -40.40 -2.47
C ALA B 246 -13.16 -39.00 -2.09
N LYS B 247 -14.14 -38.44 -2.77
CA LYS B 247 -14.61 -37.10 -2.47
C LYS B 247 -15.48 -37.10 -1.22
N ASN B 248 -15.63 -35.92 -0.64
CA ASN B 248 -16.39 -35.76 0.60
C ASN B 248 -17.88 -35.64 0.33
N ILE B 249 -18.68 -35.78 1.39
CA ILE B 249 -20.16 -35.66 1.27
C ILE B 249 -20.61 -34.46 2.10
N ILE B 250 -21.49 -33.61 1.55
CA ILE B 250 -22.01 -32.44 2.32
C ILE B 250 -23.44 -32.75 2.76
N VAL B 251 -23.74 -32.60 4.06
CA VAL B 251 -25.09 -32.91 4.60
C VAL B 251 -25.67 -31.62 5.19
N GLN B 252 -26.90 -31.25 4.81
CA GLN B 252 -27.53 -30.05 5.43
C GLN B 252 -28.81 -30.51 6.14
N LEU B 253 -28.99 -30.14 7.41
CA LEU B 253 -30.14 -30.67 8.19
C LEU B 253 -31.34 -29.73 8.11
N LYS B 254 -32.56 -30.26 8.29
CA LYS B 254 -33.78 -29.48 8.30
C LYS B 254 -34.22 -29.07 9.71
N GLU B 255 -33.53 -29.50 10.76
CA GLU B 255 -33.78 -28.96 12.09
C GLU B 255 -32.45 -28.64 12.76
N SER B 256 -32.45 -27.60 13.58
CA SER B 256 -31.34 -27.34 14.47
C SER B 256 -31.27 -28.40 15.54
N VAL B 257 -30.08 -28.60 16.11
CA VAL B 257 -29.90 -29.47 17.26
C VAL B 257 -29.14 -28.69 18.32
N GLU B 258 -29.74 -28.55 19.51
CA GLU B 258 -29.10 -27.76 20.61
C GLU B 258 -27.90 -28.52 21.18
N ILE B 259 -26.75 -27.85 21.32
CA ILE B 259 -25.54 -28.49 21.94
C ILE B 259 -25.09 -27.61 23.12
N ASN B 260 -24.91 -28.19 24.31
CA ASN B 260 -24.55 -27.42 25.52
C ASN B 260 -23.16 -27.80 26.02
N CYS B 261 -22.13 -27.07 25.60
CA CYS B 261 -20.77 -27.42 25.99
C CYS B 261 -20.28 -26.47 27.07
N THR B 262 -19.46 -26.98 27.98
CA THR B 262 -18.96 -26.18 29.08
C THR B 262 -17.59 -26.66 29.54
N ARG B 263 -16.90 -25.80 30.28
CA ARG B 263 -15.58 -26.05 30.83
C ARG B 263 -15.64 -25.82 32.34
N PRO B 264 -16.14 -26.78 33.09
CA PRO B 264 -16.38 -26.55 34.52
C PRO B 264 -15.11 -26.43 35.33
N ASN B 265 -14.41 -25.31 35.22
CA ASN B 265 -13.19 -25.06 36.00
C ASN B 265 -13.01 -23.57 36.20
N ASN B 266 -12.78 -23.17 37.46
CA ASN B 266 -12.48 -21.75 37.79
C ASN B 266 -10.99 -21.57 37.53
N ASN B 267 -10.59 -20.60 36.70
CA ASN B 267 -9.22 -20.45 36.22
C ASN B 267 -8.66 -19.09 36.59
N THR B 268 -7.34 -19.04 36.76
CA THR B 268 -6.62 -17.82 37.08
C THR B 268 -5.59 -17.52 35.99
N ARG B 269 -5.61 -16.28 35.48
CA ARG B 269 -4.69 -15.90 34.38
C ARG B 269 -3.40 -15.29 34.94
N LYS B 270 -2.42 -16.13 35.27
CA LYS B 270 -1.13 -15.67 35.76
C LYS B 270 -0.27 -15.21 34.60
N SER B 271 0.29 -14.01 34.70
CA SER B 271 1.00 -13.36 33.59
C SER B 271 2.48 -13.22 33.96
N ILE B 272 3.34 -13.77 33.12
CA ILE B 272 4.79 -13.64 33.32
C ILE B 272 5.41 -12.93 32.13
N HIS B 273 6.35 -12.03 32.42
CA HIS B 273 7.05 -11.28 31.35
C HIS B 273 8.31 -12.03 30.91
N ILE B 274 8.56 -12.11 29.60
CA ILE B 274 9.74 -12.75 29.05
C ILE B 274 10.50 -11.73 28.22
N GLY B 275 10.02 -10.49 28.19
CA GLY B 275 10.64 -9.45 27.41
C GLY B 275 10.08 -8.09 27.71
N PRO B 276 10.50 -7.09 26.94
CA PRO B 276 10.04 -5.71 27.15
C PRO B 276 8.54 -5.57 27.06
N GLY B 277 7.97 -5.92 25.92
CA GLY B 277 6.54 -6.02 25.75
C GLY B 277 6.04 -7.43 25.82
N ARG B 278 6.93 -8.39 26.04
CA ARG B 278 6.59 -9.80 25.95
C ARG B 278 6.00 -10.26 27.29
N ALA B 279 4.70 -10.56 27.29
CA ALA B 279 3.99 -10.96 28.50
C ALA B 279 3.20 -12.22 28.22
N PHE B 280 3.83 -13.36 28.43
CA PHE B 280 3.17 -14.66 28.24
C PHE B 280 2.10 -14.83 29.31
N TYR B 281 0.92 -15.28 28.90
CA TYR B 281 -0.17 -15.49 29.84
C TYR B 281 -0.40 -16.98 30.03
N THR B 282 -0.35 -17.43 31.28
CA THR B 282 -0.55 -18.83 31.62
C THR B 282 -1.61 -18.94 32.71
N THR B 283 -2.02 -20.17 32.98
CA THR B 283 -3.03 -20.44 33.99
C THR B 283 -2.41 -20.34 35.38
N GLY B 284 -3.04 -19.57 36.26
CA GLY B 284 -2.59 -19.48 37.63
C GLY B 284 -2.82 -20.77 38.39
N ASP B 285 -4.09 -21.12 38.58
CA ASP B 285 -4.44 -22.34 39.28
C ASP B 285 -5.92 -22.63 39.01
N ILE B 286 -6.43 -23.68 39.66
CA ILE B 286 -7.83 -24.07 39.53
C ILE B 286 -8.45 -24.05 40.91
N ILE B 287 -9.62 -23.41 41.01
CA ILE B 287 -10.36 -23.33 42.31
C ILE B 287 -11.42 -24.42 42.32
N GLY B 288 -11.28 -25.42 43.18
CA GLY B 288 -12.20 -26.52 43.25
C GLY B 288 -11.75 -27.73 42.44
N ASP B 289 -12.68 -28.68 42.31
CA ASP B 289 -12.38 -29.93 41.64
C ASP B 289 -12.22 -29.72 40.14
N ILE B 290 -11.52 -30.66 39.51
CA ILE B 290 -11.21 -30.57 38.08
C ILE B 290 -12.20 -31.48 37.36
N ARG B 291 -13.29 -30.89 36.91
CA ARG B 291 -14.25 -31.63 36.10
C ARG B 291 -13.95 -31.41 34.62
N GLN B 292 -13.84 -32.50 33.87
CA GLN B 292 -13.47 -32.41 32.47
C GLN B 292 -14.59 -31.74 31.67
N ALA B 293 -14.19 -30.97 30.66
CA ALA B 293 -15.17 -30.28 29.82
C ALA B 293 -16.01 -31.30 29.05
N HIS B 294 -17.28 -30.97 28.86
CA HIS B 294 -18.19 -31.89 28.20
C HIS B 294 -19.30 -31.13 27.53
N CYS B 295 -20.02 -31.85 26.66
CA CYS B 295 -21.15 -31.32 25.91
C CYS B 295 -22.37 -32.19 26.16
N ASN B 296 -23.50 -31.48 26.31
CA ASN B 296 -24.79 -32.14 26.58
C ASN B 296 -25.61 -32.18 25.30
N ILE B 297 -26.16 -33.34 24.96
CA ILE B 297 -26.88 -33.59 23.71
C ILE B 297 -28.03 -34.55 24.01
N SER B 298 -29.20 -34.27 23.43
CA SER B 298 -30.36 -35.14 23.59
C SER B 298 -30.23 -36.38 22.71
N ARG B 299 -30.78 -37.50 23.21
CA ARG B 299 -30.70 -38.81 22.51
C ARG B 299 -31.76 -38.89 21.41
N THR B 300 -33.03 -38.70 21.78
CA THR B 300 -34.16 -38.89 20.85
C THR B 300 -33.95 -38.03 19.59
N LYS B 301 -33.69 -36.73 19.78
CA LYS B 301 -33.51 -35.79 18.65
C LYS B 301 -32.41 -36.33 17.72
N TRP B 302 -31.26 -36.70 18.30
CA TRP B 302 -30.11 -37.20 17.50
C TRP B 302 -30.57 -38.36 16.61
N ASN B 303 -31.14 -39.41 17.20
CA ASN B 303 -31.67 -40.57 16.44
C ASN B 303 -32.51 -40.06 15.27
N ASN B 304 -33.54 -39.27 15.58
CA ASN B 304 -34.54 -38.84 14.56
C ASN B 304 -33.81 -38.21 13.37
N THR B 305 -32.93 -37.25 13.65
CA THR B 305 -32.22 -36.51 12.56
C THR B 305 -31.30 -37.45 11.80
N LEU B 306 -30.60 -38.35 12.52
CA LEU B 306 -29.63 -39.28 11.88
C LEU B 306 -30.42 -40.30 11.03
N ASN B 307 -31.65 -40.62 11.47
CA ASN B 307 -32.50 -41.57 10.71
C ASN B 307 -32.99 -40.87 9.44
N GLN B 308 -33.28 -39.57 9.53
CA GLN B 308 -33.68 -38.81 8.31
C GLN B 308 -32.50 -38.90 7.33
N ILE B 309 -31.28 -38.72 7.82
CA ILE B 309 -30.06 -38.85 6.95
C ILE B 309 -30.06 -40.25 6.33
N ALA B 310 -30.25 -41.28 7.16
CA ALA B 310 -30.19 -42.68 6.71
C ALA B 310 -31.10 -42.88 5.51
N THR B 311 -32.35 -42.43 5.61
CA THR B 311 -33.34 -42.65 4.52
C THR B 311 -32.83 -41.99 3.24
N LYS B 312 -32.40 -40.72 3.31
CA LYS B 312 -31.97 -39.98 2.10
C LYS B 312 -30.73 -40.64 1.51
N LEU B 313 -29.83 -41.13 2.37
CA LEU B 313 -28.57 -41.77 1.93
C LEU B 313 -28.90 -43.11 1.27
N LYS B 314 -29.84 -43.86 1.85
CA LYS B 314 -30.41 -45.08 1.22
C LYS B 314 -30.96 -44.70 -0.16
N GLU B 315 -31.86 -43.71 -0.20
CA GLU B 315 -32.47 -43.29 -1.45
C GLU B 315 -31.40 -43.02 -2.50
N GLN B 316 -30.28 -42.44 -2.09
CA GLN B 316 -29.23 -42.10 -3.05
C GLN B 316 -28.64 -43.33 -3.72
N PHE B 317 -28.21 -44.31 -2.94
CA PHE B 317 -27.46 -45.46 -3.45
C PHE B 317 -28.31 -46.71 -3.56
N GLY B 318 -29.59 -46.56 -3.90
CA GLY B 318 -30.42 -47.72 -4.08
C GLY B 318 -31.04 -48.21 -2.79
N ASN B 319 -32.31 -48.63 -2.87
CA ASN B 319 -33.14 -48.97 -1.68
C ASN B 319 -32.44 -50.05 -0.85
N ASN B 320 -32.05 -51.14 -1.50
CA ASN B 320 -31.61 -52.42 -0.86
C ASN B 320 -30.26 -52.33 -0.20
N LYS B 321 -30.13 -51.56 0.88
CA LYS B 321 -28.80 -51.39 1.44
C LYS B 321 -28.88 -51.47 2.96
N THR B 322 -27.76 -51.75 3.59
CA THR B 322 -27.63 -51.74 5.05
C THR B 322 -26.60 -50.67 5.39
N ILE B 323 -26.89 -49.87 6.40
CA ILE B 323 -26.08 -48.67 6.65
C ILE B 323 -25.18 -48.89 7.86
N VAL B 324 -23.94 -48.39 7.74
CA VAL B 324 -22.97 -48.52 8.86
C VAL B 324 -22.43 -47.13 9.15
N PHE B 325 -22.24 -46.79 10.42
CA PHE B 325 -21.64 -45.47 10.80
C PHE B 325 -20.40 -45.72 11.66
N ASN B 326 -19.33 -46.20 11.03
CA ASN B 326 -18.09 -46.52 11.79
C ASN B 326 -17.44 -45.21 12.26
N GLN B 327 -16.56 -45.29 13.26
CA GLN B 327 -15.84 -44.09 13.77
C GLN B 327 -14.75 -43.69 12.77
N SER B 328 -14.05 -42.58 13.03
CA SER B 328 -13.03 -42.07 12.07
C SER B 328 -11.78 -42.95 12.10
N SER B 329 -11.19 -43.20 10.91
CA SER B 329 -10.05 -44.13 10.76
C SER B 329 -8.87 -43.70 11.64
N GLY B 330 -8.29 -42.52 11.37
CA GLY B 330 -7.16 -42.05 12.16
C GLY B 330 -6.62 -40.74 11.62
N GLY B 331 -5.38 -40.44 12.01
CA GLY B 331 -4.74 -39.23 11.54
C GLY B 331 -4.60 -38.17 12.61
N ASP B 332 -4.54 -36.93 12.13
CA ASP B 332 -4.32 -35.80 13.02
C ASP B 332 -5.55 -35.55 13.89
N PRO B 333 -5.39 -34.90 15.04
CA PRO B 333 -6.48 -34.82 16.02
C PRO B 333 -7.77 -34.22 15.49
N GLU B 334 -7.71 -33.25 14.59
CA GLU B 334 -8.92 -32.54 14.17
C GLU B 334 -9.92 -33.47 13.50
N ILE B 335 -9.45 -34.21 12.48
CA ILE B 335 -10.41 -35.05 11.71
C ILE B 335 -10.81 -36.29 12.53
N VAL B 336 -9.87 -36.91 13.24
CA VAL B 336 -10.20 -38.18 13.96
C VAL B 336 -11.23 -37.90 15.05
N MET B 337 -11.08 -36.82 15.81
CA MET B 337 -12.01 -36.55 16.95
C MET B 337 -12.66 -35.18 16.81
N HIS B 338 -13.97 -35.10 17.08
CA HIS B 338 -14.72 -33.83 16.96
C HIS B 338 -14.00 -32.69 17.68
N SER B 339 -13.82 -31.55 17.01
CA SER B 339 -13.19 -30.38 17.59
C SER B 339 -13.90 -29.12 17.10
N PHE B 340 -13.83 -28.08 17.93
CA PHE B 340 -14.47 -26.82 17.58
C PHE B 340 -13.98 -25.75 18.56
N ASN B 341 -14.58 -24.56 18.45
CA ASN B 341 -14.21 -23.43 19.28
C ASN B 341 -15.41 -22.92 20.07
N CYS B 342 -15.12 -22.34 21.24
CA CYS B 342 -16.12 -21.87 22.18
C CYS B 342 -15.48 -20.88 23.13
N GLY B 343 -15.91 -19.62 23.08
CA GLY B 343 -15.40 -18.60 24.01
C GLY B 343 -13.88 -18.52 24.01
N GLY B 344 -13.25 -18.79 22.85
CA GLY B 344 -11.79 -18.67 22.75
C GLY B 344 -11.06 -19.89 23.27
N GLU B 345 -11.80 -20.95 23.62
CA GLU B 345 -11.17 -22.21 24.08
C GLU B 345 -11.48 -23.31 23.07
N PHE B 346 -10.45 -24.00 22.58
CA PHE B 346 -10.67 -25.04 21.53
C PHE B 346 -10.97 -26.39 22.18
N PHE B 347 -12.18 -26.91 21.96
CA PHE B 347 -12.57 -28.16 22.57
C PHE B 347 -12.38 -29.31 21.59
N TYR B 348 -11.98 -30.45 22.14
CA TYR B 348 -11.80 -31.68 21.38
C TYR B 348 -12.62 -32.76 22.04
N CYS B 349 -13.76 -33.09 21.45
CA CYS B 349 -14.72 -34.01 22.04
C CYS B 349 -14.64 -35.35 21.32
N ASN B 350 -14.66 -36.40 22.14
CA ASN B 350 -14.56 -37.81 21.67
C ASN B 350 -15.94 -38.24 21.19
N SER B 351 -16.23 -38.09 19.90
CA SER B 351 -17.57 -38.42 19.44
C SER B 351 -17.63 -39.86 18.96
N THR B 352 -17.14 -40.80 19.76
CA THR B 352 -17.28 -42.21 19.34
C THR B 352 -18.75 -42.62 19.44
N GLN B 353 -19.37 -42.38 20.59
CA GLN B 353 -20.75 -42.81 20.77
C GLN B 353 -21.71 -42.11 19.83
N LEU B 354 -21.28 -41.04 19.16
CA LEU B 354 -22.18 -40.35 18.24
C LEU B 354 -22.42 -41.16 16.98
N PHE B 355 -21.35 -41.77 16.46
CA PHE B 355 -21.44 -42.58 15.22
C PHE B 355 -21.25 -44.05 15.59
N ASN B 356 -22.32 -44.71 16.05
CA ASN B 356 -22.27 -46.16 16.38
C ASN B 356 -23.66 -46.67 15.95
N SER B 357 -23.88 -46.93 14.65
CA SER B 357 -25.22 -47.23 14.19
C SER B 357 -25.14 -48.09 12.95
N THR B 358 -26.04 -49.06 12.88
CA THR B 358 -26.11 -49.99 11.76
C THR B 358 -27.56 -50.17 11.33
N TRP B 359 -28.21 -49.11 10.83
CA TRP B 359 -29.60 -49.28 10.31
C TRP B 359 -29.76 -50.55 9.48
N ASN B 360 -30.72 -51.38 9.86
CA ASN B 360 -30.99 -52.59 9.06
C ASN B 360 -31.95 -52.23 7.93
N PHE B 361 -31.65 -52.66 6.70
CA PHE B 361 -32.56 -52.51 5.58
C PHE B 361 -34.01 -52.77 6.02
N ASN B 362 -34.18 -53.48 7.13
CA ASN B 362 -35.52 -53.89 7.58
C ASN B 362 -35.71 -53.70 9.08
N GLY B 363 -35.13 -52.67 9.65
CA GLY B 363 -35.31 -52.42 11.08
C GLY B 363 -35.67 -51.00 11.43
N THR B 364 -35.50 -50.08 10.48
CA THR B 364 -35.78 -48.68 10.71
C THR B 364 -37.20 -48.28 10.30
N TRP B 365 -37.41 -46.97 10.14
CA TRP B 365 -38.66 -46.32 9.78
C TRP B 365 -39.55 -46.15 11.00
N ASN B 366 -38.93 -46.43 12.15
CA ASN B 366 -39.61 -46.22 13.43
C ASN B 366 -38.72 -45.35 14.27
N LEU B 367 -39.15 -44.12 14.52
CA LEU B 367 -38.28 -43.21 15.26
C LEU B 367 -38.33 -43.53 16.76
N THR B 368 -37.44 -42.88 17.50
CA THR B 368 -37.46 -42.97 18.95
C THR B 368 -38.39 -41.89 19.48
N GLN B 369 -39.61 -42.30 19.85
CA GLN B 369 -40.62 -41.32 20.26
C GLN B 369 -40.85 -41.37 21.75
N SER B 370 -39.77 -41.57 22.52
CA SER B 370 -39.89 -41.67 23.98
C SER B 370 -40.39 -40.34 24.53
N ASN B 371 -41.62 -40.34 25.04
CA ASN B 371 -42.19 -39.11 25.59
C ASN B 371 -41.69 -38.86 27.01
N GLY B 372 -42.00 -39.77 27.94
CA GLY B 372 -41.48 -39.66 29.29
C GLY B 372 -40.06 -40.13 29.35
N THR B 373 -39.11 -39.21 29.47
CA THR B 373 -37.70 -39.58 29.41
C THR B 373 -37.01 -39.34 30.75
N GLU B 374 -36.99 -38.08 31.20
CA GLU B 374 -36.57 -37.66 32.55
C GLU B 374 -35.44 -38.53 33.11
N GLY B 375 -34.37 -38.65 32.33
CA GLY B 375 -33.30 -39.54 32.75
C GLY B 375 -32.16 -39.69 31.77
N ASN B 376 -31.81 -40.95 31.47
CA ASN B 376 -30.64 -41.26 30.65
C ASN B 376 -30.92 -40.85 29.20
N ASP B 377 -30.92 -39.54 28.99
CA ASP B 377 -31.41 -38.92 27.77
C ASP B 377 -30.40 -37.93 27.22
N THR B 378 -29.35 -37.65 27.98
CA THR B 378 -28.34 -36.69 27.60
C THR B 378 -27.09 -37.46 27.16
N ILE B 379 -26.55 -37.09 26.01
CA ILE B 379 -25.34 -37.73 25.50
C ILE B 379 -24.17 -36.87 25.94
N THR B 380 -23.38 -37.39 26.88
CA THR B 380 -22.28 -36.64 27.45
C THR B 380 -21.01 -36.93 26.65
N LEU B 381 -20.31 -35.87 26.25
CA LEU B 381 -19.14 -36.00 25.40
C LEU B 381 -17.88 -35.76 26.21
N PRO B 382 -16.97 -36.71 26.27
CA PRO B 382 -15.66 -36.43 26.88
C PRO B 382 -14.88 -35.44 26.02
N CYS B 383 -14.66 -34.25 26.55
CA CYS B 383 -13.99 -33.20 25.79
C CYS B 383 -12.73 -32.78 26.54
N ARG B 384 -11.71 -32.42 25.77
CA ARG B 384 -10.41 -32.04 26.30
C ARG B 384 -9.97 -30.74 25.63
N ILE B 385 -8.83 -30.23 26.10
CA ILE B 385 -8.35 -28.91 25.73
C ILE B 385 -6.98 -29.05 25.09
N LYS B 386 -6.77 -28.33 24.00
CA LYS B 386 -5.45 -28.10 23.43
C LYS B 386 -5.26 -26.59 23.29
N GLN B 387 -4.12 -26.09 23.74
CA GLN B 387 -3.92 -24.64 23.70
C GLN B 387 -3.14 -24.22 22.47
N ILE B 388 -2.32 -25.13 21.93
CA ILE B 388 -1.47 -24.82 20.75
C ILE B 388 -2.10 -25.43 19.49
N ILE B 389 -2.39 -24.61 18.47
CA ILE B 389 -3.01 -25.09 17.25
C ILE B 389 -2.21 -24.53 16.09
N ASN B 390 -1.91 -25.38 15.10
CA ASN B 390 -1.10 -24.94 13.92
C ASN B 390 -2.01 -24.71 12.72
N MET B 391 -1.39 -24.44 11.56
CA MET B 391 -2.18 -24.17 10.33
C MET B 391 -2.63 -25.52 9.76
N TRP B 392 -3.89 -25.61 9.34
CA TRP B 392 -4.42 -26.91 8.83
C TRP B 392 -3.67 -27.34 7.57
N GLN B 393 -3.39 -26.41 6.65
CA GLN B 393 -2.74 -26.78 5.36
C GLN B 393 -1.22 -26.56 5.47
N GLU B 394 -0.80 -25.41 6.01
CA GLU B 394 0.65 -25.09 6.11
C GLU B 394 1.29 -25.98 7.19
N VAL B 395 2.49 -26.51 6.92
CA VAL B 395 3.19 -27.38 7.90
C VAL B 395 3.51 -26.59 9.17
N GLY B 396 3.92 -25.32 9.04
CA GLY B 396 4.30 -24.51 10.20
C GLY B 396 3.24 -23.49 10.58
N LYS B 397 3.64 -22.31 11.06
CA LYS B 397 2.69 -21.23 11.45
C LYS B 397 1.74 -21.73 12.55
N ALA B 398 2.23 -21.79 13.79
CA ALA B 398 1.39 -22.27 14.92
C ALA B 398 0.93 -21.08 15.78
N MET B 399 -0.04 -21.31 16.67
CA MET B 399 -0.58 -20.21 17.51
C MET B 399 -0.98 -20.77 18.88
N TYR B 400 -0.53 -20.14 19.97
CA TYR B 400 -0.91 -20.58 21.34
C TYR B 400 -2.20 -19.87 21.74
N ALA B 401 -3.06 -20.54 22.51
CA ALA B 401 -4.32 -19.93 22.97
C ALA B 401 -4.15 -19.45 24.42
N PRO B 402 -4.21 -18.13 24.75
CA PRO B 402 -4.12 -17.72 26.16
C PRO B 402 -5.26 -18.30 26.96
N PRO B 403 -5.03 -18.62 28.23
CA PRO B 403 -6.11 -19.14 29.07
C PRO B 403 -7.16 -18.08 29.31
N ILE B 404 -8.38 -18.52 29.57
CA ILE B 404 -9.50 -17.62 29.85
C ILE B 404 -9.91 -17.83 31.30
N ARG B 405 -10.00 -16.74 32.05
CA ARG B 405 -10.32 -16.81 33.46
C ARG B 405 -11.79 -17.18 33.66
N GLY B 406 -12.07 -17.79 34.81
CA GLY B 406 -13.44 -18.04 35.17
C GLY B 406 -14.05 -19.25 34.47
N GLN B 407 -15.37 -19.25 34.41
CA GLN B 407 -16.13 -20.37 33.87
C GLN B 407 -16.52 -20.10 32.43
N ILE B 408 -16.49 -21.16 31.60
CA ILE B 408 -16.80 -21.02 30.14
C ILE B 408 -17.92 -22.00 29.78
N ARG B 409 -18.90 -21.54 29.00
CA ARG B 409 -20.00 -22.41 28.54
C ARG B 409 -20.63 -21.77 27.31
N CYS B 410 -20.74 -22.54 26.23
CA CYS B 410 -21.50 -22.15 25.05
C CYS B 410 -22.66 -23.10 24.85
N SER B 411 -23.64 -22.64 24.07
CA SER B 411 -24.74 -23.47 23.62
C SER B 411 -25.05 -23.04 22.18
N SER B 412 -24.95 -23.99 21.25
CA SER B 412 -25.07 -23.65 19.84
C SER B 412 -26.00 -24.62 19.11
N ASN B 413 -26.03 -24.43 17.80
CA ASN B 413 -27.05 -25.02 16.88
C ASN B 413 -26.36 -25.90 15.85
N ILE B 414 -26.39 -27.22 16.04
CA ILE B 414 -25.81 -28.16 15.03
C ILE B 414 -26.71 -28.12 13.79
N THR B 415 -26.17 -27.71 12.63
CA THR B 415 -27.02 -27.56 11.43
C THR B 415 -26.61 -28.50 10.28
N GLY B 416 -25.42 -29.11 10.33
CA GLY B 416 -24.97 -29.94 9.19
C GLY B 416 -23.91 -30.95 9.59
N LEU B 417 -23.68 -31.98 8.77
CA LEU B 417 -22.60 -32.96 9.06
C LEU B 417 -21.65 -33.08 7.87
N ILE B 418 -20.44 -33.62 8.09
CA ILE B 418 -19.47 -33.88 6.97
C ILE B 418 -19.25 -35.40 6.93
N LEU B 419 -19.56 -36.05 5.80
CA LEU B 419 -19.48 -37.53 5.75
C LEU B 419 -18.44 -37.98 4.72
N THR B 420 -17.96 -39.22 4.85
CA THR B 420 -16.93 -39.79 3.92
C THR B 420 -17.20 -41.29 3.76
N ARG B 421 -17.54 -41.71 2.54
CA ARG B 421 -17.85 -43.11 2.28
C ARG B 421 -16.59 -43.91 2.06
N ASP B 422 -16.52 -45.08 2.70
CA ASP B 422 -15.34 -45.97 2.50
C ASP B 422 -15.78 -47.25 1.79
N GLY B 423 -15.17 -47.56 0.65
CA GLY B 423 -15.50 -48.74 -0.12
C GLY B 423 -14.84 -49.99 0.43
N GLY B 424 -15.22 -51.12 -0.15
CA GLY B 424 -14.66 -52.40 0.25
C GLY B 424 -15.67 -53.52 0.00
N ASN B 425 -15.87 -54.34 1.03
CA ASN B 425 -16.77 -55.49 0.94
C ASN B 425 -18.20 -55.04 1.24
N ASN B 426 -18.77 -54.29 0.29
CA ASN B 426 -20.09 -53.72 0.45
C ASN B 426 -20.94 -53.90 -0.80
N HIS B 427 -20.48 -54.73 -1.74
CA HIS B 427 -21.18 -54.89 -3.00
C HIS B 427 -22.44 -55.73 -2.81
N ASN B 428 -22.25 -57.00 -2.41
CA ASN B 428 -23.39 -57.83 -2.07
C ASN B 428 -23.76 -57.66 -0.60
N ASN B 429 -22.78 -57.32 0.23
CA ASN B 429 -23.05 -57.02 1.62
C ASN B 429 -23.99 -55.83 1.74
N ASP B 430 -23.84 -54.86 0.85
CA ASP B 430 -24.66 -53.65 0.84
C ASP B 430 -24.57 -52.93 2.18
N THR B 431 -23.33 -52.76 2.63
CA THR B 431 -23.05 -52.24 3.96
C THR B 431 -22.26 -50.95 3.85
N GLU B 432 -22.72 -50.04 3.00
CA GLU B 432 -22.09 -48.74 2.80
C GLU B 432 -21.73 -48.09 4.13
N THR B 433 -20.43 -47.89 4.36
CA THR B 433 -19.95 -47.34 5.65
C THR B 433 -19.62 -45.85 5.49
N PHE B 434 -20.10 -45.02 6.42
CA PHE B 434 -19.81 -43.56 6.38
C PHE B 434 -19.08 -43.15 7.67
N ARG B 435 -17.98 -42.42 7.54
CA ARG B 435 -17.19 -41.98 8.73
C ARG B 435 -17.19 -40.46 8.77
N PRO B 436 -16.97 -39.81 9.94
CA PRO B 436 -16.87 -38.35 10.00
C PRO B 436 -15.66 -37.80 9.22
N GLY B 437 -15.77 -36.57 8.71
CA GLY B 437 -14.68 -35.95 7.93
C GLY B 437 -14.29 -34.58 8.45
N GLY B 438 -13.59 -33.78 7.64
CA GLY B 438 -13.16 -32.46 8.04
C GLY B 438 -11.76 -32.15 7.56
N GLY B 439 -11.08 -31.23 8.24
CA GLY B 439 -9.72 -30.87 7.88
C GLY B 439 -9.58 -29.97 6.69
N ASP B 440 -10.68 -29.55 6.07
CA ASP B 440 -10.66 -28.64 4.93
C ASP B 440 -11.28 -27.33 5.36
N MET B 441 -10.64 -26.21 5.04
CA MET B 441 -11.28 -24.92 5.37
C MET B 441 -12.37 -24.58 4.35
N ARG B 442 -12.27 -25.05 3.11
CA ARG B 442 -13.25 -24.63 2.07
C ARG B 442 -14.63 -25.28 2.25
N ASP B 443 -14.70 -26.53 2.69
CA ASP B 443 -15.98 -27.24 2.72
C ASP B 443 -16.99 -26.58 3.66
N ASN B 444 -16.53 -26.07 4.81
CA ASN B 444 -17.45 -25.43 5.75
C ASN B 444 -18.25 -24.34 5.04
N TRP B 445 -17.62 -23.67 4.08
CA TRP B 445 -18.25 -22.53 3.43
C TRP B 445 -18.85 -22.92 2.10
N ARG B 446 -18.32 -23.97 1.49
CA ARG B 446 -19.03 -24.61 0.39
C ARG B 446 -20.43 -24.98 0.81
N SER B 447 -20.58 -25.40 2.06
CA SER B 447 -21.91 -25.69 2.59
C SER B 447 -22.80 -24.46 2.65
N GLU B 448 -22.23 -23.26 2.56
CA GLU B 448 -23.00 -22.04 2.71
C GLU B 448 -23.08 -21.20 1.45
N LEU B 449 -22.23 -21.46 0.46
CA LEU B 449 -22.20 -20.57 -0.74
C LEU B 449 -22.80 -21.24 -1.97
N TYR B 450 -23.27 -22.48 -1.86
CA TYR B 450 -23.77 -23.18 -3.03
C TYR B 450 -24.90 -22.43 -3.70
N LYS B 451 -25.75 -21.76 -2.93
CA LYS B 451 -26.92 -21.10 -3.50
C LYS B 451 -26.59 -19.83 -4.26
N TYR B 452 -25.42 -19.23 -4.05
CA TYR B 452 -25.08 -17.96 -4.67
C TYR B 452 -24.06 -18.15 -5.78
N LYS B 453 -24.14 -17.28 -6.79
CA LYS B 453 -23.08 -17.21 -7.79
C LYS B 453 -23.07 -15.81 -8.39
N VAL B 454 -21.88 -15.35 -8.75
CA VAL B 454 -21.66 -13.96 -9.17
C VAL B 454 -21.71 -13.88 -10.69
N VAL B 455 -22.30 -12.81 -11.21
CA VAL B 455 -22.32 -12.56 -12.64
C VAL B 455 -22.03 -11.09 -12.90
N LYS B 456 -21.19 -10.81 -13.89
CA LYS B 456 -20.94 -9.42 -14.27
C LYS B 456 -22.09 -8.93 -15.12
N ILE B 457 -22.40 -7.63 -15.05
CA ILE B 457 -23.58 -7.12 -15.80
C ILE B 457 -23.09 -6.31 -17.01
N GLU B 458 -23.43 -6.79 -18.21
CA GLU B 458 -23.07 -6.08 -19.48
C GLU B 458 -24.34 -5.37 -19.98
N PRO B 459 -24.56 -4.05 -19.74
CA PRO B 459 -25.83 -3.42 -20.11
C PRO B 459 -26.03 -3.05 -21.59
N LEU B 460 -24.96 -2.86 -22.36
CA LEU B 460 -25.13 -2.40 -23.76
C LEU B 460 -25.66 -3.54 -24.63
N GLY B 461 -26.74 -3.30 -25.38
CA GLY B 461 -27.35 -4.34 -26.24
C GLY B 461 -27.67 -3.78 -27.62
N VAL B 462 -27.78 -4.67 -28.63
CA VAL B 462 -28.06 -4.22 -30.03
C VAL B 462 -29.32 -4.90 -30.54
N ALA B 463 -30.17 -4.16 -31.28
CA ALA B 463 -31.42 -4.73 -31.83
C ALA B 463 -31.72 -4.15 -33.23
N PRO B 464 -31.63 -4.92 -34.36
CA PRO B 464 -32.02 -4.38 -35.67
C PRO B 464 -33.45 -3.80 -35.72
N THR B 465 -33.59 -2.56 -36.21
CA THR B 465 -34.90 -1.91 -36.25
C THR B 465 -34.94 -1.02 -37.48
N LYS B 466 -36.13 -0.86 -38.05
CA LYS B 466 -36.23 -0.22 -39.36
C LYS B 466 -36.18 1.30 -39.27
N ALA B 467 -36.13 1.84 -38.06
CA ALA B 467 -36.07 3.29 -37.92
C ALA B 467 -34.73 3.78 -38.47
N LYS B 468 -34.77 4.76 -39.37
CA LYS B 468 -33.56 5.42 -39.82
C LYS B 468 -33.40 6.72 -39.05
N ARG B 469 -32.15 7.06 -38.74
CA ARG B 469 -31.76 7.96 -37.64
C ARG B 469 -32.72 9.11 -37.36
N LEU C 1 -31.57 -2.25 -5.66
CA LEU C 1 -32.97 -1.80 -5.88
C LEU C 1 -33.14 -1.39 -7.35
N GLY C 2 -34.30 -1.70 -7.95
CA GLY C 2 -34.56 -1.30 -9.34
C GLY C 2 -33.91 -2.22 -10.35
N PHE C 3 -33.43 -3.39 -9.89
CA PHE C 3 -32.85 -4.38 -10.84
C PHE C 3 -33.93 -4.79 -11.83
N LEU C 4 -33.58 -4.89 -13.11
CA LEU C 4 -34.60 -5.19 -14.15
C LEU C 4 -35.19 -6.59 -13.95
N GLY C 5 -36.50 -6.72 -14.12
CA GLY C 5 -37.17 -8.05 -14.03
C GLY C 5 -37.43 -8.55 -15.43
N ALA C 6 -36.85 -7.89 -16.44
CA ALA C 6 -37.10 -8.25 -17.86
C ALA C 6 -36.13 -9.34 -18.30
N ALA C 7 -35.31 -9.86 -17.38
CA ALA C 7 -34.32 -10.90 -17.73
C ALA C 7 -35.07 -12.11 -18.30
N GLY C 8 -36.20 -12.47 -17.70
CA GLY C 8 -37.02 -13.58 -18.24
C GLY C 8 -37.93 -13.09 -19.34
N SER C 9 -38.32 -11.81 -19.30
CA SER C 9 -39.21 -11.24 -20.34
C SER C 9 -38.57 -11.27 -21.74
N THR C 10 -39.40 -11.41 -22.76
CA THR C 10 -38.92 -11.45 -24.18
C THR C 10 -38.38 -10.11 -24.66
N MET C 11 -37.07 -10.00 -24.90
CA MET C 11 -36.41 -8.74 -25.36
C MET C 11 -37.39 -7.71 -25.95
N GLY C 12 -38.07 -8.04 -27.05
CA GLY C 12 -38.92 -7.02 -27.72
C GLY C 12 -40.07 -6.50 -26.86
N ALA C 13 -40.85 -7.39 -26.25
CA ALA C 13 -41.97 -6.98 -25.39
C ALA C 13 -41.42 -6.15 -24.24
N ALA C 14 -40.33 -6.62 -23.61
CA ALA C 14 -39.72 -5.91 -22.47
C ALA C 14 -39.21 -4.54 -22.89
N SER C 15 -38.58 -4.44 -24.07
CA SER C 15 -37.96 -3.16 -24.50
C SER C 15 -38.99 -2.05 -24.63
N ILE C 16 -40.20 -2.36 -25.12
CA ILE C 16 -41.17 -1.25 -25.39
C ILE C 16 -41.97 -0.89 -24.13
N THR C 17 -41.65 0.24 -23.50
CA THR C 17 -42.43 0.78 -22.35
C THR C 17 -42.49 -0.19 -21.17
N LEU C 18 -41.54 -1.11 -21.03
CA LEU C 18 -41.53 -1.99 -19.82
C LEU C 18 -40.17 -1.93 -19.14
N THR C 19 -39.10 -1.66 -19.89
CA THR C 19 -37.74 -1.71 -19.30
C THR C 19 -37.08 -0.32 -19.30
N VAL C 20 -37.48 0.56 -20.21
CA VAL C 20 -36.76 1.87 -20.33
C VAL C 20 -36.85 2.68 -19.03
N GLN C 21 -38.04 2.77 -18.43
CA GLN C 21 -38.23 3.54 -17.18
C GLN C 21 -37.42 2.91 -16.05
N ALA C 22 -37.45 1.58 -15.95
CA ALA C 22 -36.73 0.86 -14.87
C ALA C 22 -35.22 1.05 -15.01
N ARG C 23 -34.71 1.03 -16.23
CA ARG C 23 -33.24 1.16 -16.46
C ARG C 23 -32.75 2.45 -15.79
N LEU C 24 -33.44 3.57 -15.98
CA LEU C 24 -32.94 4.85 -15.43
C LEU C 24 -33.15 4.87 -13.91
N LEU C 25 -34.22 4.25 -13.44
CA LEU C 25 -34.48 4.16 -11.99
C LEU C 25 -33.32 3.36 -11.36
N LEU C 26 -32.88 2.29 -12.03
CA LEU C 26 -31.77 1.46 -11.51
C LEU C 26 -30.51 2.34 -11.42
N SER C 27 -30.25 3.15 -12.44
CA SER C 27 -29.03 4.00 -12.43
C SER C 27 -29.12 4.99 -11.26
N GLY C 28 -30.31 5.57 -11.05
CA GLY C 28 -30.48 6.53 -9.95
C GLY C 28 -30.22 5.85 -8.61
N ILE C 29 -30.75 4.64 -8.44
CA ILE C 29 -30.58 3.90 -7.17
C ILE C 29 -29.08 3.60 -6.96
N VAL C 30 -28.38 3.17 -8.01
CA VAL C 30 -26.95 2.81 -7.80
C VAL C 30 -26.21 4.09 -7.43
N GLN C 31 -26.58 5.21 -8.04
CA GLN C 31 -25.92 6.51 -7.74
C GLN C 31 -26.16 6.86 -6.27
N GLN C 32 -27.39 6.69 -5.79
CA GLN C 32 -27.72 7.00 -4.37
C GLN C 32 -26.89 6.10 -3.45
N GLN C 33 -26.78 4.82 -3.80
CA GLN C 33 -26.02 3.86 -2.94
C GLN C 33 -24.56 4.31 -2.90
N ASN C 34 -24.01 4.71 -4.04
CA ASN C 34 -22.59 5.14 -4.10
C ASN C 34 -22.42 6.38 -3.22
N ASN C 35 -23.38 7.31 -3.29
CA ASN C 35 -23.29 8.56 -2.49
C ASN C 35 -23.30 8.17 -1.01
N LEU C 36 -24.19 7.25 -0.63
CA LEU C 36 -24.31 6.85 0.80
C LEU C 36 -22.97 6.25 1.23
N LEU C 37 -22.37 5.42 0.38
CA LEU C 37 -21.10 4.74 0.73
C LEU C 37 -19.98 5.80 0.88
N ARG C 38 -19.92 6.78 -0.02
CA ARG C 38 -18.78 7.74 0.02
C ARG C 38 -18.92 8.70 1.19
N ALA C 39 -20.15 8.97 1.64
CA ALA C 39 -20.31 9.98 2.72
C ALA C 39 -20.05 9.30 4.07
N ILE C 40 -20.59 8.10 4.26
CA ILE C 40 -20.43 7.41 5.56
C ILE C 40 -18.93 7.14 5.77
N GLU C 41 -18.25 6.69 4.72
CA GLU C 41 -16.81 6.34 4.86
C GLU C 41 -15.99 7.59 5.19
N ALA C 42 -16.30 8.72 4.54
CA ALA C 42 -15.57 9.98 4.79
C ALA C 42 -15.79 10.41 6.24
N GLN C 43 -17.03 10.27 6.74
CA GLN C 43 -17.33 10.62 8.15
C GLN C 43 -16.56 9.70 9.10
N GLN C 44 -16.44 8.42 8.77
CA GLN C 44 -15.81 7.45 9.71
C GLN C 44 -14.28 7.45 9.64
N HIS C 45 -13.70 7.79 8.49
CA HIS C 45 -12.21 7.69 8.32
C HIS C 45 -11.75 6.27 8.70
N LEU C 46 -12.60 5.28 8.47
CA LEU C 46 -12.23 3.86 8.74
C LEU C 46 -11.62 3.28 7.46
N LEU C 47 -11.15 4.13 6.55
CA LEU C 47 -10.62 3.67 5.24
C LEU C 47 -9.11 3.44 5.34
N GLN C 48 -8.56 3.41 6.55
CA GLN C 48 -7.10 3.16 6.73
C GLN C 48 -6.75 1.83 6.09
N LEU C 49 -5.63 1.74 5.37
CA LEU C 49 -5.31 0.52 4.61
C LEU C 49 -5.09 -0.69 5.51
N THR C 50 -5.80 -1.79 5.19
CA THR C 50 -5.69 -3.09 5.92
C THR C 50 -6.16 -4.09 4.86
N VAL C 51 -6.32 -5.38 5.15
CA VAL C 51 -6.71 -6.29 4.04
C VAL C 51 -8.08 -5.86 3.50
N TRP C 52 -9.03 -5.63 4.39
CA TRP C 52 -10.40 -5.23 3.98
C TRP C 52 -10.36 -3.85 3.30
N GLY C 53 -9.52 -2.95 3.80
CA GLY C 53 -9.40 -1.61 3.19
C GLY C 53 -8.92 -1.71 1.75
N ILE C 54 -7.93 -2.57 1.49
CA ILE C 54 -7.45 -2.78 0.10
C ILE C 54 -8.57 -3.40 -0.74
N LYS C 55 -9.29 -4.37 -0.16
CA LYS C 55 -10.33 -5.09 -0.95
C LYS C 55 -11.44 -4.12 -1.38
N GLN C 56 -11.83 -3.18 -0.52
CA GLN C 56 -12.95 -2.24 -0.82
C GLN C 56 -12.47 -1.16 -1.79
N LEU C 57 -11.23 -0.69 -1.62
CA LEU C 57 -10.66 0.34 -2.52
C LEU C 57 -10.63 -0.24 -3.94
N GLN C 58 -10.03 -1.42 -4.11
CA GLN C 58 -9.96 -2.06 -5.45
C GLN C 58 -11.37 -2.16 -6.03
N ALA C 59 -12.34 -2.59 -5.22
CA ALA C 59 -13.71 -2.79 -5.74
C ALA C 59 -14.26 -1.45 -6.26
N ARG C 60 -13.99 -0.37 -5.53
CA ARG C 60 -14.46 0.97 -5.94
C ARG C 60 -13.77 1.37 -7.25
N VAL C 61 -12.46 1.13 -7.36
CA VAL C 61 -11.71 1.47 -8.56
C VAL C 61 -12.24 0.69 -9.75
N LEU C 62 -12.50 -0.61 -9.56
CA LEU C 62 -13.08 -1.41 -10.63
C LEU C 62 -14.43 -0.86 -11.05
N ALA C 63 -15.26 -0.47 -10.09
CA ALA C 63 -16.59 0.02 -10.42
C ALA C 63 -16.51 1.28 -11.26
N VAL C 64 -15.70 2.25 -10.83
CA VAL C 64 -15.61 3.50 -11.57
C VAL C 64 -15.00 3.26 -12.94
N GLU C 65 -13.99 2.39 -13.00
CA GLU C 65 -13.37 2.04 -14.28
C GLU C 65 -14.41 1.49 -15.24
N ARG C 66 -15.25 0.58 -14.76
CA ARG C 66 -16.23 -0.07 -15.61
C ARG C 66 -17.27 0.92 -16.10
N TYR C 67 -17.80 1.73 -15.19
CA TYR C 67 -18.79 2.71 -15.60
C TYR C 67 -18.21 3.67 -16.63
N LEU C 68 -16.98 4.12 -16.39
CA LEU C 68 -16.36 5.04 -17.33
C LEU C 68 -16.14 4.37 -18.68
N ARG C 69 -15.80 3.09 -18.67
CA ARG C 69 -15.73 2.35 -19.93
C ARG C 69 -17.03 2.47 -20.70
N ASP C 70 -18.14 2.15 -20.03
CA ASP C 70 -19.42 2.13 -20.71
C ASP C 70 -19.76 3.51 -21.26
N GLN C 71 -19.66 4.53 -20.40
CA GLN C 71 -19.96 5.89 -20.83
C GLN C 71 -19.01 6.34 -21.92
N GLN C 72 -17.75 5.89 -21.87
CA GLN C 72 -16.76 6.26 -22.85
C GLN C 72 -17.15 5.78 -24.23
N LEU C 73 -17.44 4.48 -24.32
CA LEU C 73 -17.93 3.86 -25.59
C LEU C 73 -19.16 4.66 -26.06
N LEU C 74 -20.13 4.79 -25.17
CA LEU C 74 -21.43 5.38 -25.48
C LEU C 74 -21.26 6.77 -26.09
N GLY C 75 -20.38 7.58 -25.51
CA GLY C 75 -20.11 8.88 -26.08
C GLY C 75 -19.33 8.83 -27.37
N ILE C 76 -18.23 8.05 -27.40
CA ILE C 76 -17.30 8.12 -28.51
C ILE C 76 -17.90 7.64 -29.81
N TRP C 77 -19.04 6.96 -29.78
CA TRP C 77 -19.72 6.79 -31.06
C TRP C 77 -21.08 7.45 -31.04
N GLY C 78 -21.13 8.68 -30.52
CA GLY C 78 -22.17 9.63 -30.88
C GLY C 78 -23.46 9.50 -30.13
N CYS C 79 -23.56 8.60 -29.15
CA CYS C 79 -24.79 8.45 -28.39
C CYS C 79 -24.70 9.13 -27.03
N SER C 80 -24.09 10.32 -26.98
CA SER C 80 -23.94 11.04 -25.72
C SER C 80 -25.29 11.35 -25.07
N GLY C 81 -26.39 11.00 -25.73
CA GLY C 81 -27.73 11.38 -25.23
C GLY C 81 -28.30 10.44 -24.19
N LYS C 82 -29.18 9.51 -24.60
CA LYS C 82 -29.89 8.65 -23.62
C LYS C 82 -29.75 7.17 -23.99
N LEU C 83 -30.07 6.27 -23.05
CA LEU C 83 -29.97 4.80 -23.29
C LEU C 83 -30.34 4.46 -24.74
N ILE C 84 -31.52 4.89 -25.20
CA ILE C 84 -31.95 4.52 -26.55
C ILE C 84 -31.31 5.46 -27.54
N CYS C 85 -30.84 4.90 -28.66
CA CYS C 85 -30.09 5.68 -29.63
C CYS C 85 -30.11 4.94 -30.96
N THR C 86 -30.40 5.64 -32.03
CA THR C 86 -30.40 5.03 -33.35
C THR C 86 -29.01 5.13 -33.96
N THR C 87 -28.87 4.60 -35.17
CA THR C 87 -27.63 4.75 -35.91
C THR C 87 -27.90 4.54 -37.40
N ALA C 88 -26.88 4.83 -38.20
CA ALA C 88 -27.02 4.88 -39.64
C ALA C 88 -26.74 3.56 -40.34
N VAL C 89 -25.92 2.69 -39.76
CA VAL C 89 -25.51 1.47 -40.43
C VAL C 89 -26.74 0.62 -40.75
N PRO C 90 -26.95 0.26 -42.01
CA PRO C 90 -27.99 -0.72 -42.32
C PRO C 90 -27.61 -2.08 -41.77
N TRP C 91 -28.61 -2.74 -41.19
CA TRP C 91 -28.36 -4.04 -40.56
C TRP C 91 -28.32 -5.12 -41.62
N ASN C 92 -27.10 -5.55 -41.96
CA ASN C 92 -26.90 -6.64 -42.96
C ASN C 92 -27.63 -7.89 -42.46
N ALA C 93 -28.76 -8.21 -43.06
CA ALA C 93 -29.62 -9.33 -42.60
C ALA C 93 -28.86 -10.66 -42.62
N SER C 94 -27.79 -10.75 -43.39
CA SER C 94 -26.97 -11.98 -43.39
C SER C 94 -26.61 -12.37 -41.96
N TRP C 95 -26.19 -11.38 -41.16
CA TRP C 95 -25.80 -11.64 -39.74
C TRP C 95 -26.79 -12.60 -39.10
N SER C 96 -28.09 -12.29 -39.12
CA SER C 96 -29.09 -13.27 -38.63
C SER C 96 -30.29 -13.18 -39.57
N ASN C 97 -30.36 -14.02 -40.62
CA ASN C 97 -31.57 -13.97 -41.50
C ASN C 97 -32.81 -14.34 -40.68
N LYS C 98 -33.33 -13.40 -39.90
CA LYS C 98 -34.53 -13.60 -39.10
C LYS C 98 -35.39 -12.35 -39.18
N THR C 99 -36.69 -12.51 -38.95
CA THR C 99 -37.61 -11.38 -39.09
C THR C 99 -37.84 -10.71 -37.74
N LEU C 100 -38.21 -9.42 -37.80
CA LEU C 100 -38.30 -8.58 -36.57
C LEU C 100 -39.41 -9.02 -35.60
N ASP C 101 -40.64 -9.17 -36.08
CA ASP C 101 -41.77 -9.44 -35.13
C ASP C 101 -41.52 -10.73 -34.35
N MET C 102 -41.10 -11.79 -35.04
CA MET C 102 -40.92 -13.10 -34.35
C MET C 102 -39.85 -12.94 -33.27
N ILE C 103 -38.73 -12.29 -33.61
CA ILE C 103 -37.61 -12.14 -32.64
C ILE C 103 -38.12 -11.34 -31.45
N TRP C 104 -38.84 -10.25 -31.70
CA TRP C 104 -39.31 -9.37 -30.59
C TRP C 104 -40.25 -10.13 -29.67
N ASN C 105 -41.14 -10.97 -30.22
CA ASN C 105 -42.14 -11.66 -29.38
C ASN C 105 -41.57 -12.94 -28.74
N ASN C 106 -40.40 -13.42 -29.17
CA ASN C 106 -39.95 -14.74 -28.67
C ASN C 106 -38.54 -14.77 -28.05
N MET C 107 -37.67 -13.83 -28.41
CA MET C 107 -36.24 -13.96 -28.04
C MET C 107 -35.92 -13.06 -26.84
N THR C 108 -34.99 -13.48 -25.97
CA THR C 108 -34.62 -12.68 -24.81
C THR C 108 -33.18 -12.24 -24.93
N TRP C 109 -32.85 -11.20 -24.18
CA TRP C 109 -31.58 -10.50 -24.38
C TRP C 109 -30.37 -11.41 -24.19
N MET C 110 -30.34 -12.23 -23.14
CA MET C 110 -29.18 -13.06 -22.90
C MET C 110 -28.94 -14.04 -24.05
N GLU C 111 -29.95 -14.82 -24.40
CA GLU C 111 -29.78 -15.77 -25.48
C GLU C 111 -29.61 -15.08 -26.82
N TRP C 112 -30.13 -13.86 -26.96
CA TRP C 112 -29.97 -13.11 -28.23
C TRP C 112 -28.48 -12.81 -28.46
N GLU C 113 -27.84 -12.15 -27.49
CA GLU C 113 -26.51 -11.54 -27.71
C GLU C 113 -25.44 -12.64 -27.86
N ARG C 114 -25.68 -13.83 -27.32
CA ARG C 114 -24.63 -14.88 -27.27
C ARG C 114 -24.44 -15.50 -28.65
N GLU C 115 -25.43 -15.35 -29.54
CA GLU C 115 -25.30 -15.86 -30.93
C GLU C 115 -25.07 -14.67 -31.88
N ILE C 116 -24.87 -13.47 -31.33
CA ILE C 116 -24.52 -12.27 -32.14
C ILE C 116 -23.04 -11.94 -31.92
N ASP C 117 -22.43 -12.47 -30.86
CA ASP C 117 -21.07 -12.11 -30.52
C ASP C 117 -20.08 -12.16 -31.69
N ASN C 118 -20.38 -13.00 -32.67
CA ASN C 118 -19.51 -13.17 -33.85
C ASN C 118 -19.56 -11.91 -34.71
N TYR C 119 -20.77 -11.37 -34.86
CA TYR C 119 -20.94 -10.21 -35.73
C TYR C 119 -20.89 -8.91 -34.96
N THR C 120 -20.78 -8.98 -33.63
CA THR C 120 -20.76 -7.72 -32.83
C THR C 120 -19.53 -6.91 -33.24
N GLY C 121 -18.39 -7.57 -33.44
CA GLY C 121 -17.20 -6.89 -33.99
C GLY C 121 -17.58 -6.08 -35.22
N LEU C 122 -18.17 -6.75 -36.21
CA LEU C 122 -18.50 -6.08 -37.50
C LEU C 122 -19.44 -4.90 -37.26
N ILE C 123 -20.53 -5.11 -36.51
CA ILE C 123 -21.53 -4.00 -36.38
C ILE C 123 -20.86 -2.78 -35.73
N TYR C 124 -20.04 -2.98 -34.69
CA TYR C 124 -19.42 -1.82 -33.99
C TYR C 124 -18.45 -1.09 -34.92
N THR C 125 -17.67 -1.84 -35.70
CA THR C 125 -16.72 -1.21 -36.66
C THR C 125 -17.50 -0.42 -37.72
N LEU C 126 -18.64 -0.96 -38.18
CA LEU C 126 -19.46 -0.24 -39.18
C LEU C 126 -19.99 1.04 -38.54
N ILE C 127 -20.39 0.96 -37.27
CA ILE C 127 -20.92 2.14 -36.54
C ILE C 127 -19.84 3.24 -36.53
N GLU C 128 -18.63 2.92 -36.10
CA GLU C 128 -17.58 3.98 -36.03
C GLU C 128 -17.40 4.61 -37.42
N GLU C 129 -17.50 3.78 -38.48
CA GLU C 129 -17.39 4.31 -39.87
C GLU C 129 -18.55 5.29 -40.12
N SER C 130 -19.76 4.96 -39.65
CA SER C 130 -20.93 5.85 -39.85
C SER C 130 -20.68 7.18 -39.12
N GLN C 131 -20.09 7.12 -37.92
CA GLN C 131 -19.75 8.37 -37.20
C GLN C 131 -18.80 9.20 -38.08
N ASN C 132 -17.67 8.61 -38.48
CA ASN C 132 -16.71 9.27 -39.40
C ASN C 132 -17.49 9.89 -40.57
N GLN C 133 -18.33 9.07 -41.23
CA GLN C 133 -19.09 9.51 -42.43
C GLN C 133 -19.82 10.82 -42.13
N GLN C 134 -20.64 10.85 -41.08
CA GLN C 134 -21.55 12.01 -40.83
C GLN C 134 -20.71 13.22 -40.38
N GLU C 135 -19.53 12.97 -39.79
CA GLU C 135 -18.66 14.06 -39.29
C GLU C 135 -17.92 14.71 -40.46
N LYS C 136 -17.63 13.94 -41.52
CA LYS C 136 -17.00 14.50 -42.73
C LYS C 136 -18.09 14.90 -43.73
N ASN C 137 -19.36 14.65 -43.38
CA ASN C 137 -20.52 15.20 -44.13
C ASN C 137 -20.88 16.56 -43.53
N GLU C 138 -20.52 16.79 -42.26
CA GLU C 138 -20.78 18.09 -41.59
C GLU C 138 -19.47 18.89 -41.53
N LYS D 1 -46.44 31.08 -11.75
CA LYS D 1 -45.94 29.78 -11.32
C LYS D 1 -44.48 29.58 -11.71
N LEU D 2 -43.83 28.62 -11.08
CA LEU D 2 -42.40 28.44 -11.23
C LEU D 2 -42.06 26.98 -11.48
N TRP D 3 -40.90 26.78 -12.10
CA TRP D 3 -40.32 25.45 -12.36
C TRP D 3 -38.90 25.55 -11.81
N VAL D 4 -38.46 24.52 -11.11
CA VAL D 4 -37.13 24.61 -10.49
C VAL D 4 -36.10 24.72 -11.61
N THR D 5 -35.01 25.44 -11.35
CA THR D 5 -33.91 25.55 -12.33
C THR D 5 -32.62 25.14 -11.61
N VAL D 6 -31.88 24.20 -12.21
CA VAL D 6 -30.65 23.64 -11.59
C VAL D 6 -29.44 24.54 -11.91
N TYR D 7 -28.54 24.72 -10.94
CA TYR D 7 -27.32 25.55 -11.17
C TYR D 7 -26.10 24.81 -10.59
N TYR D 8 -25.10 24.51 -11.42
CA TYR D 8 -23.87 23.83 -10.95
C TYR D 8 -22.82 24.89 -10.58
N GLY D 9 -22.18 24.77 -9.42
CA GLY D 9 -21.03 25.64 -9.10
C GLY D 9 -21.45 26.86 -8.30
N VAL D 10 -22.29 26.65 -7.29
CA VAL D 10 -22.83 27.80 -6.50
C VAL D 10 -22.10 27.85 -5.14
N PRO D 11 -21.96 29.02 -4.49
CA PRO D 11 -21.41 29.11 -3.13
C PRO D 11 -22.24 28.50 -2.00
N VAL D 12 -22.46 27.18 -2.05
CA VAL D 12 -22.81 26.40 -0.82
C VAL D 12 -21.61 25.52 -0.46
N TRP D 13 -21.14 25.64 0.78
CA TRP D 13 -20.19 24.65 1.37
C TRP D 13 -20.86 24.04 2.60
N LYS D 14 -20.18 23.12 3.29
CA LYS D 14 -20.78 22.42 4.46
C LYS D 14 -19.69 21.98 5.43
N GLU D 15 -19.95 22.05 6.74
CA GLU D 15 -18.97 21.53 7.74
C GLU D 15 -18.62 20.10 7.35
N ALA D 16 -17.34 19.75 7.33
CA ALA D 16 -16.98 18.43 6.82
C ALA D 16 -15.60 18.03 7.34
N THR D 17 -15.24 16.79 7.04
CA THR D 17 -13.97 16.18 7.40
C THR D 17 -13.38 15.53 6.16
N THR D 18 -12.05 15.53 6.07
CA THR D 18 -11.40 14.86 4.95
C THR D 18 -9.92 14.70 5.25
N THR D 19 -9.19 14.18 4.27
CA THR D 19 -7.76 13.89 4.43
C THR D 19 -6.96 14.98 3.75
N LEU D 20 -5.76 15.25 4.26
CA LEU D 20 -4.92 16.33 3.76
C LEU D 20 -3.52 15.81 3.47
N PHE D 21 -2.78 16.55 2.63
CA PHE D 21 -1.41 16.20 2.29
C PHE D 21 -0.52 17.44 2.43
N CYS D 22 0.78 17.18 2.54
CA CYS D 22 1.71 18.29 2.85
C CYS D 22 2.44 18.83 1.62
N ALA D 23 3.01 20.02 1.78
CA ALA D 23 3.84 20.61 0.69
C ALA D 23 5.13 21.16 1.34
N SER D 24 6.31 20.77 0.85
CA SER D 24 7.58 21.18 1.49
C SER D 24 8.33 22.18 0.60
N ASP D 25 7.79 22.49 -0.58
CA ASP D 25 8.41 23.40 -1.57
C ASP D 25 9.46 22.67 -2.42
N ALA D 26 9.81 23.23 -3.57
CA ALA D 26 10.83 22.63 -4.47
C ALA D 26 12.20 22.62 -3.80
N LYS D 27 12.54 23.66 -3.05
CA LYS D 27 13.91 23.79 -2.48
C LYS D 27 14.25 22.62 -1.54
N ALA D 28 13.29 22.17 -0.73
CA ALA D 28 13.55 21.02 0.18
C ALA D 28 13.87 19.78 -0.67
N TYR D 29 13.13 19.56 -1.75
CA TYR D 29 13.42 18.42 -2.66
C TYR D 29 14.80 18.62 -3.30
N ASP D 30 15.13 19.85 -3.66
CA ASP D 30 16.42 20.14 -4.34
C ASP D 30 17.60 19.77 -3.42
N THR D 31 17.50 20.07 -2.13
CA THR D 31 18.58 19.69 -1.18
C THR D 31 18.70 18.16 -1.17
N GLU D 32 17.56 17.45 -1.14
CA GLU D 32 17.57 15.96 -1.23
C GLU D 32 18.48 15.35 -0.16
N VAL D 33 18.46 15.87 1.08
CA VAL D 33 19.45 15.41 2.08
C VAL D 33 18.83 14.53 3.19
N HIS D 34 19.05 13.20 3.11
CA HIS D 34 18.60 12.26 4.17
C HIS D 34 17.08 12.28 4.38
N ASN D 35 16.32 12.93 3.49
CA ASN D 35 14.84 12.86 3.58
C ASN D 35 14.39 13.25 4.99
N VAL D 36 14.87 14.40 5.50
CA VAL D 36 14.53 14.82 6.90
C VAL D 36 13.01 14.94 7.01
N TRP D 37 12.42 14.40 8.08
CA TRP D 37 10.93 14.39 8.21
C TRP D 37 10.36 13.69 6.98
N ALA D 38 9.47 14.36 6.23
CA ALA D 38 8.98 13.77 4.96
C ALA D 38 9.20 14.81 3.86
N THR D 39 10.47 15.10 3.56
CA THR D 39 10.82 16.12 2.53
C THR D 39 10.34 15.68 1.14
N HIS D 40 10.54 14.41 0.80
CA HIS D 40 10.21 13.95 -0.59
C HIS D 40 8.71 13.71 -0.74
N ALA D 41 8.10 13.02 0.23
CA ALA D 41 6.65 12.70 0.12
C ALA D 41 5.84 13.97 -0.16
N CYS D 42 6.21 15.09 0.46
CA CYS D 42 5.42 16.34 0.31
C CYS D 42 5.43 16.80 -1.14
N VAL D 43 4.27 17.23 -1.66
CA VAL D 43 4.17 17.71 -3.06
C VAL D 43 4.87 19.08 -3.18
N PRO D 44 5.57 19.47 -4.28
CA PRO D 44 6.13 20.82 -4.36
C PRO D 44 5.02 21.86 -4.20
N THR D 45 5.17 22.78 -3.24
CA THR D 45 4.15 23.78 -2.98
C THR D 45 3.93 24.66 -4.20
N ASP D 46 2.71 25.13 -4.37
CA ASP D 46 2.41 26.02 -5.49
C ASP D 46 3.18 27.32 -5.35
N PRO D 47 3.72 27.86 -6.44
CA PRO D 47 4.45 29.15 -6.34
C PRO D 47 3.59 30.31 -5.85
N ASN D 48 2.32 30.37 -6.25
CA ASN D 48 1.46 31.51 -5.98
C ASN D 48 0.29 31.12 -5.10
N PRO D 49 0.33 31.46 -3.81
CA PRO D 49 -0.82 31.20 -2.94
C PRO D 49 -2.04 31.97 -3.42
N GLN D 50 -3.21 31.35 -3.25
CA GLN D 50 -4.47 31.97 -3.60
C GLN D 50 -5.32 32.13 -2.34
N GLU D 51 -5.59 33.37 -1.97
CA GLU D 51 -6.33 33.69 -0.74
C GLU D 51 -7.48 34.62 -1.10
N VAL D 52 -8.58 34.02 -1.57
CA VAL D 52 -9.76 34.84 -1.99
C VAL D 52 -10.46 35.34 -0.72
N VAL D 53 -10.35 36.65 -0.45
CA VAL D 53 -11.00 37.23 0.75
C VAL D 53 -12.52 37.08 0.59
N LEU D 54 -13.21 36.67 1.66
CA LEU D 54 -14.68 36.49 1.61
C LEU D 54 -15.32 37.62 2.44
N GLU D 55 -16.27 38.34 1.85
CA GLU D 55 -16.92 39.48 2.56
C GLU D 55 -18.36 39.08 2.90
N ASN D 56 -19.03 39.81 3.79
CA ASN D 56 -20.46 39.50 4.06
C ASN D 56 -20.58 38.10 4.70
N VAL D 57 -19.52 37.62 5.36
CA VAL D 57 -19.52 36.24 5.92
C VAL D 57 -19.32 36.30 7.45
N THR D 58 -20.18 35.62 8.22
CA THR D 58 -20.11 35.61 9.71
C THR D 58 -19.83 34.20 10.24
N GLU D 59 -19.23 33.31 9.43
CA GLU D 59 -19.00 31.89 9.81
C GLU D 59 -18.54 31.71 11.27
N ASN D 60 -19.14 30.76 11.99
CA ASN D 60 -18.73 30.44 13.35
C ASN D 60 -17.54 29.49 13.34
N PHE D 61 -16.63 29.68 14.28
CA PHE D 61 -15.48 28.82 14.47
C PHE D 61 -15.43 28.32 15.91
N ASN D 62 -14.82 27.16 16.10
CA ASN D 62 -14.56 26.62 17.42
C ASN D 62 -13.35 25.69 17.29
N MET D 63 -12.23 26.08 17.86
CA MET D 63 -11.00 25.34 17.65
C MET D 63 -10.92 24.10 18.53
N TRP D 64 -11.72 24.03 19.60
CA TRP D 64 -11.59 22.89 20.50
C TRP D 64 -12.21 21.62 19.95
N LYS D 65 -13.09 21.69 18.95
CA LYS D 65 -13.47 20.47 18.26
C LYS D 65 -13.15 20.57 16.78
N ASN D 66 -11.97 21.10 16.45
CA ASN D 66 -11.47 21.09 15.09
C ASN D 66 -10.77 19.75 14.89
N ASN D 67 -11.17 19.01 13.87
CA ASN D 67 -10.70 17.64 13.70
C ASN D 67 -9.26 17.59 13.19
N MET D 68 -8.84 18.61 12.43
CA MET D 68 -7.50 18.54 11.78
C MET D 68 -6.41 18.64 12.84
N VAL D 69 -6.73 19.18 14.02
CA VAL D 69 -5.71 19.19 15.11
C VAL D 69 -5.42 17.72 15.45
N GLU D 70 -6.47 16.91 15.59
CA GLU D 70 -6.30 15.46 15.87
C GLU D 70 -5.63 14.79 14.67
N GLN D 71 -6.05 15.15 13.46
CA GLN D 71 -5.47 14.54 12.23
C GLN D 71 -3.96 14.84 12.20
N MET D 72 -3.58 16.11 12.42
CA MET D 72 -2.15 16.47 12.31
C MET D 72 -1.36 15.68 13.35
N HIS D 73 -1.91 15.55 14.57
CA HIS D 73 -1.16 14.84 15.65
C HIS D 73 -0.93 13.39 15.25
N GLU D 74 -1.97 12.72 14.75
CA GLU D 74 -1.82 11.29 14.37
C GLU D 74 -0.82 11.18 13.22
N ASP D 75 -0.88 12.12 12.26
CA ASP D 75 0.04 12.07 11.09
C ASP D 75 1.48 12.19 11.59
N ILE D 76 1.74 13.12 12.51
CA ILE D 76 3.11 13.34 13.02
C ILE D 76 3.56 12.05 13.71
N ILE D 77 2.66 11.47 14.52
CA ILE D 77 3.08 10.25 15.28
C ILE D 77 3.44 9.15 14.26
N SER D 78 2.61 9.00 13.22
CA SER D 78 2.85 7.91 12.23
C SER D 78 4.17 8.15 11.51
N LEU D 79 4.46 9.41 11.15
CA LEU D 79 5.70 9.73 10.43
C LEU D 79 6.90 9.39 11.33
N TRP D 80 6.81 9.75 12.61
CA TRP D 80 7.94 9.45 13.53
C TRP D 80 8.11 7.92 13.65
N ASP D 81 7.00 7.19 13.71
CA ASP D 81 7.07 5.72 13.84
C ASP D 81 7.74 5.14 12.59
N GLN D 82 7.38 5.64 11.41
CA GLN D 82 7.98 5.14 10.15
C GLN D 82 9.48 5.43 10.16
N SER D 83 9.87 6.62 10.64
CA SER D 83 11.30 7.00 10.69
C SER D 83 12.07 6.08 11.65
N LEU D 84 11.47 5.71 12.80
CA LEU D 84 12.26 4.93 13.80
C LEU D 84 12.08 3.42 13.61
N LYS D 85 11.15 3.00 12.76
CA LYS D 85 10.85 1.55 12.58
C LYS D 85 12.08 0.75 12.11
N PRO D 86 12.88 1.18 11.10
CA PRO D 86 14.01 0.39 10.62
C PRO D 86 15.31 0.73 11.38
N CYS D 87 15.21 1.59 12.40
CA CYS D 87 16.42 2.04 13.15
C CYS D 87 17.00 0.90 14.01
N VAL D 88 18.26 1.04 14.42
CA VAL D 88 18.94 -0.04 15.21
C VAL D 88 18.14 -0.31 16.49
N LYS D 89 17.92 -1.59 16.81
CA LYS D 89 17.20 -1.95 18.06
C LYS D 89 18.21 -1.95 19.20
N LEU D 90 17.84 -1.42 20.37
CA LEU D 90 18.85 -1.28 21.46
C LEU D 90 18.57 -2.22 22.65
N THR D 91 17.75 -3.25 22.47
CA THR D 91 17.37 -4.11 23.63
C THR D 91 18.58 -4.81 24.29
N PRO D 92 19.60 -5.37 23.59
CA PRO D 92 20.69 -6.10 24.27
C PRO D 92 21.57 -5.32 25.25
N LEU D 93 21.75 -4.01 25.04
CA LEU D 93 22.69 -3.21 25.88
C LEU D 93 22.19 -3.09 27.33
N CYS D 94 21.04 -3.67 27.66
CA CYS D 94 20.52 -3.49 29.02
C CYS D 94 21.15 -4.52 29.95
N VAL D 95 22.24 -4.10 30.60
CA VAL D 95 22.97 -4.90 31.56
C VAL D 95 23.31 -4.04 32.77
N THR D 96 24.10 -4.61 33.69
CA THR D 96 24.65 -3.83 34.78
C THR D 96 25.81 -2.97 34.28
N LEU D 97 25.99 -1.80 34.90
CA LEU D 97 27.03 -0.86 34.50
C LEU D 97 27.93 -0.58 35.69
N ASN D 98 29.25 -0.55 35.47
CA ASN D 98 30.27 -0.22 36.48
C ASN D 98 30.89 1.15 36.18
N CYS D 99 30.52 2.17 36.94
CA CYS D 99 30.70 3.56 36.58
C CYS D 99 31.62 4.28 37.56
N THR D 100 32.46 5.15 37.02
CA THR D 100 33.25 6.08 37.81
C THR D 100 32.52 7.43 37.85
N ASP D 101 33.20 8.47 38.31
CA ASP D 101 32.48 9.71 38.60
C ASP D 101 32.04 10.43 37.34
N LEU D 102 32.95 11.05 36.60
CA LEU D 102 32.61 11.44 35.24
C LEU D 102 33.63 10.92 34.23
N ARG D 103 34.79 11.56 34.25
CA ARG D 103 36.01 11.07 33.55
C ARG D 103 37.02 10.79 34.66
N ASN D 104 37.26 11.83 35.45
CA ASN D 104 38.41 12.01 36.37
C ASN D 104 37.97 12.93 37.51
N VAL D 105 38.75 12.98 38.60
CA VAL D 105 38.45 13.87 39.70
C VAL D 105 39.12 15.24 39.51
N THR D 106 39.87 15.41 38.43
CA THR D 106 40.62 16.65 38.20
C THR D 106 39.71 17.75 37.66
N ASN D 107 38.71 18.10 38.47
CA ASN D 107 37.80 19.18 38.11
C ASN D 107 38.39 20.52 38.55
N ILE D 108 38.02 21.57 37.84
CA ILE D 108 38.57 22.89 38.09
C ILE D 108 37.54 23.82 38.75
N SER D 112 35.10 22.41 35.56
CA SER D 112 35.27 23.71 36.21
C SER D 112 34.11 24.00 37.16
N GLU D 113 33.23 23.02 37.32
CA GLU D 113 32.07 23.16 38.19
C GLU D 113 32.16 22.27 39.43
N GLY D 114 32.97 21.22 39.40
CA GLY D 114 33.07 20.30 40.51
C GLY D 114 32.47 18.95 40.19
N MET D 115 31.89 18.29 41.20
CA MET D 115 31.28 16.99 41.03
C MET D 115 29.90 17.17 40.39
N ARG D 116 29.83 17.01 39.07
CA ARG D 116 28.56 17.09 38.37
C ARG D 116 27.97 15.69 38.21
N GLY D 117 28.78 14.74 37.75
CA GLY D 117 28.33 13.38 37.61
C GLY D 117 27.73 13.10 36.25
N GLU D 118 28.00 13.97 35.31
CA GLU D 118 27.27 13.88 34.06
C GLU D 118 27.93 13.01 33.01
N ILE D 119 29.02 12.29 33.30
CA ILE D 119 29.68 11.50 32.26
C ILE D 119 29.67 10.02 32.65
N LYS D 120 30.06 9.75 33.89
CA LYS D 120 29.91 8.49 34.61
C LYS D 120 30.84 7.38 34.12
N ASN D 121 31.54 7.60 32.99
CA ASN D 121 32.45 6.60 32.34
C ASN D 121 32.07 5.18 32.77
N CYS D 122 30.87 4.75 32.39
CA CYS D 122 30.32 3.45 32.79
C CYS D 122 30.92 2.33 31.96
N SER D 123 31.33 1.25 32.63
CA SER D 123 31.86 0.07 31.98
C SER D 123 30.91 -1.09 32.17
N PHE D 124 30.94 -2.06 31.25
CA PHE D 124 29.98 -3.18 31.31
C PHE D 124 30.52 -4.39 30.54
N ASN D 125 29.85 -5.55 30.66
CA ASN D 125 30.26 -6.75 29.89
C ASN D 125 29.20 -6.97 28.82
N ILE D 126 29.57 -6.96 27.53
CA ILE D 126 28.54 -7.08 26.45
C ILE D 126 29.01 -8.05 25.35
N THR D 127 28.08 -8.78 24.74
CA THR D 127 28.44 -9.71 23.63
C THR D 127 28.76 -8.90 22.37
N THR D 128 29.75 -9.34 21.58
CA THR D 128 30.12 -8.65 20.31
C THR D 128 29.30 -9.21 19.14
N SER D 129 29.44 -8.60 17.96
CA SER D 129 28.74 -9.11 16.75
C SER D 129 28.82 -10.64 16.68
N ILE D 130 30.04 -11.19 16.80
CA ILE D 130 30.20 -12.68 16.80
C ILE D 130 29.74 -13.20 18.15
N ARG D 131 28.90 -14.24 18.17
CA ARG D 131 28.35 -14.77 19.45
C ARG D 131 29.49 -15.31 20.32
N ASP D 132 30.48 -15.95 19.72
CA ASP D 132 31.58 -16.60 20.50
C ASP D 132 32.36 -15.56 21.31
N LYS D 133 32.64 -14.38 20.75
CA LYS D 133 33.51 -13.40 21.46
C LYS D 133 32.69 -12.44 22.33
N VAL D 134 33.08 -12.26 23.58
CA VAL D 134 32.41 -11.27 24.48
C VAL D 134 33.48 -10.28 24.94
N LYS D 135 33.24 -8.97 24.78
CA LYS D 135 34.29 -7.96 25.12
C LYS D 135 33.76 -6.96 26.14
N LYS D 136 34.55 -6.67 27.18
CA LYS D 136 34.15 -5.66 28.19
C LYS D 136 34.43 -4.26 27.61
N ASP D 137 33.37 -3.49 27.33
CA ASP D 137 33.53 -2.13 26.73
C ASP D 137 33.05 -1.07 27.70
N TYR D 138 33.02 0.20 27.26
CA TYR D 138 32.53 1.30 28.11
C TYR D 138 31.68 2.27 27.31
N ALA D 139 31.10 3.22 28.03
CA ALA D 139 30.34 4.29 27.38
C ALA D 139 30.05 5.38 28.40
N LEU D 140 29.98 6.62 27.97
CA LEU D 140 29.68 7.78 28.79
C LEU D 140 28.17 8.02 28.83
N PHE D 141 27.64 8.35 30.02
CA PHE D 141 26.17 8.53 30.18
C PHE D 141 25.88 9.68 31.12
N TYR D 142 24.82 10.46 30.83
CA TYR D 142 24.43 11.58 31.72
C TYR D 142 23.77 11.02 32.99
N ARG D 143 23.74 11.83 34.05
CA ARG D 143 23.18 11.36 35.35
C ARG D 143 21.70 10.99 35.15
N LEU D 144 20.99 11.77 34.34
CA LEU D 144 19.55 11.52 34.07
C LEU D 144 19.39 10.14 33.40
N ASP D 145 20.31 9.77 32.50
CA ASP D 145 20.21 8.50 31.74
C ASP D 145 20.27 7.27 32.66
N VAL D 146 21.09 7.29 33.72
CA VAL D 146 21.25 6.05 34.55
C VAL D 146 20.69 6.26 35.96
N VAL D 147 19.87 5.32 36.45
CA VAL D 147 19.34 5.40 37.84
C VAL D 147 20.18 4.50 38.75
N PRO D 148 20.43 4.81 40.05
CA PRO D 148 21.13 3.86 40.91
C PRO D 148 20.25 2.60 40.97
N ILE D 149 20.85 1.43 40.73
CA ILE D 149 20.09 0.15 40.72
C ILE D 149 20.81 -0.79 41.68
N ASP D 150 20.08 -1.71 42.32
CA ASP D 150 20.70 -2.62 43.32
C ASP D 150 21.33 -1.76 44.43
N ASN D 151 20.96 -0.48 44.52
CA ASN D 151 21.50 0.40 45.58
C ASN D 151 23.03 0.46 45.52
N ASP D 152 23.70 -0.07 46.54
CA ASP D 152 25.18 0.07 46.72
C ASP D 152 25.64 1.46 46.24
N ASN D 153 26.65 1.50 45.36
CA ASN D 153 27.24 2.78 44.88
C ASN D 153 27.63 2.66 43.41
N THR D 154 27.94 1.44 42.96
CA THR D 154 28.65 1.24 41.67
C THR D 154 27.84 0.33 40.74
N SER D 155 26.54 0.19 40.99
CA SER D 155 25.67 -0.59 40.12
C SER D 155 24.64 0.33 39.49
N TYR D 156 24.49 0.25 38.17
CA TYR D 156 23.64 1.18 37.46
C TYR D 156 23.04 0.45 36.26
N ARG D 157 21.93 1.02 35.74
CA ARG D 157 21.22 0.44 34.57
C ARG D 157 20.38 1.56 33.96
N LEU D 158 19.96 1.41 32.70
CA LEU D 158 19.20 2.48 32.01
C LEU D 158 17.84 2.67 32.69
N ILE D 159 17.23 3.86 32.54
CA ILE D 159 15.95 4.15 33.24
C ILE D 159 14.87 3.18 32.77
N ASN D 160 14.80 2.92 31.45
CA ASN D 160 13.74 2.03 30.93
C ASN D 160 14.36 0.73 30.43
N CYS D 161 14.02 -0.40 31.05
CA CYS D 161 14.50 -1.71 30.55
C CYS D 161 13.35 -2.71 30.65
N ASN D 162 12.97 -3.10 31.86
CA ASN D 162 11.78 -3.97 32.02
C ASN D 162 10.55 -3.18 31.56
N THR D 163 10.50 -1.90 31.92
CA THR D 163 9.32 -1.05 31.58
C THR D 163 9.14 -0.84 30.07
N SER D 164 10.22 -0.60 29.32
CA SER D 164 10.04 -0.24 27.88
C SER D 164 11.30 -0.41 27.05
N THR D 165 11.15 -0.99 25.85
CA THR D 165 12.24 -1.19 24.90
C THR D 165 12.72 0.15 24.38
N ILE D 166 13.95 0.11 23.82
CA ILE D 166 14.56 1.35 23.26
C ILE D 166 15.16 1.07 21.89
N THR D 167 15.01 1.98 20.93
CA THR D 167 15.63 1.90 19.60
C THR D 167 16.23 3.29 19.35
N GLN D 168 17.53 3.33 19.10
CA GLN D 168 18.20 4.62 18.93
C GLN D 168 17.76 5.31 17.67
N ALA D 169 17.89 6.63 17.65
CA ALA D 169 17.65 7.37 16.43
C ALA D 169 18.67 7.00 15.38
N CYS D 170 18.13 6.80 14.16
CA CYS D 170 18.99 6.44 13.00
C CYS D 170 19.94 7.61 12.80
N PRO D 171 21.25 7.42 12.55
CA PRO D 171 22.14 8.60 12.55
C PRO D 171 22.05 9.52 11.35
N LYS D 172 21.78 9.01 10.16
CA LYS D 172 21.89 9.85 8.97
C LYS D 172 20.83 10.94 8.97
N VAL D 173 19.61 10.60 9.38
CA VAL D 173 18.48 11.58 9.34
C VAL D 173 18.74 12.74 10.31
N SER D 174 18.13 13.90 10.05
CA SER D 174 18.32 15.10 10.90
C SER D 174 16.95 15.53 11.45
N PHE D 175 16.91 16.29 12.54
CA PHE D 175 15.60 16.65 13.16
C PHE D 175 15.23 18.11 12.90
N GLU D 176 15.98 18.82 12.05
CA GLU D 176 15.72 20.26 11.78
C GLU D 176 14.34 20.42 11.11
N PRO D 177 13.27 20.99 11.74
CA PRO D 177 11.97 21.02 11.10
C PRO D 177 11.97 21.94 9.88
N ILE D 178 11.07 21.65 8.96
CA ILE D 178 10.92 22.45 7.74
C ILE D 178 9.46 22.83 7.61
N PRO D 179 9.13 23.93 6.95
CA PRO D 179 7.73 24.32 6.82
C PRO D 179 6.94 23.27 6.06
N ILE D 180 5.68 23.10 6.46
CA ILE D 180 4.78 22.14 5.85
C ILE D 180 3.49 22.86 5.52
N HIS D 181 2.93 22.58 4.35
CA HIS D 181 1.69 23.21 3.93
C HIS D 181 0.65 22.11 3.72
N TYR D 182 -0.36 22.08 4.58
CA TYR D 182 -1.48 21.18 4.37
C TYR D 182 -2.36 21.69 3.24
N CYS D 183 -2.66 20.81 2.29
CA CYS D 183 -3.44 21.15 1.11
C CYS D 183 -4.55 20.14 0.95
N THR D 184 -5.74 20.63 0.70
CA THR D 184 -6.89 19.77 0.55
C THR D 184 -7.00 19.24 -0.88
N PRO D 185 -7.62 18.09 -1.08
CA PRO D 185 -7.99 17.68 -2.43
C PRO D 185 -9.13 18.54 -2.95
N ALA D 186 -9.40 18.43 -4.25
CA ALA D 186 -10.44 19.23 -4.87
C ALA D 186 -11.79 18.96 -4.21
N GLY D 187 -12.69 19.92 -4.34
CA GLY D 187 -14.00 19.83 -3.72
C GLY D 187 -14.04 20.28 -2.28
N PHE D 188 -12.96 20.82 -1.74
CA PHE D 188 -12.91 21.29 -0.37
C PHE D 188 -12.14 22.60 -0.32
N ALA D 189 -12.27 23.30 0.80
CA ALA D 189 -11.55 24.56 0.97
C ALA D 189 -11.27 24.78 2.45
N ILE D 190 -10.34 25.70 2.73
CA ILE D 190 -10.02 26.06 4.11
C ILE D 190 -10.37 27.52 4.32
N LEU D 191 -11.08 27.79 5.40
CA LEU D 191 -11.51 29.12 5.79
C LEU D 191 -10.58 29.64 6.87
N LYS D 192 -10.18 30.89 6.74
CA LYS D 192 -9.23 31.55 7.61
C LYS D 192 -9.92 32.75 8.24
N CYS D 193 -9.91 32.82 9.57
CA CYS D 193 -10.48 33.95 10.29
C CYS D 193 -9.38 34.99 10.44
N LYS D 194 -9.52 36.11 9.73
CA LYS D 194 -8.47 37.11 9.63
C LYS D 194 -8.60 38.24 10.64
N ASP D 195 -9.50 38.12 11.61
CA ASP D 195 -9.73 39.22 12.54
C ASP D 195 -8.49 39.46 13.41
N LYS D 196 -8.34 40.69 13.90
CA LYS D 196 -7.14 41.08 14.68
C LYS D 196 -7.13 40.33 16.01
N LYS D 197 -8.29 40.24 16.66
CA LYS D 197 -8.42 39.55 17.97
C LYS D 197 -9.57 38.53 17.89
N PHE D 198 -9.29 37.27 18.25
CA PHE D 198 -10.31 36.24 18.25
C PHE D 198 -10.14 35.41 19.51
N ASN D 199 -11.24 35.11 20.22
CA ASN D 199 -11.06 34.37 21.50
C ASN D 199 -11.24 32.87 21.28
N GLY D 200 -11.21 32.43 20.01
CA GLY D 200 -11.14 31.03 19.72
C GLY D 200 -12.47 30.38 19.35
N THR D 201 -13.59 30.98 19.74
CA THR D 201 -14.91 30.43 19.42
C THR D 201 -15.89 31.58 19.20
N GLY D 202 -16.64 31.50 18.11
CA GLY D 202 -17.64 32.50 17.80
C GLY D 202 -17.67 32.85 16.33
N PRO D 203 -18.54 33.79 15.96
CA PRO D 203 -18.55 34.27 14.58
C PRO D 203 -17.29 35.07 14.27
N CYS D 204 -16.96 35.15 12.98
CA CYS D 204 -15.78 35.86 12.52
C CYS D 204 -16.16 36.78 11.37
N LYS D 205 -15.63 38.01 11.39
CA LYS D 205 -15.95 39.01 10.34
C LYS D 205 -14.97 38.82 9.17
N ASN D 206 -13.69 39.04 9.44
CA ASN D 206 -12.69 39.02 8.34
C ASN D 206 -12.38 37.56 7.99
N VAL D 207 -12.78 37.09 6.80
CA VAL D 207 -12.61 35.65 6.44
C VAL D 207 -11.93 35.54 5.07
N SER D 208 -11.15 34.47 4.83
CA SER D 208 -10.53 34.26 3.50
C SER D 208 -10.49 32.76 3.17
N THR D 209 -10.76 32.39 1.92
CA THR D 209 -10.62 30.96 1.51
C THR D 209 -9.22 30.79 0.91
N VAL D 210 -8.48 29.77 1.33
CA VAL D 210 -7.08 29.62 0.85
C VAL D 210 -6.89 28.23 0.22
N GLN D 211 -6.04 28.11 -0.79
CA GLN D 211 -5.74 26.77 -1.37
C GLN D 211 -5.03 25.91 -0.33
N CYS D 212 -4.08 26.47 0.42
CA CYS D 212 -3.27 25.66 1.38
C CYS D 212 -2.94 26.48 2.63
N THR D 213 -2.63 25.80 3.75
CA THR D 213 -2.21 26.49 4.99
C THR D 213 -0.75 26.95 4.86
N HIS D 214 -0.34 27.95 5.64
CA HIS D 214 1.08 28.43 5.62
C HIS D 214 1.98 27.37 6.26
N GLY D 215 3.30 27.44 6.02
CA GLY D 215 4.21 26.51 6.64
C GLY D 215 4.11 26.51 8.16
N ILE D 216 4.07 25.33 8.76
CA ILE D 216 3.93 25.25 10.21
C ILE D 216 5.30 25.05 10.84
N ARG D 217 6.17 24.30 10.14
CA ARG D 217 7.48 23.95 10.74
C ARG D 217 7.21 23.37 12.13
N PRO D 218 6.68 22.13 12.24
CA PRO D 218 6.26 21.62 13.55
C PRO D 218 7.39 21.61 14.57
N VAL D 219 7.15 22.20 15.74
CA VAL D 219 8.16 22.19 16.84
C VAL D 219 7.44 21.64 18.08
N VAL D 220 8.02 20.64 18.75
CA VAL D 220 7.40 20.15 20.00
C VAL D 220 8.21 20.74 21.17
N SER D 221 7.57 21.53 22.02
CA SER D 221 8.27 22.17 23.17
C SER D 221 7.33 22.23 24.38
N THR D 222 7.90 22.32 25.58
CA THR D 222 7.07 22.32 26.81
C THR D 222 7.22 23.67 27.53
N GLN D 223 6.14 24.18 28.12
CA GLN D 223 6.17 25.46 28.89
C GLN D 223 6.44 26.64 27.95
N LEU D 224 6.79 26.39 26.69
CA LEU D 224 7.18 27.47 25.81
C LEU D 224 6.80 27.11 24.39
N LEU D 225 6.72 28.12 23.54
CA LEU D 225 6.47 27.94 22.12
C LEU D 225 7.60 28.60 21.34
N LEU D 226 8.19 27.85 20.39
CA LEU D 226 9.34 28.38 19.62
C LEU D 226 9.02 28.32 18.13
N ASN D 227 9.57 29.25 17.34
CA ASN D 227 9.38 29.20 15.86
C ASN D 227 7.88 29.10 15.53
N GLY D 228 7.05 29.96 16.12
CA GLY D 228 5.59 29.87 15.93
C GLY D 228 4.97 31.18 15.45
N SER D 229 3.71 31.14 14.99
CA SER D 229 3.04 32.36 14.46
C SER D 229 2.85 33.41 15.56
N LEU D 230 2.88 34.69 15.20
CA LEU D 230 2.78 35.78 16.20
C LEU D 230 1.46 36.55 16.02
N ALA D 231 0.75 36.82 17.11
CA ALA D 231 -0.49 37.65 17.05
C ALA D 231 -0.08 39.08 16.68
N GLU D 232 -0.93 39.83 16.00
CA GLU D 232 -0.52 41.18 15.53
C GLU D 232 -1.24 42.29 16.28
N GLU D 233 -0.50 43.21 16.93
CA GLU D 233 -1.08 44.42 17.58
C GLU D 233 -1.72 44.13 18.94
N GLU D 234 -1.71 42.87 19.41
CA GLU D 234 -2.24 42.60 20.77
C GLU D 234 -1.76 41.23 21.28
N VAL D 235 -1.91 40.98 22.59
CA VAL D 235 -1.58 39.64 23.15
C VAL D 235 -2.92 38.96 23.41
N VAL D 236 -3.14 37.76 22.88
CA VAL D 236 -4.49 37.12 23.02
C VAL D 236 -4.40 35.88 23.91
N ILE D 237 -5.31 35.78 24.89
CA ILE D 237 -5.31 34.63 25.84
C ILE D 237 -6.55 33.77 25.55
N ARG D 238 -6.36 32.46 25.31
CA ARG D 238 -7.50 31.57 24.93
C ARG D 238 -7.57 30.39 25.89
N SER D 239 -8.78 29.95 26.25
CA SER D 239 -8.97 28.76 27.12
C SER D 239 -10.31 28.09 26.79
N SER D 240 -10.40 26.76 26.92
CA SER D 240 -11.69 26.06 26.68
C SER D 240 -12.72 26.53 27.72
N ASN D 241 -12.32 26.60 28.99
CA ASN D 241 -13.22 27.13 30.05
C ASN D 241 -12.40 28.07 30.93
N PHE D 242 -12.65 29.37 30.85
CA PHE D 242 -11.95 30.33 31.74
C PHE D 242 -12.38 30.07 33.18
N THR D 243 -13.66 29.74 33.38
CA THR D 243 -14.19 29.47 34.74
C THR D 243 -13.48 28.27 35.36
N ASP D 244 -13.19 27.24 34.56
CA ASP D 244 -12.56 26.01 35.12
C ASP D 244 -11.04 26.21 35.23
N ASN D 245 -10.49 26.06 36.44
CA ASN D 245 -9.02 26.20 36.65
C ASN D 245 -8.27 25.09 35.90
N ALA D 246 -8.83 23.88 35.86
CA ALA D 246 -8.12 22.72 35.26
C ALA D 246 -7.82 22.96 33.78
N LYS D 247 -8.73 23.60 33.04
CA LYS D 247 -8.52 23.77 31.57
C LYS D 247 -7.22 24.55 31.31
N ASN D 248 -6.45 24.12 30.31
CA ASN D 248 -5.15 24.79 30.01
C ASN D 248 -5.40 26.17 29.38
N ILE D 249 -4.49 27.12 29.62
CA ILE D 249 -4.62 28.50 29.06
C ILE D 249 -3.51 28.69 28.03
N ILE D 250 -3.85 29.14 26.82
CA ILE D 250 -2.84 29.34 25.74
C ILE D 250 -2.64 30.85 25.54
N VAL D 251 -1.40 31.32 25.59
CA VAL D 251 -1.13 32.78 25.44
C VAL D 251 -0.33 33.00 24.15
N GLN D 252 -0.85 33.83 23.24
CA GLN D 252 -0.09 34.15 21.99
C GLN D 252 0.59 35.50 22.19
N LEU D 253 1.77 35.70 21.60
CA LEU D 253 2.54 36.91 21.83
C LEU D 253 2.54 37.78 20.57
N LYS D 254 2.79 39.07 20.77
CA LYS D 254 2.87 40.01 19.67
C LYS D 254 4.31 40.41 19.31
N GLU D 255 5.31 39.94 20.06
CA GLU D 255 6.70 40.10 19.63
C GLU D 255 7.43 38.79 19.79
N SER D 256 8.38 38.55 18.90
CA SER D 256 9.33 37.46 19.07
C SER D 256 10.26 37.77 20.23
N VAL D 257 10.82 36.73 20.83
CA VAL D 257 11.86 36.88 21.84
C VAL D 257 13.05 36.01 21.46
N GLU D 258 14.22 36.61 21.27
CA GLU D 258 15.40 35.82 20.80
C GLU D 258 16.01 35.03 21.97
N ILE D 259 16.24 33.73 21.75
CA ILE D 259 16.82 32.84 22.75
C ILE D 259 18.06 32.20 22.16
N ASN D 260 19.12 32.12 22.97
CA ASN D 260 20.47 31.72 22.48
C ASN D 260 20.98 30.52 23.27
N CYS D 261 20.64 29.31 22.83
CA CYS D 261 21.04 28.13 23.61
C CYS D 261 22.24 27.47 22.97
N THR D 262 23.09 26.88 23.81
CA THR D 262 24.30 26.25 23.32
C THR D 262 24.73 25.11 24.24
N ARG D 263 25.62 24.26 23.71
CA ARG D 263 26.15 23.10 24.41
C ARG D 263 27.67 23.19 24.34
N PRO D 264 28.28 23.98 25.19
CA PRO D 264 29.71 24.25 25.07
C PRO D 264 30.59 23.05 25.42
N ASN D 265 30.64 22.05 24.55
CA ASN D 265 31.48 20.87 24.76
C ASN D 265 31.87 20.28 23.42
N ASN D 266 33.14 19.94 23.29
CA ASN D 266 33.67 19.34 22.04
C ASN D 266 33.65 17.81 22.18
N ASN D 267 32.81 17.14 21.38
CA ASN D 267 32.40 15.76 21.59
C ASN D 267 32.96 14.84 20.51
N THR D 268 33.17 13.58 20.87
CA THR D 268 33.67 12.57 19.96
C THR D 268 32.66 11.43 19.85
N ARG D 269 32.34 11.03 18.62
CA ARG D 269 31.36 9.97 18.39
C ARG D 269 32.08 8.63 18.25
N LYS D 270 32.21 7.95 19.38
CA LYS D 270 32.80 6.62 19.39
C LYS D 270 31.72 5.58 19.07
N SER D 271 32.00 4.71 18.11
CA SER D 271 31.00 3.77 17.57
C SER D 271 31.43 2.35 17.91
N ILE D 272 30.54 1.62 18.60
CA ILE D 272 30.81 0.22 18.93
C ILE D 272 29.74 -0.66 18.30
N HIS D 273 30.17 -1.77 17.70
CA HIS D 273 29.23 -2.76 17.11
C HIS D 273 28.71 -3.73 18.20
N ILE D 274 27.42 -4.06 18.15
CA ILE D 274 26.83 -5.05 19.04
C ILE D 274 26.15 -6.12 18.20
N GLY D 275 26.28 -6.02 16.89
CA GLY D 275 25.66 -6.97 16.00
C GLY D 275 26.12 -6.80 14.56
N PRO D 276 25.49 -7.54 13.66
CA PRO D 276 25.87 -7.48 12.23
C PRO D 276 25.76 -6.10 11.64
N GLY D 277 24.56 -5.53 11.68
CA GLY D 277 24.35 -4.14 11.33
C GLY D 277 24.21 -3.25 12.53
N ARG D 278 24.33 -3.82 13.73
CA ARG D 278 24.05 -3.09 14.96
C ARG D 278 25.30 -2.30 15.37
N ALA D 279 25.23 -0.99 15.27
CA ALA D 279 26.35 -0.10 15.58
C ALA D 279 25.88 0.99 16.52
N PHE D 280 25.97 0.75 17.82
CA PHE D 280 25.60 1.73 18.83
C PHE D 280 26.60 2.87 18.80
N TYR D 281 26.11 4.10 18.83
CA TYR D 281 26.98 5.27 18.81
C TYR D 281 26.96 5.94 20.18
N THR D 282 28.15 6.10 20.76
CA THR D 282 28.29 6.71 22.07
C THR D 282 29.33 7.82 21.99
N THR D 283 29.42 8.60 23.07
CA THR D 283 30.37 9.70 23.14
C THR D 283 31.77 9.16 23.39
N GLY D 284 32.72 9.61 22.58
CA GLY D 284 34.11 9.24 22.78
C GLY D 284 34.69 9.88 24.02
N ASP D 285 34.80 11.20 24.01
CA ASP D 285 35.32 11.95 25.15
C ASP D 285 34.97 13.41 24.97
N ILE D 286 35.47 14.25 25.87
CA ILE D 286 35.25 15.68 25.82
C ILE D 286 36.60 16.37 25.77
N ILE D 287 36.76 17.30 24.82
CA ILE D 287 38.01 18.09 24.65
C ILE D 287 37.83 19.41 25.43
N GLY D 288 38.60 19.61 26.50
CA GLY D 288 38.49 20.82 27.29
C GLY D 288 37.56 20.69 28.47
N ASP D 289 37.27 21.83 29.08
CA ASP D 289 36.45 21.87 30.28
C ASP D 289 35.00 21.55 29.95
N ILE D 290 34.28 21.06 30.97
CA ILE D 290 32.85 20.67 30.77
C ILE D 290 31.97 21.78 31.34
N ARG D 291 31.24 22.50 30.48
CA ARG D 291 30.34 23.58 30.94
C ARG D 291 28.90 23.14 30.72
N GLN D 292 28.03 23.37 31.71
CA GLN D 292 26.59 23.00 31.57
C GLN D 292 25.96 23.84 30.45
N ALA D 293 25.02 23.26 29.71
CA ALA D 293 24.36 23.99 28.60
C ALA D 293 23.66 25.22 29.19
N HIS D 294 23.69 26.35 28.49
CA HIS D 294 23.11 27.59 29.07
C HIS D 294 22.44 28.44 27.99
N CYS D 295 21.14 28.71 28.15
CA CYS D 295 20.39 29.56 27.19
C CYS D 295 20.47 31.02 27.65
N ASN D 296 20.71 31.95 26.71
CA ASN D 296 20.81 33.38 27.05
C ASN D 296 19.59 34.14 26.58
N ILE D 297 19.10 34.92 27.52
CA ILE D 297 17.81 35.62 27.39
C ILE D 297 17.94 37.01 28.00
N SER D 298 17.36 38.00 27.34
CA SER D 298 17.39 39.38 27.83
C SER D 298 16.35 39.55 28.93
N ARG D 299 16.66 40.43 29.89
CA ARG D 299 15.78 40.68 31.02
C ARG D 299 14.59 41.55 30.66
N THR D 300 14.87 42.76 30.19
CA THR D 300 13.83 43.77 30.04
C THR D 300 12.74 43.31 29.07
N LYS D 301 13.17 42.57 28.05
CA LYS D 301 12.28 42.07 26.97
C LYS D 301 11.36 40.98 27.52
N TRP D 302 11.92 39.98 28.21
CA TRP D 302 11.08 38.91 28.81
C TRP D 302 10.11 39.58 29.79
N ASN D 303 10.63 40.54 30.57
CA ASN D 303 9.78 41.23 31.57
C ASN D 303 8.67 42.01 30.86
N ASN D 304 9.02 42.67 29.75
CA ASN D 304 7.99 43.40 28.98
C ASN D 304 6.87 42.41 28.66
N THR D 305 7.23 41.17 28.28
CA THR D 305 6.17 40.22 27.86
C THR D 305 5.43 39.69 29.09
N LEU D 306 6.11 39.61 30.25
CA LEU D 306 5.44 39.19 31.51
C LEU D 306 4.38 40.22 31.88
N ASN D 307 4.72 41.51 31.77
CA ASN D 307 3.75 42.63 32.00
C ASN D 307 2.64 42.58 30.93
N GLN D 308 3.00 42.26 29.70
CA GLN D 308 1.99 42.19 28.60
C GLN D 308 0.96 41.11 28.96
N ILE D 309 1.43 39.94 29.38
CA ILE D 309 0.52 38.85 29.85
C ILE D 309 -0.34 39.40 30.98
N ALA D 310 0.29 40.02 32.00
CA ALA D 310 -0.43 40.49 33.20
C ALA D 310 -1.66 41.32 32.78
N THR D 311 -1.46 42.38 31.99
CA THR D 311 -2.55 43.29 31.64
C THR D 311 -3.71 42.54 31.01
N LYS D 312 -3.43 41.73 29.99
CA LYS D 312 -4.52 40.99 29.29
C LYS D 312 -5.21 40.05 30.29
N LEU D 313 -4.45 39.52 31.25
CA LEU D 313 -4.95 38.48 32.19
C LEU D 313 -5.89 39.13 33.21
N LYS D 314 -5.56 40.34 33.66
CA LYS D 314 -6.41 41.05 34.65
C LYS D 314 -7.50 41.84 33.92
N GLU D 315 -7.49 41.80 32.58
CA GLU D 315 -8.64 42.27 31.77
C GLU D 315 -9.62 41.11 31.61
N GLN D 316 -9.11 39.87 31.70
CA GLN D 316 -9.98 38.67 31.60
C GLN D 316 -10.73 38.46 32.91
N PHE D 317 -10.01 38.36 34.03
CA PHE D 317 -10.60 37.82 35.28
C PHE D 317 -10.99 38.97 36.23
N GLY D 318 -11.33 40.15 35.69
CA GLY D 318 -11.69 41.28 36.53
C GLY D 318 -10.48 42.08 36.96
N ASN D 319 -10.66 43.41 36.99
CA ASN D 319 -9.58 44.40 37.20
C ASN D 319 -8.85 44.09 38.51
N ASN D 320 -9.57 44.12 39.63
CA ASN D 320 -8.98 44.14 40.95
C ASN D 320 -8.42 42.77 41.36
N LYS D 321 -7.26 42.42 40.83
CA LYS D 321 -6.64 41.14 41.12
C LYS D 321 -5.15 41.34 41.35
N THR D 322 -4.53 40.39 42.02
CA THR D 322 -3.08 40.36 42.22
C THR D 322 -2.57 39.08 41.55
N ILE D 323 -1.46 39.20 40.82
CA ILE D 323 -1.05 38.10 39.96
C ILE D 323 0.16 37.38 40.57
N VAL D 324 0.18 36.07 40.36
CA VAL D 324 1.19 35.20 40.96
C VAL D 324 1.76 34.28 39.89
N PHE D 325 3.09 34.12 39.89
CA PHE D 325 3.74 33.19 38.92
C PHE D 325 4.52 32.15 39.71
N ASN D 326 4.04 30.89 39.74
CA ASN D 326 4.67 29.81 40.54
C ASN D 326 5.06 28.67 39.58
N GLN D 327 6.18 27.99 39.83
CA GLN D 327 6.57 26.84 38.99
C GLN D 327 5.77 25.61 39.42
N SER D 328 5.61 24.62 38.53
CA SER D 328 4.86 23.38 38.88
C SER D 328 5.62 22.63 39.98
N SER D 329 5.03 22.54 41.18
CA SER D 329 5.73 21.90 42.33
C SER D 329 6.01 20.41 42.05
N GLY D 330 5.02 19.68 41.51
CA GLY D 330 5.22 18.25 41.20
C GLY D 330 4.91 17.95 39.75
N GLY D 331 5.84 17.33 39.03
CA GLY D 331 5.63 17.01 37.61
C GLY D 331 6.60 15.96 37.08
N ASP D 332 6.32 15.41 35.90
CA ASP D 332 7.29 14.47 35.26
C ASP D 332 8.48 15.31 34.81
N PRO D 333 9.68 14.77 34.53
CA PRO D 333 10.84 15.62 34.23
C PRO D 333 10.56 16.56 33.05
N GLU D 334 9.93 16.07 31.98
CA GLU D 334 9.56 16.97 30.86
C GLU D 334 8.54 18.01 31.34
N ILE D 335 7.51 17.58 32.07
CA ILE D 335 6.43 18.50 32.53
C ILE D 335 6.92 19.51 33.58
N VAL D 336 7.71 19.06 34.56
CA VAL D 336 8.09 19.96 35.69
C VAL D 336 8.90 21.17 35.22
N MET D 337 9.89 20.99 34.35
CA MET D 337 10.75 22.13 33.96
C MET D 337 10.75 22.31 32.44
N HIS D 338 11.53 23.27 31.92
CA HIS D 338 11.43 23.54 30.47
C HIS D 338 12.29 22.55 29.68
N SER D 339 11.79 22.11 28.53
CA SER D 339 12.54 21.20 27.67
C SER D 339 12.19 21.50 26.21
N PHE D 340 13.14 21.18 25.34
CA PHE D 340 12.96 21.39 23.91
C PHE D 340 14.07 20.69 23.16
N ASN D 341 14.11 20.91 21.85
CA ASN D 341 15.09 20.29 20.98
C ASN D 341 15.90 21.34 20.23
N CYS D 342 17.14 20.97 19.91
CA CYS D 342 18.11 21.85 19.27
C CYS D 342 19.20 21.01 18.63
N GLY D 343 19.27 21.04 17.31
CA GLY D 343 20.33 20.36 16.60
C GLY D 343 20.45 18.88 16.92
N GLY D 344 19.31 18.24 17.14
CA GLY D 344 19.28 16.80 17.48
C GLY D 344 19.78 16.55 18.89
N GLU D 345 19.56 17.50 19.79
CA GLU D 345 19.99 17.34 21.22
C GLU D 345 18.92 17.94 22.13
N PHE D 346 18.34 17.13 23.00
CA PHE D 346 17.14 17.54 23.79
C PHE D 346 17.58 18.21 25.09
N PHE D 347 17.34 19.53 25.19
CA PHE D 347 17.78 20.30 26.33
C PHE D 347 16.66 20.39 27.37
N TYR D 348 17.07 20.37 28.63
CA TYR D 348 16.16 20.49 29.75
C TYR D 348 16.66 21.64 30.62
N CYS D 349 15.99 22.78 30.53
CA CYS D 349 16.43 24.00 31.19
C CYS D 349 15.53 24.27 32.39
N ASN D 350 16.16 24.91 33.36
CA ASN D 350 15.48 25.22 34.63
C ASN D 350 14.80 26.60 34.57
N SER D 351 13.59 26.66 34.03
CA SER D 351 12.87 27.95 33.80
C SER D 351 12.23 28.46 35.10
N THR D 352 12.96 28.43 36.21
CA THR D 352 12.39 28.90 37.50
C THR D 352 12.51 30.42 37.60
N GLN D 353 13.49 30.99 36.89
CA GLN D 353 13.77 32.44 36.94
C GLN D 353 12.91 33.16 35.90
N LEU D 354 12.06 32.40 35.20
CA LEU D 354 11.13 33.01 34.21
C LEU D 354 9.72 32.98 34.80
N PHE D 355 9.55 32.25 35.92
CA PHE D 355 8.19 32.09 36.52
C PHE D 355 8.23 32.33 38.03
N ASN D 356 8.91 33.40 38.47
CA ASN D 356 8.88 33.77 39.92
C ASN D 356 8.58 35.27 39.99
N SER D 357 7.32 35.65 39.72
CA SER D 357 6.94 37.09 39.72
C SER D 357 5.60 37.28 40.43
N THR D 358 5.47 38.35 41.21
CA THR D 358 4.22 38.61 41.97
C THR D 358 3.70 39.98 41.56
N TRP D 359 3.05 40.07 40.40
CA TRP D 359 2.57 41.38 39.90
C TRP D 359 1.54 41.93 40.90
N ASN D 360 1.62 43.23 41.21
CA ASN D 360 0.70 43.85 42.20
C ASN D 360 -0.39 44.64 41.46
N PHE D 361 -1.47 45.00 42.15
CA PHE D 361 -2.54 45.82 41.53
C PHE D 361 -2.03 47.25 41.35
N ASN D 362 -1.26 47.75 42.32
CA ASN D 362 -0.75 49.15 42.26
C ASN D 362 0.76 49.14 41.96
N GLY D 363 1.23 50.12 41.19
CA GLY D 363 2.66 50.20 40.82
C GLY D 363 2.97 49.43 39.55
N THR D 364 1.97 48.77 38.97
CA THR D 364 2.15 48.05 37.69
C THR D 364 2.04 49.02 36.52
N TRP D 365 2.33 48.58 35.29
CA TRP D 365 2.22 49.41 34.06
C TRP D 365 3.49 50.22 33.79
N ASN D 366 4.46 50.21 34.72
CA ASN D 366 5.76 50.88 34.45
C ASN D 366 6.78 49.84 33.94
N LEU D 367 7.26 50.00 32.71
CA LEU D 367 8.12 48.94 32.11
C LEU D 367 9.58 49.14 32.51
N THR D 368 10.45 48.22 32.06
CA THR D 368 11.89 48.40 32.32
C THR D 368 12.49 49.12 31.11
N GLN D 369 12.88 50.38 31.27
CA GLN D 369 13.45 51.17 30.15
C GLN D 369 14.95 51.32 30.38
N SER D 370 15.53 50.43 31.19
CA SER D 370 16.98 50.53 31.55
C SER D 370 17.87 50.85 30.35
N ASN D 371 18.35 52.10 30.24
CA ASN D 371 19.35 52.47 29.21
C ASN D 371 20.74 52.08 29.72
N GLY D 372 20.95 52.21 31.04
CA GLY D 372 22.20 51.74 31.68
C GLY D 372 22.20 50.23 31.82
N THR D 373 22.48 49.52 30.72
CA THR D 373 22.44 48.03 30.69
C THR D 373 23.87 47.49 30.69
N GLU D 374 24.36 47.09 29.51
CA GLU D 374 25.72 46.53 29.30
C GLU D 374 26.22 45.82 30.57
N GLY D 375 25.47 44.78 30.99
CA GLY D 375 25.81 44.05 32.19
C GLY D 375 24.85 42.94 32.56
N ASN D 376 24.40 42.95 33.82
CA ASN D 376 23.57 41.87 34.36
C ASN D 376 22.19 41.93 33.73
N ASP D 377 22.15 41.54 32.46
CA ASP D 377 21.01 41.74 31.59
C ASP D 377 20.62 40.46 30.88
N THR D 378 21.42 39.41 31.11
CA THR D 378 21.17 38.06 30.54
C THR D 378 20.66 37.12 31.64
N ILE D 379 19.42 36.66 31.51
CA ILE D 379 18.92 35.46 32.26
C ILE D 379 19.64 34.22 31.70
N THR D 380 20.48 33.58 32.52
CA THR D 380 21.22 32.37 32.08
C THR D 380 20.53 31.12 32.65
N LEU D 381 20.21 30.16 31.79
CA LEU D 381 19.39 29.02 32.16
C LEU D 381 20.25 27.80 32.40
N PRO D 382 20.22 27.20 33.58
CA PRO D 382 20.88 25.92 33.77
C PRO D 382 20.18 24.84 32.96
N CYS D 383 20.87 24.32 31.95
CA CYS D 383 20.28 23.31 31.07
C CYS D 383 21.10 22.04 31.12
N ARG D 384 20.41 20.92 31.00
CA ARG D 384 21.03 19.60 31.08
C ARG D 384 20.54 18.76 29.91
N ILE D 385 21.10 17.55 29.80
CA ILE D 385 20.93 16.69 28.65
C ILE D 385 20.32 15.38 29.10
N LYS D 386 19.33 14.90 28.36
CA LYS D 386 18.84 13.53 28.47
C LYS D 386 18.91 12.92 27.08
N GLN D 387 19.44 11.70 26.98
CA GLN D 387 19.59 11.09 25.67
C GLN D 387 18.45 10.15 25.36
N ILE D 388 17.83 9.58 26.39
CA ILE D 388 16.73 8.59 26.20
C ILE D 388 15.38 9.27 26.50
N ILE D 389 14.51 9.37 25.47
CA ILE D 389 13.19 10.04 25.60
C ILE D 389 12.10 9.04 25.21
N ASN D 390 11.02 8.96 26.00
CA ASN D 390 9.96 7.95 25.73
C ASN D 390 8.71 8.61 25.16
N MET D 391 7.86 7.84 24.46
CA MET D 391 6.56 8.36 23.98
C MET D 391 5.89 9.14 25.11
N TRP D 392 5.39 10.34 24.82
CA TRP D 392 4.72 11.18 25.85
C TRP D 392 3.52 10.43 26.43
N GLN D 393 2.69 9.84 25.56
CA GLN D 393 1.39 9.26 25.97
C GLN D 393 1.58 7.77 26.29
N GLU D 394 1.95 6.99 25.27
CA GLU D 394 2.17 5.52 25.44
C GLU D 394 3.30 5.30 26.45
N VAL D 395 3.10 4.36 27.39
CA VAL D 395 4.08 4.10 28.48
C VAL D 395 5.28 3.35 27.91
N GLY D 396 5.19 2.92 26.65
CA GLY D 396 6.27 2.14 26.01
C GLY D 396 6.98 2.93 24.93
N LYS D 397 7.78 2.25 24.10
CA LYS D 397 8.43 2.83 22.89
C LYS D 397 9.28 4.05 23.28
N ALA D 398 10.47 3.79 23.82
CA ALA D 398 11.41 4.91 24.11
C ALA D 398 12.48 4.93 23.02
N MET D 399 13.03 6.10 22.71
CA MET D 399 14.14 6.22 21.71
C MET D 399 15.43 6.58 22.43
N TYR D 400 16.57 6.41 21.77
CA TYR D 400 17.87 6.96 22.26
C TYR D 400 18.33 8.05 21.29
N ALA D 401 18.89 9.14 21.83
CA ALA D 401 19.50 10.20 20.99
C ALA D 401 20.98 9.86 20.77
N PRO D 402 21.48 9.56 19.54
CA PRO D 402 22.92 9.44 19.33
C PRO D 402 23.61 10.75 19.65
N PRO D 403 24.83 10.71 20.15
CA PRO D 403 25.56 11.94 20.43
C PRO D 403 25.92 12.66 19.14
N ILE D 404 26.08 13.97 19.23
CA ILE D 404 26.45 14.79 18.09
C ILE D 404 27.85 15.34 18.34
N ARG D 405 28.73 15.15 17.35
CA ARG D 405 30.11 15.58 17.48
C ARG D 405 30.22 17.09 17.43
N GLY D 406 31.27 17.62 18.06
CA GLY D 406 31.56 19.04 17.94
C GLY D 406 30.69 19.90 18.83
N GLN D 407 30.55 21.17 18.41
CA GLN D 407 29.81 22.19 19.20
C GLN D 407 28.36 22.30 18.68
N ILE D 408 27.39 22.41 19.58
CA ILE D 408 25.97 22.64 19.22
C ILE D 408 25.55 24.03 19.70
N ARG D 409 24.88 24.80 18.83
CA ARG D 409 24.32 26.13 19.22
C ARG D 409 23.05 26.41 18.41
N CYS D 410 22.01 26.94 19.08
CA CYS D 410 20.77 27.39 18.39
C CYS D 410 20.50 28.86 18.74
N SER D 411 19.65 29.51 17.93
CA SER D 411 19.11 30.86 18.26
C SER D 411 17.69 30.97 17.71
N SER D 412 16.67 30.84 18.56
CA SER D 412 15.31 30.76 18.05
C SER D 412 14.44 31.88 18.61
N ASN D 413 13.14 31.75 18.29
CA ASN D 413 12.15 32.85 18.25
C ASN D 413 10.99 32.47 19.19
N ILE D 414 11.02 32.95 20.45
CA ILE D 414 9.95 32.59 21.45
C ILE D 414 8.68 33.37 21.13
N THR D 415 7.56 32.67 20.90
CA THR D 415 6.36 33.29 20.38
C THR D 415 5.09 33.01 21.17
N GLY D 416 5.09 32.05 22.10
CA GLY D 416 3.85 31.73 22.78
C GLY D 416 4.10 30.95 24.06
N LEU D 417 3.05 30.85 24.86
CA LEU D 417 3.12 30.27 26.19
C LEU D 417 1.99 29.28 26.42
N ILE D 418 2.22 28.35 27.33
CA ILE D 418 1.18 27.50 27.89
C ILE D 418 1.17 27.72 29.40
N LEU D 419 -0.02 27.98 29.96
CA LEU D 419 -0.12 28.25 31.42
C LEU D 419 -1.30 27.45 31.99
N THR D 420 -1.22 27.09 33.28
CA THR D 420 -2.35 26.38 33.93
C THR D 420 -2.79 27.18 35.17
N ARG D 421 -4.08 27.52 35.26
CA ARG D 421 -4.60 28.23 36.46
C ARG D 421 -4.75 27.22 37.59
N ASP D 422 -4.39 27.61 38.82
CA ASP D 422 -4.62 26.71 39.98
C ASP D 422 -5.54 27.42 40.98
N GLY D 423 -6.59 26.74 41.44
CA GLY D 423 -7.57 27.39 42.34
C GLY D 423 -7.22 27.18 43.80
N GLY D 424 -7.80 27.98 44.69
CA GLY D 424 -7.56 27.85 46.11
C GLY D 424 -7.98 29.12 46.85
N ASN D 425 -7.07 29.62 47.69
CA ASN D 425 -7.33 30.80 48.50
C ASN D 425 -7.01 32.06 47.68
N ASN D 426 -7.87 32.32 46.70
CA ASN D 426 -7.68 33.43 45.78
C ASN D 426 -8.97 34.21 45.56
N HIS D 427 -9.99 33.95 46.38
CA HIS D 427 -11.29 34.59 46.17
C HIS D 427 -11.23 36.04 46.63
N ASN D 428 -11.01 36.26 47.92
CA ASN D 428 -10.81 37.61 48.42
C ASN D 428 -9.34 38.00 48.33
N ASN D 429 -8.45 37.02 48.38
CA ASN D 429 -7.03 37.29 48.18
C ASN D 429 -6.78 37.85 46.79
N ASP D 430 -7.53 37.36 45.80
CA ASP D 430 -7.41 37.80 44.42
C ASP D 430 -5.99 37.60 43.91
N THR D 431 -5.49 36.40 44.18
CA THR D 431 -4.09 36.06 43.93
C THR D 431 -4.00 34.92 42.92
N GLU D 432 -4.75 35.05 41.82
CA GLU D 432 -4.76 34.06 40.75
C GLU D 432 -3.34 33.61 40.39
N THR D 433 -3.08 32.32 40.56
CA THR D 433 -1.75 31.76 40.36
C THR D 433 -1.73 30.91 39.10
N PHE D 434 -0.66 31.05 38.33
CA PHE D 434 -0.52 30.38 37.05
C PHE D 434 0.87 29.78 36.96
N ARG D 435 0.88 28.59 36.36
CA ARG D 435 2.01 27.63 36.41
C ARG D 435 2.33 27.19 34.97
N PRO D 436 3.60 26.96 34.52
CA PRO D 436 3.83 26.44 33.17
C PRO D 436 3.22 25.06 32.99
N GLY D 437 2.83 24.79 31.75
CA GLY D 437 2.19 23.54 31.41
C GLY D 437 2.93 22.83 30.28
N GLY D 438 2.22 21.93 29.63
CA GLY D 438 2.80 21.16 28.54
C GLY D 438 2.39 19.70 28.61
N GLY D 439 3.21 18.83 28.01
CA GLY D 439 2.94 17.41 28.04
C GLY D 439 1.89 16.94 27.09
N ASP D 440 1.30 17.83 26.29
CA ASP D 440 0.28 17.47 25.31
C ASP D 440 0.87 17.71 23.93
N MET D 441 0.71 16.75 23.01
CA MET D 441 1.19 17.01 21.63
C MET D 441 0.19 17.90 20.88
N ARG D 442 -1.10 17.89 21.25
CA ARG D 442 -2.06 18.61 20.44
C ARG D 442 -1.93 20.12 20.61
N ASP D 443 -1.77 20.58 21.84
CA ASP D 443 -1.86 22.00 22.14
C ASP D 443 -0.88 22.84 21.34
N ASN D 444 0.34 22.33 21.13
CA ASN D 444 1.31 23.08 20.34
C ASN D 444 0.74 23.48 19.00
N TRP D 445 -0.03 22.57 18.39
CA TRP D 445 -0.55 22.84 17.02
C TRP D 445 -1.98 23.37 17.08
N ARG D 446 -2.59 23.36 18.26
CA ARG D 446 -3.95 23.94 18.40
C ARG D 446 -3.86 25.43 18.08
N SER D 447 -2.80 26.09 18.56
CA SER D 447 -2.60 27.54 18.27
C SER D 447 -2.39 27.75 16.78
N GLU D 448 -1.59 26.90 16.13
CA GLU D 448 -1.28 27.06 14.69
C GLU D 448 -2.54 26.89 13.84
N LEU D 449 -3.43 25.96 14.19
CA LEU D 449 -4.61 25.67 13.31
C LEU D 449 -5.87 26.37 13.81
N TYR D 450 -5.78 27.28 14.78
CA TYR D 450 -7.00 27.89 15.36
C TYR D 450 -7.77 28.67 14.28
N LYS D 451 -7.07 29.39 13.40
CA LYS D 451 -7.76 30.27 12.42
C LYS D 451 -8.32 29.47 11.25
N TYR D 452 -7.81 28.27 10.98
CA TYR D 452 -8.24 27.54 9.80
C TYR D 452 -9.35 26.55 10.16
N LYS D 453 -10.23 26.31 9.20
CA LYS D 453 -11.17 25.20 9.31
C LYS D 453 -11.60 24.76 7.93
N VAL D 454 -11.86 23.46 7.79
CA VAL D 454 -12.09 22.83 6.50
C VAL D 454 -13.58 22.75 6.23
N VAL D 455 -13.98 22.97 4.98
CA VAL D 455 -15.37 22.82 4.56
C VAL D 455 -15.42 22.10 3.23
N LYS D 456 -16.34 21.15 3.09
CA LYS D 456 -16.59 20.51 1.76
C LYS D 456 -17.32 21.51 0.88
N ILE D 457 -17.23 21.39 -0.44
CA ILE D 457 -17.98 22.30 -1.36
C ILE D 457 -18.99 21.50 -2.17
N GLU D 458 -20.29 21.75 -1.99
CA GLU D 458 -21.31 21.06 -2.83
C GLU D 458 -21.81 22.03 -3.90
N PRO D 459 -21.40 21.84 -5.17
CA PRO D 459 -21.79 22.75 -6.28
C PRO D 459 -23.28 22.77 -6.68
N LEU D 460 -23.95 21.61 -6.67
CA LEU D 460 -25.35 21.54 -7.19
C LEU D 460 -26.36 22.31 -6.34
N GLY D 461 -27.00 23.33 -6.91
CA GLY D 461 -28.09 24.06 -6.22
C GLY D 461 -29.34 24.11 -7.07
N VAL D 462 -30.51 24.26 -6.43
CA VAL D 462 -31.82 24.30 -7.16
C VAL D 462 -32.60 25.53 -6.69
N ALA D 463 -33.21 26.25 -7.63
CA ALA D 463 -33.92 27.51 -7.30
C ALA D 463 -35.10 27.72 -8.27
N PRO D 464 -36.36 27.98 -7.84
CA PRO D 464 -37.45 28.12 -8.82
C PRO D 464 -37.26 29.31 -9.74
N THR D 465 -37.73 29.17 -10.97
CA THR D 465 -37.73 30.24 -11.97
C THR D 465 -38.83 29.93 -12.98
N LYS D 466 -39.41 30.98 -13.55
CA LYS D 466 -40.63 30.80 -14.34
C LYS D 466 -40.34 30.33 -15.75
N ALA D 467 -39.08 30.20 -16.11
CA ALA D 467 -38.75 29.73 -17.45
C ALA D 467 -39.19 28.28 -17.59
N LYS D 468 -39.94 27.98 -18.64
CA LYS D 468 -40.28 26.60 -18.95
C LYS D 468 -39.34 26.12 -20.06
N ARG D 469 -38.95 24.85 -19.97
CA ARG D 469 -37.73 24.30 -20.58
C ARG D 469 -37.35 24.90 -21.91
N LYS E 1 -11.31 38.91 -40.19
CA LYS E 1 -11.15 38.62 -38.77
C LYS E 1 -11.37 37.16 -38.47
N LEU E 2 -10.92 36.72 -37.31
CA LEU E 2 -10.92 35.31 -36.96
C LEU E 2 -11.48 35.09 -35.57
N TRP E 3 -11.97 33.88 -35.35
CA TRP E 3 -12.45 33.41 -34.05
C TRP E 3 -11.72 32.10 -33.82
N VAL E 4 -11.22 31.88 -32.60
CA VAL E 4 -10.44 30.67 -32.37
C VAL E 4 -11.35 29.48 -32.57
N THR E 5 -10.79 28.37 -33.02
CA THR E 5 -11.49 27.11 -33.21
C THR E 5 -10.64 26.02 -32.58
N VAL E 6 -11.29 25.12 -31.87
CA VAL E 6 -10.60 24.17 -31.02
C VAL E 6 -10.68 22.79 -31.64
N TYR E 7 -9.63 22.00 -31.44
CA TYR E 7 -9.53 20.65 -31.97
C TYR E 7 -9.07 19.73 -30.87
N TYR E 8 -9.68 18.55 -30.78
CA TYR E 8 -9.33 17.58 -29.76
C TYR E 8 -8.67 16.39 -30.43
N GLY E 9 -7.37 16.23 -30.18
CA GLY E 9 -6.64 15.18 -30.85
C GLY E 9 -5.75 15.66 -31.97
N VAL E 10 -5.05 16.77 -31.73
CA VAL E 10 -4.05 17.24 -32.67
C VAL E 10 -2.73 16.54 -32.35
N PRO E 11 -1.86 16.34 -33.31
CA PRO E 11 -0.60 15.65 -33.02
C PRO E 11 0.37 16.50 -32.20
N VAL E 12 0.09 16.64 -30.90
CA VAL E 12 0.98 17.42 -29.99
C VAL E 12 1.33 16.57 -28.77
N TRP E 13 2.61 16.20 -28.66
CA TRP E 13 3.18 15.58 -27.44
C TRP E 13 3.92 16.64 -26.62
N LYS E 14 4.67 16.21 -25.58
CA LYS E 14 5.53 17.11 -24.79
C LYS E 14 6.45 16.28 -23.89
N GLU E 15 7.70 16.73 -23.70
CA GLU E 15 8.67 16.03 -22.82
C GLU E 15 8.06 15.87 -21.42
N ALA E 16 8.11 14.64 -20.87
CA ALA E 16 7.35 14.35 -19.67
C ALA E 16 7.93 13.13 -18.97
N THR E 17 7.38 12.85 -17.79
CA THR E 17 7.75 11.73 -16.93
C THR E 17 6.48 11.03 -16.51
N THR E 18 6.55 9.71 -16.33
CA THR E 18 5.40 8.96 -15.85
C THR E 18 5.85 7.57 -15.43
N THR E 19 4.88 6.75 -15.03
CA THR E 19 5.15 5.41 -14.52
C THR E 19 4.87 4.39 -15.61
N LEU E 20 5.59 3.27 -15.58
CA LEU E 20 5.47 2.26 -16.61
C LEU E 20 5.25 0.89 -15.98
N PHE E 21 4.72 -0.04 -16.78
CA PHE E 21 4.50 -1.41 -16.32
C PHE E 21 5.04 -2.39 -17.36
N CYS E 22 5.13 -3.66 -16.95
CA CYS E 22 5.83 -4.68 -17.70
C CYS E 22 4.87 -5.59 -18.46
N ALA E 23 5.46 -6.41 -19.32
CA ALA E 23 4.65 -7.35 -20.14
C ALA E 23 5.57 -8.50 -20.54
N SER E 24 5.50 -9.62 -19.80
CA SER E 24 6.45 -10.75 -19.99
C SER E 24 5.81 -11.82 -20.87
N ASP E 25 5.20 -11.40 -21.99
CA ASP E 25 4.61 -12.34 -22.99
C ASP E 25 3.66 -13.30 -22.27
N ALA E 26 3.91 -14.61 -22.43
CA ALA E 26 3.10 -15.64 -21.73
C ALA E 26 4.00 -16.86 -21.43
N LYS E 27 5.18 -16.90 -22.06
CA LYS E 27 6.04 -18.07 -22.12
C LYS E 27 6.58 -18.48 -20.76
N ALA E 28 7.02 -17.54 -19.94
CA ALA E 28 7.40 -17.88 -18.57
C ALA E 28 6.22 -18.40 -17.76
N TYR E 29 5.04 -17.81 -17.93
CA TYR E 29 3.83 -18.29 -17.31
C TYR E 29 3.39 -19.65 -17.86
N ASP E 30 3.60 -19.89 -19.15
CA ASP E 30 3.33 -21.19 -19.74
C ASP E 30 4.26 -22.28 -19.22
N THR E 31 5.34 -21.91 -18.54
CA THR E 31 6.28 -22.86 -17.97
C THR E 31 6.16 -22.99 -16.46
N GLU E 32 5.51 -22.03 -15.79
CA GLU E 32 5.35 -22.06 -14.34
C GLU E 32 6.68 -22.26 -13.65
N VAL E 33 7.61 -21.31 -13.83
CA VAL E 33 8.94 -21.43 -13.27
C VAL E 33 8.92 -20.81 -11.88
N HIS E 34 7.72 -20.64 -11.33
CA HIS E 34 7.52 -20.25 -9.95
C HIS E 34 8.09 -18.86 -9.70
N ASN E 35 7.59 -17.87 -10.44
CA ASN E 35 7.83 -16.48 -10.11
C ASN E 35 9.31 -16.13 -10.11
N VAL E 36 9.96 -16.11 -11.28
CA VAL E 36 11.39 -15.86 -11.26
C VAL E 36 11.62 -14.36 -11.13
N TRP E 37 11.70 -13.90 -9.87
CA TRP E 37 11.98 -12.48 -9.55
C TRP E 37 11.22 -11.47 -10.42
N ALA E 38 10.24 -11.90 -11.22
CA ALA E 38 9.34 -11.02 -11.99
C ALA E 38 8.62 -11.82 -13.07
N THR E 39 7.54 -12.53 -12.71
CA THR E 39 6.79 -13.33 -13.71
C THR E 39 5.31 -12.96 -13.65
N HIS E 40 4.58 -13.50 -12.67
CA HIS E 40 3.09 -13.44 -12.70
C HIS E 40 2.56 -12.01 -12.57
N ALA E 41 3.40 -11.08 -12.10
CA ALA E 41 2.96 -9.67 -11.92
C ALA E 41 2.83 -8.90 -13.23
N CYS E 42 3.38 -9.43 -14.33
CA CYS E 42 3.40 -8.67 -15.61
C CYS E 42 2.11 -8.92 -16.38
N VAL E 43 1.65 -7.95 -17.17
CA VAL E 43 0.39 -8.09 -17.98
C VAL E 43 0.74 -8.87 -19.26
N PRO E 44 -0.13 -9.70 -19.91
CA PRO E 44 0.28 -10.32 -21.17
C PRO E 44 0.54 -9.27 -22.23
N THR E 45 1.63 -9.47 -22.98
CA THR E 45 2.00 -8.53 -24.03
C THR E 45 1.01 -8.61 -25.17
N ASP E 46 0.80 -7.48 -25.84
CA ASP E 46 -0.10 -7.47 -26.99
C ASP E 46 0.45 -8.34 -28.11
N PRO E 47 -0.39 -9.11 -28.79
CA PRO E 47 0.10 -9.93 -29.90
C PRO E 47 0.74 -9.15 -31.04
N ASN E 48 0.17 -7.98 -31.35
CA ASN E 48 0.58 -7.23 -32.57
C ASN E 48 1.12 -5.84 -32.20
N PRO E 49 2.46 -5.65 -32.12
CA PRO E 49 3.03 -4.34 -31.81
C PRO E 49 2.72 -3.29 -32.90
N GLN E 50 2.54 -2.03 -32.49
CA GLN E 50 2.17 -0.93 -33.41
C GLN E 50 3.28 0.13 -33.40
N GLU E 51 4.10 0.17 -34.45
CA GLU E 51 5.25 1.12 -34.52
C GLU E 51 5.01 2.12 -35.65
N VAL E 52 4.24 3.18 -35.36
CA VAL E 52 3.83 4.17 -36.40
C VAL E 52 5.05 5.01 -36.80
N VAL E 53 5.42 4.95 -38.08
CA VAL E 53 6.55 5.75 -38.63
C VAL E 53 6.22 7.24 -38.49
N LEU E 54 7.16 8.03 -37.94
CA LEU E 54 7.02 9.51 -37.92
C LEU E 54 7.71 10.11 -39.14
N GLU E 55 7.14 11.17 -39.71
CA GLU E 55 7.72 11.85 -40.89
C GLU E 55 8.10 13.28 -40.51
N ASN E 56 9.21 13.78 -41.05
CA ASN E 56 9.54 15.24 -41.06
C ASN E 56 9.61 15.76 -39.61
N VAL E 57 10.21 14.96 -38.71
CA VAL E 57 10.48 15.43 -37.31
C VAL E 57 11.95 15.19 -36.99
N THR E 58 12.61 16.21 -36.40
CA THR E 58 14.02 16.08 -35.98
C THR E 58 14.11 16.17 -34.45
N GLU E 59 13.35 15.31 -33.76
CA GLU E 59 13.26 15.35 -32.28
C GLU E 59 14.65 15.15 -31.68
N ASN E 60 15.03 15.98 -30.70
CA ASN E 60 16.31 15.85 -30.04
C ASN E 60 16.22 14.78 -28.95
N PHE E 61 17.29 14.01 -28.79
CA PHE E 61 17.41 13.00 -27.76
C PHE E 61 18.68 13.24 -26.96
N ASN E 62 18.66 12.79 -25.70
CA ASN E 62 19.84 12.80 -24.84
C ASN E 62 19.63 11.70 -23.80
N MET E 63 20.44 10.65 -23.90
CA MET E 63 20.21 9.49 -23.06
C MET E 63 20.76 9.69 -21.65
N TRP E 64 21.67 10.65 -21.46
CA TRP E 64 22.28 10.80 -20.14
C TRP E 64 21.36 11.45 -19.12
N LYS E 65 20.31 12.14 -19.54
CA LYS E 65 19.30 12.52 -18.57
C LYS E 65 17.93 11.96 -18.96
N ASN E 66 17.91 10.70 -19.38
CA ASN E 66 16.66 9.99 -19.59
C ASN E 66 16.24 9.41 -18.26
N ASN E 67 15.02 9.72 -17.83
CA ASN E 67 14.60 9.38 -16.48
C ASN E 67 14.28 7.90 -16.34
N MET E 68 13.71 7.29 -17.38
CA MET E 68 13.26 5.91 -17.23
C MET E 68 14.40 5.00 -16.86
N VAL E 69 15.63 5.40 -17.21
CA VAL E 69 16.81 4.71 -16.70
C VAL E 69 16.73 4.61 -15.18
N GLU E 70 16.61 5.75 -14.51
CA GLU E 70 16.57 5.77 -13.05
C GLU E 70 15.34 5.04 -12.53
N GLN E 71 14.20 5.25 -13.19
CA GLN E 71 12.97 4.62 -12.71
C GLN E 71 13.11 3.12 -12.72
N MET E 72 13.52 2.54 -13.85
CA MET E 72 13.67 1.10 -13.94
C MET E 72 14.82 0.61 -13.08
N HIS E 73 15.84 1.45 -12.89
CA HIS E 73 16.88 1.18 -11.90
C HIS E 73 16.28 0.84 -10.55
N GLU E 74 15.56 1.78 -9.97
CA GLU E 74 15.01 1.55 -8.64
C GLU E 74 13.95 0.45 -8.67
N ASP E 75 13.27 0.29 -9.81
CA ASP E 75 12.34 -0.83 -9.96
C ASP E 75 13.05 -2.16 -9.75
N ILE E 76 14.16 -2.38 -10.45
CA ILE E 76 14.91 -3.62 -10.31
C ILE E 76 15.40 -3.78 -8.89
N ILE E 77 15.88 -2.68 -8.30
CA ILE E 77 16.41 -2.74 -6.90
C ILE E 77 15.30 -3.26 -5.98
N SER E 78 14.14 -2.61 -5.94
CA SER E 78 13.07 -3.03 -5.00
C SER E 78 12.55 -4.41 -5.39
N LEU E 79 12.51 -4.72 -6.69
CA LEU E 79 11.96 -6.03 -7.16
C LEU E 79 12.81 -7.17 -6.61
N TRP E 80 14.14 -7.05 -6.70
CA TRP E 80 15.04 -8.08 -6.14
C TRP E 80 14.90 -8.11 -4.62
N ASP E 81 14.81 -6.93 -3.98
CA ASP E 81 14.78 -6.89 -2.49
C ASP E 81 13.52 -7.61 -1.99
N GLN E 82 12.37 -7.41 -2.65
CA GLN E 82 11.11 -8.01 -2.14
C GLN E 82 11.09 -9.52 -2.39
N SER E 83 11.82 -10.02 -3.40
CA SER E 83 11.86 -11.48 -3.65
C SER E 83 12.64 -12.21 -2.56
N LEU E 84 13.78 -11.65 -2.10
CA LEU E 84 14.62 -12.36 -1.09
C LEU E 84 14.19 -11.96 0.32
N LYS E 85 13.32 -10.96 0.46
CA LYS E 85 12.91 -10.46 1.80
C LYS E 85 12.18 -11.54 2.64
N PRO E 86 11.23 -12.33 2.13
CA PRO E 86 10.47 -13.27 2.97
C PRO E 86 11.19 -14.58 3.30
N CYS E 87 12.30 -14.91 2.62
CA CYS E 87 12.91 -16.20 2.90
C CYS E 87 14.09 -16.04 3.87
N VAL E 88 14.91 -17.09 3.94
CA VAL E 88 15.66 -17.44 5.14
C VAL E 88 16.59 -16.31 5.57
N LYS E 89 16.64 -16.08 6.88
CA LYS E 89 17.63 -15.21 7.50
C LYS E 89 18.88 -16.01 7.84
N LEU E 90 20.06 -15.44 7.55
CA LEU E 90 21.33 -16.21 7.64
C LEU E 90 22.32 -15.44 8.51
N THR E 91 21.85 -14.90 9.64
CA THR E 91 22.76 -14.33 10.67
C THR E 91 23.35 -15.43 11.58
N PRO E 92 22.59 -16.40 12.15
CA PRO E 92 23.11 -17.22 13.25
C PRO E 92 24.34 -18.04 12.85
N LEU E 93 24.53 -18.28 11.54
CA LEU E 93 25.62 -19.18 11.09
C LEU E 93 26.99 -18.52 11.31
N CYS E 94 27.01 -17.23 11.70
CA CYS E 94 28.29 -16.53 11.76
C CYS E 94 29.02 -16.89 13.05
N VAL E 95 29.88 -17.89 12.94
CA VAL E 95 30.72 -18.37 14.04
C VAL E 95 32.13 -18.60 13.53
N THR E 96 32.98 -19.15 14.38
CA THR E 96 34.29 -19.62 13.96
C THR E 96 34.17 -20.93 13.19
N LEU E 97 35.07 -21.13 12.22
CA LEU E 97 35.05 -22.31 11.37
C LEU E 97 36.39 -23.02 11.49
N ASN E 98 36.34 -24.36 11.66
CA ASN E 98 37.55 -25.23 11.70
C ASN E 98 37.60 -25.92 10.34
N CYS E 99 38.59 -25.66 9.50
CA CYS E 99 38.61 -26.04 8.10
C CYS E 99 39.84 -26.86 7.76
N THR E 100 39.64 -27.86 6.88
CA THR E 100 40.74 -28.74 6.40
C THR E 100 41.42 -28.12 5.17
N ASP E 101 41.96 -28.96 4.29
CA ASP E 101 42.60 -28.51 3.02
C ASP E 101 41.52 -28.13 2.01
N LEU E 102 41.22 -29.04 1.08
CA LEU E 102 39.96 -28.96 0.29
C LEU E 102 38.93 -29.90 0.94
N ARG E 103 38.65 -31.02 0.27
CA ARG E 103 38.00 -32.20 0.89
C ARG E 103 39.09 -33.14 1.39
N ASN E 104 40.21 -33.20 0.67
CA ASN E 104 41.30 -34.20 0.92
C ASN E 104 42.58 -33.69 0.27
N VAL E 105 43.73 -34.17 0.74
CA VAL E 105 45.05 -33.78 0.17
C VAL E 105 45.29 -34.59 -1.12
N THR E 106 44.51 -35.66 -1.31
CA THR E 106 44.63 -36.52 -2.52
C THR E 106 44.22 -35.71 -3.76
N ASN E 107 45.20 -35.07 -4.42
CA ASN E 107 44.94 -34.24 -5.62
C ASN E 107 45.77 -34.79 -6.78
N ILE E 108 45.14 -34.95 -7.95
CA ILE E 108 45.78 -35.60 -9.10
C ILE E 108 46.49 -34.58 -9.98
N SER E 112 42.78 -32.55 -9.68
CA SER E 112 43.73 -32.74 -10.77
C SER E 112 44.56 -31.49 -11.00
N GLU E 113 44.37 -30.49 -10.14
CA GLU E 113 45.08 -29.23 -10.24
C GLU E 113 46.07 -29.01 -9.11
N GLY E 114 45.90 -29.71 -7.98
CA GLY E 114 46.76 -29.52 -6.83
C GLY E 114 46.04 -28.84 -5.68
N MET E 115 46.77 -28.05 -4.91
CA MET E 115 46.20 -27.34 -3.77
C MET E 115 45.46 -26.10 -4.28
N ARG E 116 44.14 -26.23 -4.44
CA ARG E 116 43.33 -25.10 -4.85
C ARG E 116 42.76 -24.40 -3.63
N GLY E 117 42.18 -25.17 -2.70
CA GLY E 117 41.66 -24.60 -1.47
C GLY E 117 40.21 -24.21 -1.59
N GLU E 118 39.54 -24.71 -2.61
CA GLU E 118 38.23 -24.19 -2.91
C GLU E 118 37.11 -24.92 -2.21
N ILE E 119 37.35 -25.86 -1.29
CA ILE E 119 36.25 -26.59 -0.68
C ILE E 119 36.26 -26.37 0.84
N LYS E 120 37.43 -26.52 1.44
CA LYS E 120 37.80 -26.12 2.79
C LYS E 120 37.19 -26.99 3.88
N ASN E 121 36.23 -27.87 3.52
CA ASN E 121 35.55 -28.77 4.49
C ASN E 121 35.56 -28.15 5.89
N CYS E 122 34.90 -27.01 6.04
CA CYS E 122 34.88 -26.27 7.30
C CYS E 122 33.89 -26.88 8.28
N SER E 123 34.33 -27.05 9.53
CA SER E 123 33.49 -27.55 10.60
C SER E 123 33.27 -26.45 11.63
N PHE E 124 32.17 -26.58 12.37
CA PHE E 124 31.73 -25.50 13.25
C PHE E 124 30.61 -26.00 14.15
N ASN E 125 30.57 -25.38 15.34
CA ASN E 125 29.50 -25.65 16.33
C ASN E 125 28.39 -24.65 16.02
N ILE E 126 27.13 -25.06 16.12
CA ILE E 126 26.02 -24.17 15.79
C ILE E 126 24.82 -24.53 16.67
N THR E 127 23.85 -23.62 16.73
CA THR E 127 22.62 -23.85 17.48
C THR E 127 21.42 -23.99 16.54
N THR E 128 20.62 -25.02 16.78
CA THR E 128 19.46 -25.32 15.94
C THR E 128 18.21 -24.61 16.44
N SER E 129 17.05 -25.12 16.00
CA SER E 129 15.72 -24.67 16.51
C SER E 129 15.67 -24.81 18.04
N ILE E 130 15.89 -26.03 18.54
CA ILE E 130 15.99 -26.26 20.01
C ILE E 130 17.34 -25.70 20.48
N ARG E 131 17.31 -24.86 21.52
CA ARG E 131 18.47 -23.98 21.83
C ARG E 131 19.19 -24.49 23.09
N ASP E 132 19.58 -25.76 23.08
CA ASP E 132 20.48 -26.32 24.13
C ASP E 132 21.19 -27.57 23.58
N LYS E 133 20.89 -27.95 22.33
CA LYS E 133 21.56 -29.09 21.70
C LYS E 133 22.52 -28.62 20.62
N VAL E 134 23.67 -28.09 21.04
CA VAL E 134 24.67 -27.59 20.11
C VAL E 134 25.12 -28.73 19.19
N LYS E 135 25.24 -28.41 17.89
CA LYS E 135 25.52 -29.43 16.85
C LYS E 135 26.84 -29.10 16.15
N LYS E 136 27.80 -30.03 16.19
CA LYS E 136 29.11 -29.83 15.52
C LYS E 136 28.94 -30.34 14.08
N ASP E 137 28.63 -29.44 13.15
CA ASP E 137 28.37 -29.80 11.76
C ASP E 137 29.44 -29.24 10.85
N TYR E 138 29.43 -29.78 9.63
CA TYR E 138 30.44 -29.37 8.65
C TYR E 138 29.75 -28.90 7.38
N ALA E 139 30.50 -28.25 6.50
CA ALA E 139 30.04 -27.90 5.17
C ALA E 139 31.24 -27.52 4.32
N LEU E 140 30.98 -27.06 3.11
CA LEU E 140 32.01 -26.75 2.14
C LEU E 140 31.91 -25.29 1.70
N PHE E 141 33.07 -24.66 1.49
CA PHE E 141 33.10 -23.25 1.12
C PHE E 141 34.29 -23.01 0.21
N TYR E 142 34.15 -21.99 -0.64
CA TYR E 142 35.22 -21.64 -1.56
C TYR E 142 36.17 -20.64 -0.91
N ARG E 143 37.36 -20.49 -1.50
CA ARG E 143 38.39 -19.60 -0.90
C ARG E 143 37.90 -18.15 -0.96
N LEU E 144 36.93 -17.88 -1.83
CA LEU E 144 36.44 -16.49 -2.07
C LEU E 144 35.37 -16.14 -1.03
N ASP E 145 34.89 -17.16 -0.31
CA ASP E 145 33.67 -17.00 0.53
C ASP E 145 34.07 -16.82 2.00
N VAL E 146 35.36 -16.96 2.32
CA VAL E 146 35.76 -17.14 3.71
C VAL E 146 37.05 -16.37 3.92
N VAL E 147 37.09 -15.61 5.01
CA VAL E 147 38.28 -14.80 5.32
C VAL E 147 39.07 -15.49 6.44
N PRO E 148 40.42 -15.46 6.47
CA PRO E 148 41.17 -15.84 7.69
C PRO E 148 41.11 -14.77 8.78
N ILE E 149 40.40 -15.06 9.88
CA ILE E 149 40.48 -14.26 11.14
C ILE E 149 41.20 -15.12 12.18
N ASP E 150 42.17 -14.53 12.88
CA ASP E 150 43.20 -15.28 13.66
C ASP E 150 44.07 -16.09 12.69
N ASN E 151 45.27 -15.60 12.42
CA ASN E 151 46.18 -16.21 11.41
C ASN E 151 46.89 -17.41 12.06
N ASP E 152 46.14 -18.26 12.75
CA ASP E 152 46.67 -19.53 13.31
C ASP E 152 46.95 -20.49 12.14
N ASN E 153 45.94 -21.28 11.76
CA ASN E 153 46.01 -22.17 10.58
C ASN E 153 44.58 -22.49 10.12
N THR E 154 43.72 -22.86 11.06
CA THR E 154 42.37 -23.40 10.74
C THR E 154 41.30 -22.54 11.43
N SER E 155 41.51 -21.23 11.50
CA SER E 155 40.52 -20.31 12.12
C SER E 155 39.98 -19.35 11.05
N TYR E 156 38.66 -19.36 10.83
CA TYR E 156 38.06 -18.71 9.65
C TYR E 156 36.70 -18.12 10.01
N ARG E 157 36.22 -17.17 9.21
CA ARG E 157 34.86 -16.58 9.39
C ARG E 157 34.32 -16.18 8.01
N LEU E 158 32.99 -16.01 7.92
CA LEU E 158 32.36 -15.47 6.69
C LEU E 158 32.76 -14.00 6.54
N ILE E 159 33.19 -13.61 5.35
CA ILE E 159 33.79 -12.25 5.13
C ILE E 159 32.85 -11.18 5.68
N ASN E 160 31.55 -11.31 5.41
CA ASN E 160 30.57 -10.25 5.76
C ASN E 160 29.96 -10.51 7.14
N CYS E 161 30.79 -10.43 8.19
CA CYS E 161 30.27 -10.41 9.59
C CYS E 161 30.70 -9.11 10.28
N ASN E 162 31.72 -8.43 9.74
CA ASN E 162 32.10 -7.07 10.20
C ASN E 162 31.11 -6.07 9.61
N THR E 163 30.75 -6.29 8.34
CA THR E 163 29.94 -5.30 7.56
C THR E 163 28.49 -5.34 8.05
N SER E 164 27.77 -6.43 7.75
CA SER E 164 26.29 -6.46 7.95
C SER E 164 25.78 -7.90 7.94
N THR E 165 24.62 -8.10 7.31
CA THR E 165 23.80 -9.30 7.44
C THR E 165 23.68 -10.02 6.10
N ILE E 166 23.24 -11.27 6.15
CA ILE E 166 23.10 -12.11 4.97
C ILE E 166 21.77 -12.83 5.05
N THR E 167 21.11 -13.00 3.90
CA THR E 167 19.91 -13.81 3.76
C THR E 167 20.06 -14.59 2.45
N GLN E 168 20.01 -15.92 2.53
CA GLN E 168 20.26 -16.75 1.36
C GLN E 168 19.15 -16.59 0.34
N ALA E 169 19.48 -16.86 -0.92
CA ALA E 169 18.45 -16.89 -1.95
C ALA E 169 17.48 -18.02 -1.68
N CYS E 170 16.25 -17.82 -2.06
CA CYS E 170 15.19 -18.70 -1.63
C CYS E 170 15.03 -19.79 -2.69
N PRO E 171 15.21 -21.07 -2.34
CA PRO E 171 15.61 -22.06 -3.36
C PRO E 171 14.67 -22.25 -4.53
N LYS E 172 13.36 -22.13 -4.33
CA LYS E 172 12.44 -22.52 -5.40
C LYS E 172 12.56 -21.60 -6.60
N VAL E 173 12.66 -20.29 -6.37
CA VAL E 173 12.71 -19.35 -7.48
C VAL E 173 13.97 -19.56 -8.29
N SER E 174 13.86 -19.44 -9.60
CA SER E 174 14.99 -19.56 -10.51
C SER E 174 15.61 -18.19 -10.73
N PHE E 175 16.48 -18.09 -11.73
CA PHE E 175 17.17 -16.85 -12.04
C PHE E 175 17.24 -16.50 -13.52
N GLU E 176 16.77 -17.41 -14.37
CA GLU E 176 16.78 -17.20 -15.84
C GLU E 176 16.05 -15.89 -16.18
N PRO E 177 16.67 -14.81 -16.74
CA PRO E 177 15.88 -13.63 -17.11
C PRO E 177 14.94 -13.94 -18.26
N ILE E 178 13.86 -13.18 -18.32
CA ILE E 178 12.87 -13.31 -19.38
C ILE E 178 12.64 -11.93 -19.98
N PRO E 179 12.23 -11.84 -21.24
CA PRO E 179 12.01 -10.52 -21.85
C PRO E 179 10.92 -9.76 -21.11
N ILE E 180 11.11 -8.44 -21.03
CA ILE E 180 10.18 -7.55 -20.37
C ILE E 180 9.86 -6.41 -21.33
N HIS E 181 8.59 -6.03 -21.40
CA HIS E 181 8.17 -4.94 -22.28
C HIS E 181 7.57 -3.84 -21.41
N TYR E 182 8.26 -2.70 -21.33
CA TYR E 182 7.68 -1.54 -20.67
C TYR E 182 6.60 -0.92 -21.54
N CYS E 183 5.45 -0.68 -20.94
CA CYS E 183 4.30 -0.14 -21.65
C CYS E 183 3.74 1.03 -20.86
N THR E 184 3.46 2.11 -21.56
CA THR E 184 2.96 3.30 -20.92
C THR E 184 1.45 3.23 -20.75
N PRO E 185 0.90 3.94 -19.78
CA PRO E 185 -0.55 4.12 -19.74
C PRO E 185 -0.99 5.06 -20.85
N ALA E 186 -2.30 5.13 -21.07
CA ALA E 186 -2.84 5.97 -22.13
C ALA E 186 -2.46 7.43 -21.91
N GLY E 187 -2.46 8.19 -22.99
CA GLY E 187 -2.05 9.58 -22.95
C GLY E 187 -0.57 9.81 -23.07
N PHE E 188 0.22 8.77 -23.32
CA PHE E 188 1.66 8.89 -23.46
C PHE E 188 2.13 8.01 -24.60
N ALA E 189 3.36 8.24 -25.04
CA ALA E 189 3.92 7.42 -26.12
C ALA E 189 5.43 7.36 -25.96
N ILE E 190 6.04 6.41 -26.65
CA ILE E 190 7.50 6.28 -26.64
C ILE E 190 8.01 6.49 -28.06
N LEU E 191 9.03 7.33 -28.17
CA LEU E 191 9.65 7.67 -29.42
C LEU E 191 10.95 6.88 -29.56
N LYS E 192 11.17 6.34 -30.74
CA LYS E 192 12.30 5.48 -31.04
C LYS E 192 13.11 6.12 -32.16
N CYS E 193 14.40 6.31 -31.92
CA CYS E 193 15.29 6.87 -32.94
C CYS E 193 15.83 5.70 -33.75
N LYS E 194 15.42 5.62 -35.00
CA LYS E 194 15.69 4.45 -35.84
C LYS E 194 16.92 4.62 -36.72
N ASP E 195 17.70 5.68 -36.52
CA ASP E 195 18.84 5.94 -37.40
C ASP E 195 19.89 4.84 -37.25
N LYS E 196 20.65 4.61 -38.33
CA LYS E 196 21.67 3.52 -38.31
C LYS E 196 22.73 3.84 -37.26
N LYS E 197 23.24 5.08 -37.27
CA LYS E 197 24.31 5.50 -36.32
C LYS E 197 23.83 6.72 -35.52
N PHE E 198 23.90 6.64 -34.18
CA PHE E 198 23.52 7.75 -33.33
C PHE E 198 24.56 7.87 -32.23
N ASN E 199 25.02 9.09 -31.94
CA ASN E 199 26.10 9.24 -30.91
C ASN E 199 25.51 9.27 -29.51
N GLY E 200 24.18 9.32 -29.39
CA GLY E 200 23.57 9.36 -28.10
C GLY E 200 22.87 10.66 -27.75
N THR E 201 23.25 11.77 -28.40
CA THR E 201 22.63 13.07 -28.12
C THR E 201 22.58 13.87 -29.42
N GLY E 202 21.41 14.43 -29.69
CA GLY E 202 21.22 15.25 -30.86
C GLY E 202 19.89 15.01 -31.54
N PRO E 203 19.65 15.71 -32.65
CA PRO E 203 18.43 15.45 -33.43
C PRO E 203 18.49 14.08 -34.09
N CYS E 204 17.32 13.54 -34.41
CA CYS E 204 17.21 12.22 -35.03
C CYS E 204 16.28 12.31 -36.22
N LYS E 205 16.66 11.63 -37.30
CA LYS E 205 15.93 11.68 -38.60
C LYS E 205 14.87 10.58 -38.62
N ASN E 206 15.23 9.33 -38.30
CA ASN E 206 14.19 8.26 -38.33
C ASN E 206 13.53 8.19 -36.96
N VAL E 207 12.24 8.54 -36.86
CA VAL E 207 11.53 8.39 -35.56
C VAL E 207 10.37 7.41 -35.74
N SER E 208 10.05 6.63 -34.70
CA SER E 208 8.90 5.68 -34.76
C SER E 208 8.23 5.60 -33.39
N THR E 209 6.91 5.84 -33.33
CA THR E 209 6.19 5.79 -32.03
C THR E 209 5.65 4.37 -31.79
N VAL E 210 6.09 3.73 -30.71
CA VAL E 210 5.46 2.46 -30.25
C VAL E 210 4.63 2.77 -29.00
N GLN E 211 4.21 1.73 -28.28
CA GLN E 211 3.52 1.91 -26.97
C GLN E 211 4.20 1.00 -25.95
N CYS E 212 4.96 0.01 -26.44
CA CYS E 212 5.63 -1.00 -25.57
C CYS E 212 7.05 -1.23 -26.10
N THR E 213 8.06 -1.26 -25.21
CA THR E 213 9.40 -1.52 -25.69
C THR E 213 9.57 -3.01 -25.96
N HIS E 214 10.56 -3.32 -26.79
CA HIS E 214 10.92 -4.70 -27.02
C HIS E 214 11.47 -5.32 -25.74
N GLY E 215 11.42 -6.64 -25.65
CA GLY E 215 11.91 -7.34 -24.49
C GLY E 215 13.35 -6.99 -24.17
N ILE E 216 13.65 -6.72 -22.90
CA ILE E 216 15.00 -6.35 -22.52
C ILE E 216 15.74 -7.57 -21.99
N ARG E 217 15.01 -8.45 -21.32
CA ARG E 217 15.61 -9.59 -20.62
C ARG E 217 16.70 -9.08 -19.70
N PRO E 218 16.34 -8.46 -18.58
CA PRO E 218 17.34 -7.83 -17.71
C PRO E 218 18.48 -8.74 -17.30
N VAL E 219 19.70 -8.36 -17.72
CA VAL E 219 20.92 -9.14 -17.36
C VAL E 219 21.93 -8.12 -16.84
N VAL E 220 22.50 -8.35 -15.65
CA VAL E 220 23.55 -7.42 -15.16
C VAL E 220 24.90 -8.14 -15.22
N SER E 221 25.89 -7.56 -15.91
CA SER E 221 27.24 -8.15 -16.01
C SER E 221 28.28 -7.03 -16.00
N THR E 222 29.53 -7.35 -15.63
CA THR E 222 30.59 -6.32 -15.54
C THR E 222 31.60 -6.53 -16.66
N GLN E 223 32.23 -5.46 -17.16
CA GLN E 223 33.29 -5.57 -18.21
C GLN E 223 32.73 -6.11 -19.52
N LEU E 224 31.49 -6.63 -19.52
CA LEU E 224 30.96 -7.26 -20.71
C LEU E 224 29.45 -7.08 -20.73
N LEU E 225 28.88 -7.25 -21.91
CA LEU E 225 27.43 -7.21 -22.09
C LEU E 225 26.99 -8.51 -22.73
N LEU E 226 25.97 -9.14 -22.16
CA LEU E 226 25.58 -10.48 -22.52
C LEU E 226 24.11 -10.54 -22.91
N ASN E 227 23.78 -11.43 -23.85
CA ASN E 227 22.39 -11.59 -24.38
C ASN E 227 21.69 -10.26 -24.53
N GLY E 228 22.46 -9.28 -25.00
CA GLY E 228 21.90 -7.97 -25.26
C GLY E 228 21.52 -7.76 -26.71
N SER E 229 21.47 -6.49 -27.09
CA SER E 229 21.11 -6.10 -28.45
C SER E 229 22.37 -5.81 -29.26
N LEU E 230 22.19 -5.74 -30.57
CA LEU E 230 23.28 -5.57 -31.52
C LEU E 230 23.15 -4.26 -32.27
N ALA E 231 24.30 -3.70 -32.63
CA ALA E 231 24.34 -2.55 -33.51
C ALA E 231 24.21 -3.02 -34.96
N GLU E 232 24.32 -2.08 -35.89
CA GLU E 232 24.17 -2.38 -37.31
C GLU E 232 25.31 -1.78 -38.12
N GLU E 233 25.92 -2.61 -38.95
CA GLU E 233 26.94 -2.28 -39.94
C GLU E 233 28.25 -1.81 -39.33
N GLU E 234 28.24 -1.52 -38.02
CA GLU E 234 29.45 -0.93 -37.38
C GLU E 234 29.36 -1.11 -35.86
N VAL E 235 30.50 -1.04 -35.18
CA VAL E 235 30.52 -0.81 -33.70
C VAL E 235 30.25 0.67 -33.45
N VAL E 236 29.39 0.98 -32.48
CA VAL E 236 29.10 2.41 -32.15
C VAL E 236 29.61 2.71 -30.73
N ILE E 237 29.93 3.98 -30.45
CA ILE E 237 30.67 4.35 -29.20
C ILE E 237 30.03 5.61 -28.61
N ARG E 238 29.72 5.60 -27.31
CA ARG E 238 28.92 6.68 -26.67
C ARG E 238 29.60 7.15 -25.37
N SER E 239 29.52 8.46 -25.09
CA SER E 239 30.08 9.01 -23.83
C SER E 239 29.49 10.40 -23.58
N SER E 240 29.22 10.76 -22.33
CA SER E 240 28.71 12.12 -22.00
C SER E 240 29.71 13.14 -22.53
N ASN E 241 30.95 13.05 -22.09
CA ASN E 241 31.99 14.02 -22.52
C ASN E 241 33.26 13.20 -22.82
N PHE E 242 33.54 12.94 -24.09
CA PHE E 242 34.71 12.08 -24.46
C PHE E 242 35.99 12.64 -23.82
N THR E 243 36.14 13.98 -23.83
CA THR E 243 37.34 14.61 -23.25
C THR E 243 37.40 14.32 -21.75
N ASP E 244 36.25 14.35 -21.06
CA ASP E 244 36.21 13.97 -19.62
C ASP E 244 36.54 12.48 -19.51
N ASN E 245 37.81 12.13 -19.38
CA ASN E 245 38.23 10.71 -19.32
C ASN E 245 37.58 10.06 -18.09
N ALA E 246 37.01 10.87 -17.19
CA ALA E 246 36.47 10.28 -15.97
C ALA E 246 35.19 9.50 -16.23
N LYS E 247 34.46 9.93 -17.27
CA LYS E 247 33.17 9.29 -17.64
C LYS E 247 33.43 7.94 -18.32
N ASN E 248 32.45 7.05 -18.29
CA ASN E 248 32.57 5.74 -18.89
C ASN E 248 32.30 5.78 -20.39
N ILE E 249 32.64 4.68 -21.05
CA ILE E 249 32.48 4.52 -22.49
C ILE E 249 31.66 3.27 -22.73
N ILE E 250 30.56 3.42 -23.47
CA ILE E 250 29.67 2.27 -23.83
C ILE E 250 29.92 1.88 -25.29
N VAL E 251 30.15 0.60 -25.56
CA VAL E 251 30.49 0.10 -26.88
C VAL E 251 29.41 -0.87 -27.31
N GLN E 252 28.82 -0.62 -28.47
CA GLN E 252 27.83 -1.53 -29.04
C GLN E 252 28.39 -2.21 -30.28
N LEU E 253 28.20 -3.51 -30.34
CA LEU E 253 28.82 -4.36 -31.37
C LEU E 253 27.82 -4.66 -32.48
N LYS E 254 28.36 -5.00 -33.64
CA LYS E 254 27.54 -5.37 -34.78
C LYS E 254 27.48 -6.87 -35.04
N GLU E 255 28.21 -7.69 -34.28
CA GLU E 255 28.02 -9.13 -34.34
C GLU E 255 27.95 -9.69 -32.93
N SER E 256 27.16 -10.74 -32.76
CA SER E 256 27.19 -11.52 -31.54
C SER E 256 28.50 -12.29 -31.45
N VAL E 257 28.90 -12.62 -30.23
CA VAL E 257 30.05 -13.50 -30.01
C VAL E 257 29.61 -14.63 -29.08
N GLU E 258 29.76 -15.87 -29.55
CA GLU E 258 29.33 -17.05 -28.74
C GLU E 258 30.29 -17.32 -27.58
N ILE E 259 29.77 -17.47 -26.36
CA ILE E 259 30.59 -17.78 -25.20
C ILE E 259 30.02 -19.03 -24.55
N ASN E 260 30.91 -19.98 -24.22
CA ASN E 260 30.47 -21.29 -23.67
C ASN E 260 31.06 -21.49 -22.28
N CYS E 261 30.31 -21.15 -21.23
CA CYS E 261 30.82 -21.28 -19.88
C CYS E 261 30.21 -22.50 -19.21
N THR E 262 30.99 -23.14 -18.33
CA THR E 262 30.52 -24.34 -17.65
C THR E 262 31.18 -24.48 -16.29
N ARG E 263 30.58 -25.34 -15.46
CA ARG E 263 31.05 -25.63 -14.11
C ARG E 263 31.20 -27.15 -14.01
N PRO E 264 32.29 -27.69 -14.49
CA PRO E 264 32.43 -29.15 -14.57
C PRO E 264 32.59 -29.81 -13.21
N ASN E 265 31.52 -29.90 -12.43
CA ASN E 265 31.55 -30.56 -11.13
C ASN E 265 30.16 -31.10 -10.80
N ASN E 266 30.12 -32.38 -10.41
CA ASN E 266 28.85 -33.02 -9.97
C ASN E 266 28.69 -32.63 -8.49
N ASN E 267 27.57 -32.02 -8.10
CA ASN E 267 27.38 -31.43 -6.78
C ASN E 267 26.19 -32.05 -6.07
N THR E 268 26.26 -32.07 -4.73
CA THR E 268 25.20 -32.59 -3.89
C THR E 268 24.69 -31.50 -2.96
N ARG E 269 23.37 -31.35 -2.88
CA ARG E 269 22.76 -30.31 -2.07
C ARG E 269 22.40 -30.90 -0.70
N LYS E 270 23.35 -30.77 0.23
CA LYS E 270 23.10 -31.20 1.60
C LYS E 270 22.40 -30.08 2.37
N SER E 271 21.30 -30.42 3.03
CA SER E 271 20.43 -29.44 3.68
C SER E 271 20.47 -29.64 5.19
N ILE E 272 20.82 -28.58 5.91
CA ILE E 272 20.84 -28.64 7.38
C ILE E 272 19.88 -27.60 7.94
N HIS E 273 19.10 -27.99 8.94
CA HIS E 273 18.16 -27.06 9.62
C HIS E 273 18.91 -26.28 10.71
N ILE E 274 18.60 -24.98 10.86
CA ILE E 274 19.15 -24.16 11.92
C ILE E 274 18.00 -23.51 12.67
N GLY E 275 16.77 -23.86 12.30
CA GLY E 275 15.61 -23.29 12.92
C GLY E 275 14.32 -23.98 12.51
N PRO E 276 13.19 -23.44 12.93
CA PRO E 276 11.89 -24.04 12.62
C PRO E 276 11.65 -24.18 11.13
N GLY E 277 11.66 -23.06 10.42
CA GLY E 277 11.63 -23.06 8.98
C GLY E 277 12.98 -22.82 8.37
N ARG E 278 14.01 -22.69 9.19
CA ARG E 278 15.34 -22.30 8.72
C ARG E 278 16.09 -23.53 8.24
N ALA E 279 16.31 -23.62 6.93
CA ALA E 279 16.96 -24.77 6.32
C ALA E 279 18.07 -24.28 5.39
N PHE E 280 19.26 -24.13 5.94
CA PHE E 280 20.43 -23.71 5.17
C PHE E 280 20.81 -24.82 4.20
N TYR E 281 21.07 -24.45 2.95
CA TYR E 281 21.46 -25.43 1.94
C TYR E 281 22.92 -25.28 1.61
N THR E 282 23.69 -26.36 1.75
CA THR E 282 25.11 -26.36 1.47
C THR E 282 25.43 -27.51 0.53
N THR E 283 26.67 -27.51 0.04
CA THR E 283 27.14 -28.54 -0.88
C THR E 283 27.43 -29.82 -0.10
N GLY E 284 26.89 -30.93 -0.58
CA GLY E 284 27.17 -32.22 0.02
C GLY E 284 28.59 -32.65 -0.23
N ASP E 285 28.91 -32.91 -1.50
CA ASP E 285 30.26 -33.32 -1.88
C ASP E 285 30.39 -33.16 -3.39
N ILE E 286 31.52 -33.58 -3.94
CA ILE E 286 31.80 -33.54 -5.36
C ILE E 286 32.10 -34.95 -5.84
N ILE E 287 31.44 -35.35 -6.93
CA ILE E 287 31.65 -36.71 -7.51
C ILE E 287 32.66 -36.56 -8.66
N GLY E 288 33.85 -37.13 -8.51
CA GLY E 288 34.89 -37.03 -9.52
C GLY E 288 35.86 -35.91 -9.26
N ASP E 289 36.69 -35.66 -10.27
CA ASP E 289 37.74 -34.66 -10.15
C ASP E 289 37.16 -33.26 -10.13
N ILE E 290 37.95 -32.33 -9.59
CA ILE E 290 37.51 -30.94 -9.42
C ILE E 290 38.15 -30.15 -10.54
N ARG E 291 37.39 -29.98 -11.63
CA ARG E 291 37.86 -29.14 -12.72
C ARG E 291 37.27 -27.74 -12.57
N GLN E 292 38.14 -26.73 -12.62
CA GLN E 292 37.70 -25.37 -12.40
C GLN E 292 36.80 -24.91 -13.53
N ALA E 293 35.82 -24.08 -13.18
CA ALA E 293 34.88 -23.57 -14.17
C ALA E 293 35.62 -22.67 -15.17
N HIS E 294 35.18 -22.72 -16.42
CA HIS E 294 35.85 -21.97 -17.47
C HIS E 294 34.88 -21.65 -18.57
N CYS E 295 35.32 -20.72 -19.44
CA CYS E 295 34.55 -20.27 -20.59
C CYS E 295 35.38 -20.44 -21.85
N ASN E 296 34.69 -20.95 -22.89
CA ASN E 296 35.30 -21.21 -24.22
C ASN E 296 34.97 -20.05 -25.16
N ILE E 297 35.97 -19.48 -25.82
CA ILE E 297 35.86 -18.31 -26.69
C ILE E 297 36.80 -18.49 -27.88
N SER E 298 36.31 -18.13 -29.08
CA SER E 298 37.13 -18.22 -30.28
C SER E 298 38.10 -17.06 -30.35
N ARG E 299 39.27 -17.29 -30.94
CA ARG E 299 40.31 -16.28 -31.05
C ARG E 299 40.01 -15.26 -32.14
N THR E 300 39.89 -15.74 -33.39
CA THR E 300 39.85 -14.85 -34.53
C THR E 300 38.67 -13.89 -34.46
N LYS E 301 37.51 -14.40 -34.05
CA LYS E 301 36.35 -13.52 -33.86
C LYS E 301 36.70 -12.37 -32.93
N TRP E 302 37.32 -12.70 -31.81
CA TRP E 302 37.65 -11.70 -30.81
C TRP E 302 38.66 -10.69 -31.36
N ASN E 303 39.61 -11.21 -32.10
CA ASN E 303 40.65 -10.33 -32.63
C ASN E 303 40.03 -9.34 -33.64
N ASN E 304 39.20 -9.86 -34.54
CA ASN E 304 38.61 -9.04 -35.64
C ASN E 304 37.67 -7.99 -35.04
N THR E 305 36.88 -8.37 -34.04
CA THR E 305 35.96 -7.41 -33.39
C THR E 305 36.76 -6.35 -32.65
N LEU E 306 37.90 -6.74 -32.04
CA LEU E 306 38.77 -5.76 -31.34
C LEU E 306 39.36 -4.80 -32.37
N ASN E 307 39.74 -5.32 -33.55
CA ASN E 307 40.21 -4.46 -34.67
C ASN E 307 39.10 -3.45 -35.01
N GLN E 308 37.86 -3.93 -35.15
CA GLN E 308 36.72 -3.04 -35.52
C GLN E 308 36.66 -1.87 -34.53
N ILE E 309 36.65 -2.17 -33.23
CA ILE E 309 36.53 -1.12 -32.18
C ILE E 309 37.68 -0.12 -32.35
N ALA E 310 38.91 -0.63 -32.53
CA ALA E 310 40.11 0.22 -32.60
C ALA E 310 39.97 1.25 -33.74
N THR E 311 39.47 0.82 -34.90
CA THR E 311 39.33 1.74 -36.05
C THR E 311 38.36 2.86 -35.69
N LYS E 312 37.22 2.52 -35.09
CA LYS E 312 36.21 3.54 -34.70
C LYS E 312 36.81 4.48 -33.64
N LEU E 313 37.70 3.94 -32.81
CA LEU E 313 38.29 4.71 -31.67
C LEU E 313 39.35 5.67 -32.20
N LYS E 314 40.01 5.32 -33.31
CA LYS E 314 41.02 6.22 -33.93
C LYS E 314 40.31 7.08 -34.99
N GLU E 315 39.00 6.90 -35.16
CA GLU E 315 38.16 7.92 -35.83
C GLU E 315 37.67 8.91 -34.78
N GLN E 316 37.49 8.43 -33.54
CA GLN E 316 36.98 9.29 -32.43
C GLN E 316 38.06 10.29 -32.02
N PHE E 317 39.26 9.82 -31.69
CA PHE E 317 40.26 10.68 -31.10
C PHE E 317 41.41 11.00 -32.07
N GLY E 318 41.11 11.14 -33.34
CA GLY E 318 42.14 11.49 -34.30
C GLY E 318 42.91 10.30 -34.81
N ASN E 319 43.26 10.33 -36.09
CA ASN E 319 43.80 9.15 -36.76
C ASN E 319 45.14 8.70 -36.19
N ASN E 320 46.09 9.64 -36.07
CA ASN E 320 47.48 9.31 -35.66
C ASN E 320 47.60 8.92 -34.19
N LYS E 321 47.13 7.73 -33.81
CA LYS E 321 47.18 7.30 -32.42
C LYS E 321 47.64 5.86 -32.35
N THR E 322 48.14 5.45 -31.19
CA THR E 322 48.51 4.07 -30.91
C THR E 322 47.63 3.60 -29.77
N ILE E 323 47.10 2.38 -29.88
CA ILE E 323 46.05 1.95 -28.96
C ILE E 323 46.62 0.95 -27.94
N VAL E 324 46.11 1.03 -26.72
CA VAL E 324 46.61 0.22 -25.61
C VAL E 324 45.43 -0.41 -24.88
N PHE E 325 45.56 -1.69 -24.54
CA PHE E 325 44.50 -2.37 -23.76
C PHE E 325 45.12 -2.98 -22.51
N ASN E 326 45.33 -2.17 -21.47
CA ASN E 326 45.90 -2.69 -20.19
C ASN E 326 44.74 -3.25 -19.36
N GLN E 327 45.03 -4.18 -18.45
CA GLN E 327 43.99 -4.75 -17.56
C GLN E 327 43.57 -3.70 -16.51
N SER E 328 42.41 -3.87 -15.90
CA SER E 328 41.88 -2.87 -14.92
C SER E 328 42.89 -2.55 -13.80
N SER E 329 42.70 -1.42 -13.12
CA SER E 329 43.67 -1.00 -12.10
C SER E 329 43.53 -1.82 -10.83
N GLY E 330 42.31 -1.94 -10.31
CA GLY E 330 42.13 -2.67 -9.07
C GLY E 330 40.76 -2.43 -8.48
N GLY E 331 40.64 -2.71 -7.19
CA GLY E 331 39.39 -2.48 -6.49
C GLY E 331 38.64 -3.76 -6.16
N ASP E 332 37.33 -3.60 -6.05
CA ASP E 332 36.48 -4.72 -5.63
C ASP E 332 36.40 -5.76 -6.74
N PRO E 333 36.06 -7.01 -6.40
CA PRO E 333 36.19 -8.11 -7.39
C PRO E 333 35.40 -7.91 -8.67
N GLU E 334 34.23 -7.28 -8.62
CA GLU E 334 33.38 -7.21 -9.80
C GLU E 334 34.05 -6.45 -10.93
N ILE E 335 34.52 -5.24 -10.66
CA ILE E 335 35.02 -4.41 -11.76
C ILE E 335 36.46 -4.78 -12.09
N VAL E 336 37.19 -5.31 -11.11
CA VAL E 336 38.60 -5.61 -11.37
C VAL E 336 38.75 -6.80 -12.31
N MET E 337 37.89 -7.80 -12.18
CA MET E 337 38.00 -9.01 -12.97
C MET E 337 36.58 -9.45 -13.33
N HIS E 338 36.42 -10.10 -14.48
CA HIS E 338 35.10 -10.20 -15.08
C HIS E 338 34.18 -11.08 -14.23
N SER E 339 32.88 -10.77 -14.28
CA SER E 339 31.94 -11.55 -13.50
C SER E 339 30.56 -11.47 -14.14
N PHE E 340 29.77 -12.52 -13.90
CA PHE E 340 28.42 -12.58 -14.45
C PHE E 340 27.67 -13.72 -13.78
N ASN E 341 26.48 -14.00 -14.29
CA ASN E 341 25.61 -15.02 -13.74
C ASN E 341 25.26 -16.06 -14.80
N CYS E 342 25.02 -17.28 -14.34
CA CYS E 342 24.75 -18.43 -15.20
C CYS E 342 24.08 -19.52 -14.37
N GLY E 343 22.81 -19.82 -14.71
CA GLY E 343 22.10 -20.96 -14.13
C GLY E 343 22.08 -20.91 -12.61
N GLY E 344 22.07 -19.70 -12.05
CA GLY E 344 21.99 -19.53 -10.58
C GLY E 344 23.34 -19.74 -9.92
N GLU E 345 24.42 -19.40 -10.63
CA GLU E 345 25.80 -19.49 -10.06
C GLU E 345 26.66 -18.36 -10.62
N PHE E 346 27.22 -17.52 -9.74
CA PHE E 346 27.92 -16.29 -10.16
C PHE E 346 29.39 -16.60 -10.47
N PHE E 347 29.77 -16.48 -11.74
CA PHE E 347 31.12 -16.81 -12.18
C PHE E 347 31.98 -15.56 -12.19
N TYR E 348 33.25 -15.75 -11.82
CA TYR E 348 34.25 -14.69 -11.82
C TYR E 348 35.42 -15.16 -12.66
N CYS E 349 35.52 -14.65 -13.88
CA CYS E 349 36.51 -15.10 -14.85
C CYS E 349 37.62 -14.06 -14.96
N ASN E 350 38.83 -14.57 -15.02
CA ASN E 350 40.06 -13.76 -14.96
C ASN E 350 40.32 -13.15 -16.35
N SER E 351 40.06 -11.86 -16.50
CA SER E 351 40.08 -11.20 -17.83
C SER E 351 41.46 -10.57 -18.09
N THR E 352 42.38 -11.37 -18.64
CA THR E 352 43.73 -10.87 -19.02
C THR E 352 43.94 -11.09 -20.53
N GLN E 353 43.90 -12.36 -20.94
CA GLN E 353 44.13 -12.74 -22.37
C GLN E 353 43.24 -11.91 -23.28
N LEU E 354 42.09 -11.45 -22.76
CA LEU E 354 41.15 -10.63 -23.57
C LEU E 354 41.81 -9.28 -23.88
N PHE E 355 42.13 -8.52 -22.85
CA PHE E 355 42.62 -7.12 -23.04
C PHE E 355 44.14 -7.10 -22.89
N ASN E 356 44.86 -7.60 -23.91
CA ASN E 356 46.36 -7.53 -23.94
C ASN E 356 46.65 -7.19 -25.41
N SER E 357 46.55 -5.90 -25.79
CA SER E 357 46.65 -5.55 -27.19
C SER E 357 47.16 -4.13 -27.32
N THR E 358 48.04 -3.92 -28.29
CA THR E 358 48.64 -2.63 -28.56
C THR E 358 48.62 -2.35 -30.06
N TRP E 359 47.42 -2.51 -30.65
CA TRP E 359 47.27 -2.29 -32.12
C TRP E 359 47.95 -0.99 -32.48
N ASN E 360 48.97 -1.06 -33.35
CA ASN E 360 49.80 0.08 -33.70
C ASN E 360 49.08 1.00 -34.68
N PHE E 361 49.60 2.21 -34.80
CA PHE E 361 49.13 3.15 -35.81
C PHE E 361 49.40 2.61 -37.21
N ASN E 362 50.37 1.70 -37.35
CA ASN E 362 50.80 1.21 -38.65
C ASN E 362 51.00 -0.30 -38.67
N GLY E 363 50.18 -1.04 -37.94
CA GLY E 363 50.31 -2.49 -37.95
C GLY E 363 49.00 -3.24 -38.15
N THR E 364 47.88 -2.53 -38.01
CA THR E 364 46.56 -3.14 -38.13
C THR E 364 46.00 -3.01 -39.55
N TRP E 365 44.69 -3.21 -39.66
CA TRP E 365 43.89 -3.18 -40.89
C TRP E 365 44.00 -4.51 -41.63
N ASN E 366 44.52 -5.53 -40.97
CA ASN E 366 44.34 -6.92 -41.50
C ASN E 366 43.68 -7.82 -40.45
N LEU E 367 42.40 -8.12 -40.64
CA LEU E 367 41.66 -9.06 -39.75
C LEU E 367 42.29 -10.44 -39.87
N THR E 368 42.39 -11.18 -38.75
CA THR E 368 42.78 -12.61 -38.79
C THR E 368 41.62 -13.43 -39.35
N GLN E 369 41.67 -13.74 -40.65
CA GLN E 369 40.66 -14.64 -41.29
C GLN E 369 41.25 -16.05 -41.37
N SER E 370 41.89 -16.51 -40.29
CA SER E 370 42.53 -17.85 -40.26
C SER E 370 41.49 -18.92 -40.64
N ASN E 371 41.74 -19.63 -41.73
CA ASN E 371 40.77 -20.64 -42.26
C ASN E 371 40.96 -21.96 -41.51
N GLY E 372 42.06 -22.66 -41.76
CA GLY E 372 42.34 -23.93 -41.10
C GLY E 372 42.89 -23.70 -39.72
N THR E 373 42.08 -23.93 -38.69
CA THR E 373 42.50 -23.61 -37.34
C THR E 373 42.66 -24.87 -36.49
N GLU E 374 41.56 -25.61 -36.31
CA GLU E 374 41.52 -26.96 -35.72
C GLU E 374 42.56 -27.14 -34.61
N GLY E 375 42.54 -26.23 -33.65
CA GLY E 375 43.56 -26.29 -32.62
C GLY E 375 43.52 -25.16 -31.60
N ASN E 376 44.67 -24.53 -31.39
CA ASN E 376 44.82 -23.51 -30.35
C ASN E 376 44.05 -22.25 -30.73
N ASP E 377 42.73 -22.38 -30.65
CA ASP E 377 41.79 -21.43 -31.21
C ASP E 377 40.75 -21.02 -30.19
N THR E 378 40.73 -21.68 -29.04
CA THR E 378 39.77 -21.43 -27.99
C THR E 378 40.46 -20.67 -26.87
N ILE E 379 39.85 -19.59 -26.43
CA ILE E 379 40.39 -18.79 -25.33
C ILE E 379 39.74 -19.30 -24.05
N THR E 380 40.53 -19.97 -23.22
CA THR E 380 40.02 -20.57 -22.00
C THR E 380 40.16 -19.57 -20.85
N LEU E 381 39.07 -19.37 -20.11
CA LEU E 381 39.05 -18.38 -19.05
C LEU E 381 39.09 -19.06 -17.69
N PRO E 382 40.08 -18.77 -16.86
CA PRO E 382 40.03 -19.26 -15.48
C PRO E 382 38.91 -18.59 -14.72
N CYS E 383 37.89 -19.36 -14.35
CA CYS E 383 36.73 -18.83 -13.67
C CYS E 383 36.58 -19.49 -12.30
N ARG E 384 36.10 -18.71 -11.35
CA ARG E 384 35.94 -19.15 -9.97
C ARG E 384 34.54 -18.78 -9.49
N ILE E 385 34.22 -19.22 -8.27
CA ILE E 385 32.89 -19.14 -7.72
C ILE E 385 32.92 -18.33 -6.44
N LYS E 386 31.96 -17.43 -6.29
CA LYS E 386 31.67 -16.79 -5.01
C LYS E 386 30.20 -17.00 -4.73
N GLN E 387 29.88 -17.41 -3.50
CA GLN E 387 28.49 -17.72 -3.18
C GLN E 387 27.80 -16.54 -2.50
N ILE E 388 28.59 -15.68 -1.85
CA ILE E 388 28.04 -14.53 -1.07
C ILE E 388 28.28 -13.23 -1.84
N ILE E 389 27.20 -12.52 -2.21
CA ILE E 389 27.31 -11.29 -2.99
C ILE E 389 26.51 -10.22 -2.27
N ASN E 390 27.10 -9.02 -2.17
CA ASN E 390 26.50 -7.90 -1.39
C ASN E 390 25.82 -6.92 -2.35
N MET E 391 25.17 -5.89 -1.80
CA MET E 391 24.66 -4.76 -2.61
C MET E 391 25.85 -3.97 -3.17
N TRP E 392 25.73 -3.49 -4.41
CA TRP E 392 26.85 -2.81 -5.10
C TRP E 392 27.12 -1.44 -4.47
N GLN E 393 26.07 -0.70 -4.11
CA GLN E 393 26.20 0.72 -3.69
C GLN E 393 26.13 0.81 -2.16
N GLU E 394 25.06 0.26 -1.58
CA GLU E 394 24.87 0.18 -0.14
C GLU E 394 25.92 -0.75 0.45
N VAL E 395 26.17 -0.65 1.76
CA VAL E 395 27.18 -1.50 2.38
C VAL E 395 26.57 -2.75 2.99
N GLY E 396 25.28 -2.73 3.30
CA GLY E 396 24.60 -3.86 3.90
C GLY E 396 24.00 -4.80 2.89
N LYS E 397 22.89 -5.43 3.29
CA LYS E 397 22.10 -6.26 2.35
C LYS E 397 22.96 -7.19 1.49
N ALA E 398 23.51 -8.23 2.09
CA ALA E 398 24.18 -9.25 1.29
C ALA E 398 23.33 -10.52 1.25
N MET E 399 23.59 -11.32 0.20
CA MET E 399 22.85 -12.59 0.02
C MET E 399 23.87 -13.74 -0.10
N TYR E 400 23.42 -14.95 0.26
CA TYR E 400 24.12 -16.19 -0.03
C TYR E 400 23.40 -16.93 -1.14
N ALA E 401 24.19 -17.50 -2.04
CA ALA E 401 23.62 -18.24 -3.16
C ALA E 401 23.62 -19.73 -2.83
N PRO E 402 22.46 -20.38 -2.81
CA PRO E 402 22.43 -21.82 -2.54
C PRO E 402 23.14 -22.59 -3.63
N PRO E 403 23.78 -23.70 -3.30
CA PRO E 403 24.44 -24.51 -4.33
C PRO E 403 23.42 -25.13 -5.26
N ILE E 404 23.85 -25.42 -6.48
CA ILE E 404 22.99 -26.05 -7.48
C ILE E 404 23.55 -27.45 -7.75
N ARG E 405 22.68 -28.45 -7.66
CA ARG E 405 23.09 -29.83 -7.84
C ARG E 405 23.43 -30.10 -9.31
N GLY E 406 24.28 -31.09 -9.52
CA GLY E 406 24.55 -31.55 -10.87
C GLY E 406 25.50 -30.65 -11.64
N GLN E 407 25.39 -30.70 -12.97
CA GLN E 407 26.30 -29.96 -13.88
C GLN E 407 25.65 -28.62 -14.27
N ILE E 408 26.43 -27.54 -14.31
CA ILE E 408 25.96 -26.21 -14.80
C ILE E 408 26.70 -25.86 -16.09
N ARG E 409 25.98 -25.35 -17.10
CA ARG E 409 26.60 -24.92 -18.38
C ARG E 409 25.68 -23.92 -19.08
N CYS E 410 26.18 -22.72 -19.40
CA CYS E 410 25.45 -21.78 -20.25
C CYS E 410 26.26 -21.49 -21.51
N SER E 411 25.56 -20.98 -22.52
CA SER E 411 26.19 -20.47 -23.73
C SER E 411 25.38 -19.24 -24.15
N SER E 412 26.06 -18.10 -24.22
CA SER E 412 25.37 -16.84 -24.46
C SER E 412 26.06 -16.01 -25.54
N ASN E 413 25.45 -14.84 -25.80
CA ASN E 413 25.90 -13.99 -26.91
C ASN E 413 26.45 -12.65 -26.42
N ILE E 414 27.76 -12.45 -26.48
CA ILE E 414 28.38 -11.17 -26.16
C ILE E 414 27.98 -10.16 -27.22
N THR E 415 27.55 -8.98 -26.76
CA THR E 415 27.04 -7.95 -27.65
C THR E 415 27.57 -6.56 -27.37
N GLY E 416 28.24 -6.30 -26.25
CA GLY E 416 28.65 -4.94 -25.96
C GLY E 416 29.71 -4.90 -24.89
N LEU E 417 30.32 -3.72 -24.77
CA LEU E 417 31.48 -3.52 -23.89
C LEU E 417 31.31 -2.26 -23.05
N ILE E 418 31.98 -2.25 -21.91
CA ILE E 418 32.18 -1.05 -21.12
C ILE E 418 33.68 -0.81 -21.00
N LEU E 419 34.11 0.43 -21.26
CA LEU E 419 35.57 0.76 -21.25
C LEU E 419 35.81 2.03 -20.43
N THR E 420 37.06 2.26 -20.02
CA THR E 420 37.46 3.45 -19.23
C THR E 420 38.78 4.00 -19.77
N ARG E 421 38.75 5.22 -20.34
CA ARG E 421 39.99 5.88 -20.82
C ARG E 421 40.80 6.38 -19.63
N ASP E 422 42.09 6.01 -19.56
CA ASP E 422 42.97 6.61 -18.56
C ASP E 422 43.95 7.56 -19.22
N GLY E 423 44.04 8.77 -18.67
CA GLY E 423 44.96 9.76 -19.18
C GLY E 423 46.35 9.63 -18.57
N GLY E 424 47.26 10.42 -19.10
CA GLY E 424 48.63 10.43 -18.62
C GLY E 424 49.59 10.82 -19.74
N ASN E 425 50.64 10.01 -19.89
CA ASN E 425 51.68 10.27 -20.90
C ASN E 425 51.24 9.69 -22.25
N ASN E 426 50.24 10.36 -22.84
CA ASN E 426 49.65 9.90 -24.09
C ASN E 426 49.46 11.04 -25.07
N HIS E 427 50.04 12.21 -24.78
CA HIS E 427 49.83 13.37 -25.64
C HIS E 427 50.63 13.25 -26.92
N ASN E 428 51.96 13.20 -26.80
CA ASN E 428 52.79 12.94 -27.97
C ASN E 428 52.99 11.45 -28.17
N ASN E 429 52.92 10.68 -27.08
CA ASN E 429 52.98 9.23 -27.19
C ASN E 429 51.81 8.70 -28.00
N ASP E 430 50.64 9.34 -27.86
CA ASP E 430 49.44 8.95 -28.58
C ASP E 430 49.09 7.49 -28.29
N THR E 431 49.12 7.17 -26.99
CA THR E 431 48.98 5.80 -26.52
C THR E 431 47.73 5.67 -25.64
N GLU E 432 46.62 6.21 -26.11
CA GLU E 432 45.35 6.15 -25.40
C GLU E 432 45.09 4.75 -24.85
N THR E 433 44.97 4.66 -23.53
CA THR E 433 44.81 3.39 -22.84
C THR E 433 43.40 3.26 -22.30
N PHE E 434 42.83 2.07 -22.46
CA PHE E 434 41.46 1.79 -22.08
C PHE E 434 41.41 0.48 -21.32
N ARG E 435 40.64 0.52 -20.25
CA ARG E 435 40.56 -0.66 -19.36
C ARG E 435 39.08 -1.04 -19.18
N PRO E 436 38.74 -2.28 -18.78
CA PRO E 436 37.35 -2.68 -18.54
C PRO E 436 36.76 -1.96 -17.34
N GLY E 437 35.45 -1.75 -17.40
CA GLY E 437 34.73 -1.05 -16.36
C GLY E 437 33.59 -1.88 -15.83
N GLY E 438 32.64 -1.19 -15.21
CA GLY E 438 31.49 -1.84 -14.63
C GLY E 438 31.14 -1.29 -13.26
N GLY E 439 30.46 -2.09 -12.45
CA GLY E 439 30.11 -1.67 -11.10
C GLY E 439 28.93 -0.73 -11.02
N ASP E 440 28.31 -0.38 -12.14
CA ASP E 440 27.15 0.50 -12.15
C ASP E 440 25.95 -0.32 -12.61
N MET E 441 24.83 -0.21 -11.91
CA MET E 441 23.63 -0.94 -12.41
C MET E 441 22.99 -0.18 -13.57
N ARG E 442 23.17 1.14 -13.66
CA ARG E 442 22.44 1.90 -14.68
C ARG E 442 22.98 1.63 -16.07
N ASP E 443 24.30 1.63 -16.22
CA ASP E 443 24.92 1.61 -17.54
C ASP E 443 24.48 0.42 -18.38
N ASN E 444 24.31 -0.76 -17.77
CA ASN E 444 23.87 -1.92 -18.53
C ASN E 444 22.59 -1.61 -19.30
N TRP E 445 21.74 -0.79 -18.71
CA TRP E 445 20.44 -0.52 -19.31
C TRP E 445 20.44 0.78 -20.08
N ARG E 446 21.32 1.70 -19.71
CA ARG E 446 21.62 2.83 -20.57
C ARG E 446 22.01 2.34 -21.95
N SER E 447 22.72 1.23 -22.02
CA SER E 447 23.07 0.63 -23.30
C SER E 447 21.85 0.15 -24.07
N GLU E 448 20.70 0.04 -23.39
CA GLU E 448 19.48 -0.52 -24.04
C GLU E 448 18.49 0.60 -24.36
N LEU E 449 18.35 1.57 -23.45
CA LEU E 449 17.21 2.53 -23.51
C LEU E 449 17.66 3.84 -24.15
N TYR E 450 18.78 3.82 -24.87
CA TYR E 450 19.30 5.06 -25.51
C TYR E 450 18.30 5.55 -26.57
N LYS E 451 17.63 4.61 -27.24
CA LYS E 451 16.84 4.93 -28.46
C LYS E 451 15.45 5.43 -28.06
N TYR E 452 14.93 4.96 -26.92
CA TYR E 452 13.57 5.29 -26.54
C TYR E 452 13.52 6.53 -25.66
N LYS E 453 12.42 7.27 -25.77
CA LYS E 453 12.15 8.33 -24.82
C LYS E 453 10.65 8.58 -24.76
N VAL E 454 10.17 8.95 -23.57
CA VAL E 454 8.74 9.03 -23.29
C VAL E 454 8.27 10.46 -23.48
N VAL E 455 7.07 10.63 -24.02
CA VAL E 455 6.45 11.94 -24.18
C VAL E 455 4.99 11.85 -23.79
N LYS E 456 4.50 12.83 -23.04
CA LYS E 456 3.09 12.89 -22.71
C LYS E 456 2.33 13.44 -23.91
N ILE E 457 1.10 12.99 -24.05
CA ILE E 457 0.22 13.45 -25.11
C ILE E 457 -0.90 14.27 -24.51
N GLU E 458 -0.93 15.56 -24.90
CA GLU E 458 -2.04 16.50 -24.62
C GLU E 458 -2.76 16.83 -25.94
N PRO E 459 -3.99 16.31 -26.16
CA PRO E 459 -4.62 16.30 -27.49
C PRO E 459 -5.21 17.65 -27.94
N LEU E 460 -5.50 18.54 -26.98
CA LEU E 460 -6.32 19.73 -27.23
C LEU E 460 -5.48 20.85 -27.81
N GLY E 461 -5.95 21.42 -28.93
CA GLY E 461 -5.18 22.48 -29.61
C GLY E 461 -6.09 23.58 -30.09
N VAL E 462 -5.54 24.79 -30.27
CA VAL E 462 -6.37 25.96 -30.68
C VAL E 462 -5.83 26.48 -32.01
N ALA E 463 -6.70 27.11 -32.82
CA ALA E 463 -6.27 27.65 -34.14
C ALA E 463 -7.30 28.69 -34.60
N PRO E 464 -6.98 29.99 -34.91
CA PRO E 464 -8.03 30.88 -35.41
C PRO E 464 -8.60 30.42 -36.75
N THR E 465 -9.88 30.70 -36.95
CA THR E 465 -10.59 30.42 -38.20
C THR E 465 -11.77 31.37 -38.29
N LYS E 466 -12.14 31.74 -39.51
CA LYS E 466 -13.10 32.83 -39.69
C LYS E 466 -14.54 32.36 -39.51
N ALA E 467 -14.75 31.08 -39.28
CA ALA E 467 -16.11 30.59 -39.09
C ALA E 467 -16.65 31.16 -37.78
N LYS E 468 -17.83 31.76 -37.83
CA LYS E 468 -18.51 32.19 -36.62
C LYS E 468 -19.56 31.14 -36.27
N ARG E 469 -19.74 30.92 -34.97
CA ARG E 469 -20.30 29.68 -34.40
C ARG E 469 -21.38 29.01 -35.23
N LEU F 1 -15.94 36.70 -8.73
CA LEU F 1 -14.50 36.43 -8.94
C LEU F 1 -13.96 35.66 -7.72
N GLY F 2 -13.16 34.61 -7.96
CA GLY F 2 -12.61 33.81 -6.85
C GLY F 2 -13.39 32.54 -6.62
N PHE F 3 -12.79 31.55 -5.94
CA PHE F 3 -13.47 30.24 -5.74
C PHE F 3 -14.75 30.42 -4.94
N LEU F 4 -14.70 31.21 -3.86
CA LEU F 4 -15.91 31.45 -3.03
C LEU F 4 -16.24 32.95 -2.99
N GLY F 5 -15.71 33.73 -3.94
CA GLY F 5 -15.91 35.20 -3.93
C GLY F 5 -17.38 35.55 -4.06
N ALA F 6 -18.13 34.81 -4.86
CA ALA F 6 -19.57 35.11 -5.10
C ALA F 6 -20.36 35.01 -3.79
N ALA F 7 -20.02 34.07 -2.89
CA ALA F 7 -20.75 33.86 -1.62
C ALA F 7 -21.46 35.12 -1.10
N GLY F 8 -20.72 36.17 -0.75
CA GLY F 8 -21.34 37.36 -0.12
C GLY F 8 -22.43 37.94 -1.02
N SER F 9 -22.22 37.90 -2.33
CA SER F 9 -23.18 38.52 -3.29
C SER F 9 -24.47 37.70 -3.41
N THR F 10 -25.51 38.29 -4.00
CA THR F 10 -26.83 37.62 -4.11
C THR F 10 -26.77 36.46 -5.11
N MET F 11 -27.77 35.57 -5.10
CA MET F 11 -27.74 34.35 -5.95
C MET F 11 -27.63 34.74 -7.43
N GLY F 12 -28.33 35.80 -7.87
CA GLY F 12 -28.33 36.15 -9.30
C GLY F 12 -26.92 36.48 -9.79
N ALA F 13 -26.18 37.28 -9.03
CA ALA F 13 -24.79 37.62 -9.41
C ALA F 13 -23.92 36.35 -9.36
N ALA F 14 -24.20 35.47 -8.40
CA ALA F 14 -23.42 34.22 -8.26
C ALA F 14 -23.59 33.37 -9.54
N SER F 15 -24.77 33.43 -10.16
CA SER F 15 -25.04 32.64 -11.38
C SER F 15 -24.10 33.08 -12.51
N ILE F 16 -23.83 34.39 -12.60
CA ILE F 16 -22.94 34.93 -13.68
C ILE F 16 -21.53 34.36 -13.49
N THR F 17 -21.07 34.27 -12.25
CA THR F 17 -19.67 33.85 -11.96
C THR F 17 -19.62 32.35 -11.62
N LEU F 18 -20.71 31.61 -11.82
CA LEU F 18 -20.78 30.18 -11.41
C LEU F 18 -19.83 29.28 -12.23
N THR F 19 -19.14 29.84 -13.22
CA THR F 19 -18.29 28.97 -14.09
C THR F 19 -16.89 28.83 -13.47
N VAL F 20 -16.48 29.83 -12.67
CA VAL F 20 -15.16 29.72 -11.98
C VAL F 20 -15.21 28.57 -10.95
N GLN F 21 -16.37 28.34 -10.32
CA GLN F 21 -16.53 27.20 -9.38
C GLN F 21 -16.54 25.90 -10.17
N ALA F 22 -17.17 25.91 -11.35
CA ALA F 22 -17.26 24.68 -12.20
C ALA F 22 -15.87 24.23 -12.66
N ARG F 23 -14.90 25.15 -12.71
CA ARG F 23 -13.53 24.79 -13.14
C ARG F 23 -12.84 24.16 -11.94
N LEU F 24 -13.21 24.58 -10.72
CA LEU F 24 -12.69 23.91 -9.50
C LEU F 24 -13.39 22.55 -9.39
N LEU F 25 -12.87 21.62 -8.58
CA LEU F 25 -13.41 20.23 -8.48
C LEU F 25 -12.93 19.45 -9.71
N LEU F 26 -11.92 19.97 -10.41
CA LEU F 26 -11.35 19.30 -11.61
C LEU F 26 -10.77 17.94 -11.20
N SER F 27 -10.12 17.88 -10.04
CA SER F 27 -9.47 16.62 -9.57
C SER F 27 -8.42 16.16 -10.58
N GLY F 28 -7.68 17.11 -11.16
CA GLY F 28 -6.60 16.75 -12.13
C GLY F 28 -7.17 16.35 -13.48
N GLN F 44 5.31 14.07 -8.69
CA GLN F 44 4.97 12.97 -7.75
C GLN F 44 4.22 11.87 -8.52
N HIS F 45 4.61 11.62 -9.78
CA HIS F 45 3.94 10.58 -10.61
C HIS F 45 4.08 9.21 -9.92
N LEU F 46 5.27 8.91 -9.38
CA LEU F 46 5.45 7.63 -8.63
C LEU F 46 4.68 7.75 -7.30
N LEU F 47 4.05 6.66 -6.86
CA LEU F 47 3.31 6.67 -5.57
C LEU F 47 3.74 5.48 -4.72
N GLN F 48 4.94 5.54 -4.15
CA GLN F 48 5.42 4.45 -3.25
C GLN F 48 4.60 4.49 -1.96
N LEU F 49 4.47 3.36 -1.27
CA LEU F 49 3.63 3.31 -0.05
C LEU F 49 4.46 3.87 1.13
N THR F 50 4.63 5.19 1.17
CA THR F 50 5.46 5.82 2.22
C THR F 50 4.56 6.57 3.22
N VAL F 51 4.34 7.87 3.07
CA VAL F 51 3.46 8.51 4.08
C VAL F 51 2.46 9.45 3.38
N TRP F 52 2.84 10.69 3.13
CA TRP F 52 1.94 11.65 2.45
C TRP F 52 1.63 11.22 1.02
N GLY F 53 2.57 10.56 0.34
CA GLY F 53 2.29 10.03 -1.01
C GLY F 53 0.95 9.31 -1.07
N ILE F 54 0.77 8.27 -0.24
CA ILE F 54 -0.53 7.54 -0.17
C ILE F 54 -1.59 8.48 0.39
N LYS F 55 -1.21 9.41 1.28
CA LYS F 55 -2.35 10.27 1.74
C LYS F 55 -2.94 10.98 0.51
N GLN F 56 -2.08 11.50 -0.37
CA GLN F 56 -2.52 12.25 -1.59
C GLN F 56 -3.29 11.30 -2.52
N LEU F 57 -2.83 10.06 -2.64
CA LEU F 57 -3.53 9.09 -3.53
C LEU F 57 -4.96 8.93 -3.02
N GLN F 58 -5.13 8.71 -1.70
CA GLN F 58 -6.50 8.47 -1.19
C GLN F 58 -7.33 9.74 -1.45
N ALA F 59 -6.71 10.91 -1.20
CA ALA F 59 -7.50 12.15 -1.34
C ALA F 59 -7.98 12.31 -2.80
N ARG F 60 -7.09 12.08 -3.77
CA ARG F 60 -7.45 12.26 -5.21
C ARG F 60 -8.51 11.23 -5.60
N VAL F 61 -8.39 10.00 -5.08
CA VAL F 61 -9.38 8.94 -5.40
C VAL F 61 -10.76 9.39 -4.90
N LEU F 62 -10.84 9.97 -3.70
CA LEU F 62 -12.17 10.49 -3.24
C LEU F 62 -12.72 11.54 -4.21
N ALA F 63 -12.03 12.66 -4.41
CA ALA F 63 -12.40 13.78 -5.27
C ALA F 63 -13.05 13.27 -6.56
N VAL F 64 -12.51 12.20 -7.13
CA VAL F 64 -13.04 11.68 -8.38
C VAL F 64 -14.49 11.24 -8.22
N GLU F 65 -14.75 10.45 -7.17
CA GLU F 65 -16.16 10.02 -6.91
C GLU F 65 -17.06 11.25 -6.77
N ARG F 66 -16.60 12.27 -6.05
CA ARG F 66 -17.41 13.49 -5.83
C ARG F 66 -17.89 14.04 -7.18
N TYR F 67 -16.95 14.33 -8.09
CA TYR F 67 -17.30 14.85 -9.43
C TYR F 67 -18.29 13.89 -10.10
N LEU F 68 -17.92 12.61 -10.24
CA LEU F 68 -18.69 11.69 -11.11
C LEU F 68 -20.08 11.46 -10.51
N ARG F 69 -20.21 11.53 -9.19
CA ARG F 69 -21.55 11.49 -8.52
C ARG F 69 -22.39 12.65 -9.05
N ASP F 70 -21.88 13.88 -8.91
CA ASP F 70 -22.62 15.09 -9.36
C ASP F 70 -22.90 14.97 -10.86
N GLN F 71 -21.90 14.55 -11.64
CA GLN F 71 -22.04 14.37 -13.10
C GLN F 71 -23.20 13.41 -13.37
N GLN F 72 -23.22 12.27 -12.68
CA GLN F 72 -24.26 11.22 -12.91
C GLN F 72 -25.64 11.85 -12.70
N LEU F 73 -25.85 12.51 -11.55
CA LEU F 73 -27.17 13.13 -11.24
C LEU F 73 -27.59 14.03 -12.41
N LEU F 74 -26.67 14.88 -12.88
CA LEU F 74 -26.95 15.83 -13.99
C LEU F 74 -27.48 15.05 -15.20
N GLY F 75 -26.73 14.02 -15.62
CA GLY F 75 -27.11 13.21 -16.80
C GLY F 75 -28.42 12.48 -16.59
N ILE F 76 -28.65 11.97 -15.37
CA ILE F 76 -29.90 11.22 -15.06
C ILE F 76 -31.07 12.20 -15.07
N TRP F 77 -30.84 13.44 -14.62
CA TRP F 77 -31.87 14.46 -14.71
C TRP F 77 -31.99 14.93 -16.15
N GLY F 78 -32.92 15.85 -16.39
CA GLY F 78 -33.13 16.37 -17.72
C GLY F 78 -32.09 17.39 -18.12
N CYS F 79 -30.87 17.22 -17.63
CA CYS F 79 -29.90 18.28 -17.80
C CYS F 79 -28.77 17.86 -18.72
N SER F 80 -27.98 16.88 -18.30
CA SER F 80 -26.94 16.28 -19.14
C SER F 80 -25.94 17.31 -19.64
N GLY F 81 -26.13 18.57 -19.24
CA GLY F 81 -25.31 19.66 -19.73
C GLY F 81 -25.16 20.71 -18.66
N LYS F 82 -23.94 21.21 -18.52
CA LYS F 82 -23.52 21.82 -17.26
C LYS F 82 -23.99 23.26 -17.15
N LEU F 83 -23.72 23.85 -15.96
CA LEU F 83 -23.93 25.32 -15.71
C LEU F 83 -25.37 25.81 -15.66
N ILE F 84 -26.31 25.11 -16.28
CA ILE F 84 -27.66 25.62 -16.39
C ILE F 84 -28.55 24.53 -16.95
N CYS F 85 -29.76 24.43 -16.38
CA CYS F 85 -30.74 23.46 -16.83
C CYS F 85 -32.06 23.76 -16.15
N THR F 86 -33.12 23.77 -16.96
CA THR F 86 -34.46 24.08 -16.51
C THR F 86 -35.35 22.85 -16.59
N THR F 87 -36.51 22.92 -15.94
CA THR F 87 -37.27 21.72 -15.60
C THR F 87 -38.75 21.86 -15.91
N ALA F 88 -39.55 20.92 -15.42
CA ALA F 88 -40.99 20.93 -15.64
C ALA F 88 -41.81 20.86 -14.36
N VAL F 89 -41.20 20.58 -13.22
CA VAL F 89 -41.96 20.50 -11.97
C VAL F 89 -42.36 21.90 -11.52
N PRO F 90 -43.64 22.14 -11.24
CA PRO F 90 -44.02 23.40 -10.60
C PRO F 90 -43.48 23.49 -9.18
N TRP F 91 -43.11 24.70 -8.77
CA TRP F 91 -42.58 24.93 -7.40
C TRP F 91 -43.76 25.00 -6.42
N ASN F 92 -43.73 24.14 -5.40
CA ASN F 92 -44.79 24.10 -4.36
C ASN F 92 -44.66 25.32 -3.45
N ALA F 93 -45.79 25.98 -3.17
CA ALA F 93 -45.87 27.05 -2.15
C ALA F 93 -45.15 26.61 -0.88
N SER F 94 -45.35 25.35 -0.49
CA SER F 94 -44.91 24.80 0.82
C SER F 94 -43.39 24.96 0.96
N TRP F 95 -42.69 25.07 -0.17
CA TRP F 95 -41.20 25.05 -0.17
C TRP F 95 -40.66 26.48 -0.02
N SER F 96 -40.81 27.06 1.18
CA SER F 96 -40.40 28.44 1.49
C SER F 96 -40.55 29.35 0.26
N ASN F 97 -41.78 29.47 -0.25
CA ASN F 97 -42.03 30.36 -1.42
C ASN F 97 -42.02 31.81 -0.95
N LYS F 98 -41.36 32.70 -1.72
CA LYS F 98 -41.29 34.15 -1.39
C LYS F 98 -41.78 34.94 -2.61
N THR F 99 -40.88 35.69 -3.24
CA THR F 99 -41.14 36.24 -4.60
C THR F 99 -40.00 35.79 -5.52
N LEU F 100 -39.57 36.67 -6.44
CA LEU F 100 -38.37 36.40 -7.27
C LEU F 100 -37.26 37.37 -6.87
N ASP F 101 -37.59 38.66 -6.72
CA ASP F 101 -36.61 39.68 -6.25
C ASP F 101 -36.08 39.25 -4.87
N MET F 102 -36.90 38.56 -4.09
CA MET F 102 -36.46 38.04 -2.77
C MET F 102 -35.43 36.93 -3.00
N ILE F 103 -35.78 35.92 -3.79
CA ILE F 103 -34.94 34.68 -3.90
C ILE F 103 -33.78 34.91 -4.87
N TRP F 104 -33.65 36.12 -5.42
CA TRP F 104 -32.56 36.39 -6.40
C TRP F 104 -31.73 37.60 -5.98
N ASN F 105 -32.35 38.68 -5.50
CA ASN F 105 -31.61 39.97 -5.42
C ASN F 105 -31.41 40.37 -3.96
N ASN F 106 -31.36 39.41 -3.03
CA ASN F 106 -31.62 39.79 -1.63
C ASN F 106 -30.89 38.80 -0.70
N MET F 107 -30.57 37.61 -1.20
CA MET F 107 -30.18 36.51 -0.32
C MET F 107 -29.21 35.60 -1.06
N THR F 108 -28.49 34.75 -0.32
CA THR F 108 -27.30 34.06 -0.89
C THR F 108 -27.57 32.56 -1.05
N TRP F 109 -26.74 31.88 -1.83
CA TRP F 109 -26.84 30.40 -2.01
C TRP F 109 -26.61 29.70 -0.67
N MET F 110 -25.58 30.14 0.07
CA MET F 110 -25.21 29.49 1.35
C MET F 110 -26.43 29.40 2.27
N GLU F 111 -27.14 30.52 2.45
CA GLU F 111 -28.24 30.56 3.47
C GLU F 111 -29.59 30.24 2.79
N TRP F 112 -29.60 30.10 1.46
CA TRP F 112 -30.77 29.50 0.76
C TRP F 112 -30.91 28.04 1.21
N GLU F 113 -29.78 27.33 1.30
CA GLU F 113 -29.77 25.91 1.76
C GLU F 113 -30.44 25.82 3.13
N ARG F 114 -30.26 26.84 3.97
CA ARG F 114 -30.72 26.76 5.39
C ARG F 114 -32.21 26.39 5.43
N GLU F 115 -33.05 27.05 4.63
CA GLU F 115 -34.52 26.82 4.71
C GLU F 115 -34.94 25.79 3.66
N ILE F 116 -34.14 25.62 2.60
CA ILE F 116 -34.41 24.55 1.60
C ILE F 116 -33.41 23.42 1.83
N ASP F 117 -33.76 22.48 2.72
CA ASP F 117 -32.80 21.45 3.21
C ASP F 117 -33.51 20.10 3.35
N ASN F 118 -34.73 20.13 3.89
CA ASN F 118 -35.57 18.91 3.95
C ASN F 118 -36.39 18.99 2.67
N TYR F 119 -36.59 20.22 2.21
CA TYR F 119 -37.33 20.44 0.93
C TYR F 119 -36.40 20.03 -0.22
N THR F 120 -35.11 20.38 -0.16
CA THR F 120 -34.23 20.07 -1.33
C THR F 120 -34.36 18.59 -1.72
N GLY F 121 -34.36 17.68 -0.75
CA GLY F 121 -34.56 16.25 -1.07
C GLY F 121 -35.94 16.01 -1.66
N LEU F 122 -36.95 16.66 -1.09
CA LEU F 122 -38.27 16.47 -1.76
C LEU F 122 -38.20 16.95 -3.22
N ILE F 123 -37.57 18.09 -3.48
CA ILE F 123 -37.48 18.67 -4.86
C ILE F 123 -36.74 17.70 -5.77
N TYR F 124 -35.64 17.11 -5.29
CA TYR F 124 -34.84 16.19 -6.13
C TYR F 124 -35.74 15.01 -6.51
N THR F 125 -36.47 14.45 -5.53
CA THR F 125 -37.29 13.27 -5.90
C THR F 125 -38.32 13.71 -6.95
N LEU F 126 -38.90 14.92 -6.79
CA LEU F 126 -39.89 15.43 -7.78
C LEU F 126 -39.27 15.52 -9.18
N ILE F 127 -38.10 16.15 -9.33
CA ILE F 127 -37.55 16.38 -10.69
C ILE F 127 -37.32 15.04 -11.40
N GLU F 128 -36.72 14.05 -10.73
CA GLU F 128 -36.41 12.81 -11.48
C GLU F 128 -37.67 11.98 -11.75
N GLU F 129 -38.72 12.11 -10.92
CA GLU F 129 -39.98 11.38 -11.26
C GLU F 129 -40.60 12.00 -12.51
N SER F 130 -40.59 13.33 -12.60
CA SER F 130 -41.14 14.04 -13.79
C SER F 130 -40.30 13.70 -15.02
N GLN F 131 -38.98 13.61 -14.85
CA GLN F 131 -38.07 13.32 -16.00
C GLN F 131 -38.42 11.93 -16.54
N ASN F 132 -38.63 10.95 -15.66
CA ASN F 132 -39.06 9.61 -16.12
C ASN F 132 -40.42 9.72 -16.80
N GLN F 133 -41.33 10.51 -16.22
CA GLN F 133 -42.71 10.62 -16.76
C GLN F 133 -42.69 11.21 -18.18
N GLN F 134 -41.88 12.25 -18.40
CA GLN F 134 -41.78 12.87 -19.76
C GLN F 134 -41.19 11.86 -20.74
N GLU F 135 -40.21 11.06 -20.30
CA GLU F 135 -39.65 10.00 -21.17
C GLU F 135 -40.74 9.00 -21.53
N LYS F 136 -41.60 8.65 -20.56
CA LYS F 136 -42.73 7.72 -20.83
C LYS F 136 -43.65 8.35 -21.87
N ASN F 137 -43.91 9.66 -21.76
CA ASN F 137 -44.85 10.33 -22.70
C ASN F 137 -44.22 10.36 -24.09
N GLU F 138 -42.92 10.62 -24.18
CA GLU F 138 -42.22 10.67 -25.49
C GLU F 138 -42.19 9.27 -26.10
#